data_8QXL
#
_entry.id   8QXL
#
_cell.length_a   1.00
_cell.length_b   1.00
_cell.length_c   1.00
_cell.angle_alpha   90.00
_cell.angle_beta   90.00
_cell.angle_gamma   90.00
#
_symmetry.space_group_name_H-M   'P 1'
#
loop_
_entity.id
_entity.type
_entity.pdbx_description
1 polymer 'Deoxynucleoside triphosphate triphosphohydrolase SAMHD1'
2 non-polymer "GUANOSINE-5'-TRIPHOSPHATE"
3 non-polymer 'FE (III) ION'
4 non-polymer 'MAGNESIUM ION'
5 non-polymer "2'-DEOXYCYTIDINE"
6 non-polymer TRIPHOSPHATE
7 non-polymer "2'-DEOXYADENOSINE 5'-TRIPHOSPHATE"
8 non-polymer "2'-DEOXYCYTIDINE-5'-TRIPHOSPHATE"
#
_entity_poly.entity_id   1
_entity_poly.type   'polypeptide(L)'
_entity_poly.pdbx_seq_one_letter_code
;MQRADSEQPSKRPRCDDSPRTPSNTPSAEADWSPGLELHPDYKTWGPEQVCSFLRRGGFEEPVLLKNIRENEITGALLPC
LDESRFENLGVSSLGERKKLLSYIQRLVQIHVDTMKVINDPIHGHIELHPLLVRIIDTPQFQRLRYIKQLGGGYYVFPGA
SHNRFEHSLGVGYLAGCLVHALGEKQPELQISERDVLCVQIAGLCHDLGHGPFSHMFDGRFIPLARPEVKWTHEQGSVMM
FEHLINSNGIKPVMEQYGLIPEEDICFIKEQIVGPLESPVEDSLWPYKGRPENKSFLYEIVSNKRNGIDVDKWDYFARDC
HHLGIQNNFDYKRFIKFARVCEVDNELRICARDKEVGNLYDMFHTRNSLHRRAYQHKVGNIIDTMITDAFLKADDYIEIT
GAGGKKYRISTAIDDMEAYTKLTDNIFLEILYSTDPKLKDAREILKQIEYRNLFKYVGETQPTGQIKIKREDYESLPKEV
ASAKPKVLLDVKLKAEDFIVDVINMDYGMQEKNPIDHVSFYCKTAPNRAIRITKNQVSQLLPEKFAEQLIRVYCKKVDRK
SLYAARQYFVQWCADRNFTKPQDGDVIAPLITPQKKEWNDSTSVQNPTRLREASKSRVQLFKDDPM
;
_entity_poly.pdbx_strand_id   A,B,C,D
#
# COMPACT_ATOMS: atom_id res chain seq x y z
N THR A 114 -4.90 6.93 -33.04
CA THR A 114 -3.81 7.36 -32.17
C THR A 114 -3.83 6.60 -30.85
N MET A 115 -2.67 6.49 -30.22
CA MET A 115 -2.54 5.75 -28.97
C MET A 115 -3.25 6.48 -27.83
N LYS A 116 -3.84 5.70 -26.92
CA LYS A 116 -4.55 6.23 -25.77
C LYS A 116 -4.03 5.59 -24.49
N VAL A 117 -4.13 6.34 -23.40
CA VAL A 117 -3.64 5.91 -22.09
C VAL A 117 -4.78 6.00 -21.09
N ILE A 118 -5.03 4.91 -20.37
CA ILE A 118 -6.07 4.85 -19.35
C ILE A 118 -5.42 4.48 -18.02
N ASN A 119 -5.73 5.23 -16.98
CA ASN A 119 -5.21 4.99 -15.64
C ASN A 119 -6.01 3.91 -14.93
N ASP A 120 -5.31 3.00 -14.26
CA ASP A 120 -5.93 1.90 -13.53
C ASP A 120 -5.40 1.90 -12.10
N PRO A 121 -6.28 1.91 -11.10
CA PRO A 121 -5.79 1.82 -9.71
C PRO A 121 -5.10 0.50 -9.40
N ILE A 122 -5.27 -0.53 -10.21
CA ILE A 122 -4.66 -1.83 -9.97
C ILE A 122 -3.38 -1.96 -10.78
N HIS A 123 -3.51 -1.90 -12.12
CA HIS A 123 -2.41 -2.18 -13.02
C HIS A 123 -1.66 -0.93 -13.47
N GLY A 124 -2.03 0.26 -12.99
CA GLY A 124 -1.36 1.47 -13.41
C GLY A 124 -1.76 1.90 -14.80
N HIS A 125 -0.89 2.71 -15.41
CA HIS A 125 -1.17 3.26 -16.73
C HIS A 125 -1.15 2.15 -17.78
N ILE A 126 -2.11 2.20 -18.70
CA ILE A 126 -2.31 1.15 -19.69
C ILE A 126 -2.31 1.77 -21.09
N GLU A 127 -1.66 1.08 -22.02
CA GLU A 127 -1.62 1.47 -23.41
C GLU A 127 -2.69 0.74 -24.20
N LEU A 128 -3.26 1.43 -25.19
CA LEU A 128 -4.37 0.89 -25.98
C LEU A 128 -4.10 1.10 -27.46
N HIS A 129 -4.20 0.01 -28.22
CA HIS A 129 -4.14 0.10 -29.68
C HIS A 129 -5.40 0.80 -30.19
N PRO A 130 -5.29 1.53 -31.31
CA PRO A 130 -6.50 2.20 -31.86
C PRO A 130 -7.64 1.24 -32.19
N LEU A 131 -7.34 0.00 -32.61
CA LEU A 131 -8.40 -0.96 -32.85
C LEU A 131 -9.15 -1.29 -31.56
N LEU A 132 -8.41 -1.43 -30.45
CA LEU A 132 -9.06 -1.66 -29.17
C LEU A 132 -9.94 -0.49 -28.77
N VAL A 133 -9.48 0.74 -29.01
CA VAL A 133 -10.30 1.91 -28.72
C VAL A 133 -11.55 1.93 -29.58
N ARG A 134 -11.43 1.52 -30.85
CA ARG A 134 -12.59 1.43 -31.72
C ARG A 134 -13.59 0.41 -31.20
N ILE A 135 -13.10 -0.75 -30.73
CA ILE A 135 -14.00 -1.78 -30.22
C ILE A 135 -14.67 -1.32 -28.93
N ILE A 136 -13.92 -0.64 -28.06
CA ILE A 136 -14.43 -0.27 -26.74
C ILE A 136 -15.61 0.68 -26.85
N ASP A 137 -15.55 1.63 -27.78
CA ASP A 137 -16.56 2.68 -27.87
C ASP A 137 -17.76 2.23 -28.69
N THR A 138 -18.45 1.22 -28.17
CA THR A 138 -19.69 0.70 -28.72
C THR A 138 -20.65 0.43 -27.56
N PRO A 139 -21.96 0.53 -27.80
CA PRO A 139 -22.91 0.29 -26.70
C PRO A 139 -22.82 -1.11 -26.10
N GLN A 140 -22.49 -2.11 -26.91
CA GLN A 140 -22.41 -3.48 -26.42
C GLN A 140 -21.30 -3.63 -25.38
N PHE A 141 -20.21 -2.87 -25.54
CA PHE A 141 -19.15 -2.89 -24.55
C PHE A 141 -19.44 -1.94 -23.40
N GLN A 142 -20.05 -0.79 -23.70
CA GLN A 142 -20.34 0.20 -22.66
C GLN A 142 -21.47 -0.21 -21.73
N ARG A 143 -22.24 -1.25 -22.07
CA ARG A 143 -23.26 -1.73 -21.14
C ARG A 143 -22.65 -2.38 -19.91
N LEU A 144 -21.38 -2.78 -19.96
CA LEU A 144 -20.72 -3.39 -18.81
C LEU A 144 -20.46 -2.40 -17.68
N ARG A 145 -20.63 -1.11 -17.93
CA ARG A 145 -20.50 -0.10 -16.88
C ARG A 145 -21.62 -0.20 -15.84
N TYR A 146 -22.67 -0.97 -16.11
CA TYR A 146 -23.83 -1.05 -15.23
C TYR A 146 -24.10 -2.47 -14.76
N ILE A 147 -23.14 -3.37 -14.92
CA ILE A 147 -23.23 -4.73 -14.40
C ILE A 147 -22.14 -4.90 -13.35
N LYS A 148 -22.54 -5.28 -12.14
CA LYS A 148 -21.61 -5.32 -11.03
C LYS A 148 -20.79 -6.60 -11.05
N GLN A 149 -19.62 -6.54 -10.41
CA GLN A 149 -18.68 -7.65 -10.45
C GLN A 149 -19.15 -8.80 -9.56
N LEU A 150 -19.66 -8.49 -8.37
CA LEU A 150 -20.10 -9.51 -7.41
C LEU A 150 -21.61 -9.70 -7.43
N GLY A 151 -22.38 -8.63 -7.25
CA GLY A 151 -23.82 -8.74 -7.19
C GLY A 151 -24.36 -8.50 -5.80
N GLY A 152 -24.79 -9.58 -5.14
CA GLY A 152 -25.34 -9.47 -3.79
C GLY A 152 -24.32 -9.24 -2.71
N GLY A 153 -23.03 -9.39 -3.01
CA GLY A 153 -21.99 -9.13 -2.02
C GLY A 153 -21.84 -7.67 -1.68
N TYR A 154 -22.31 -6.76 -2.54
CA TYR A 154 -22.25 -5.34 -2.26
C TYR A 154 -23.08 -4.97 -1.03
N TYR A 155 -24.12 -5.75 -0.71
CA TYR A 155 -24.92 -5.51 0.48
C TYR A 155 -24.31 -6.12 1.73
N VAL A 156 -23.20 -6.83 1.60
CA VAL A 156 -22.43 -7.33 2.73
C VAL A 156 -21.12 -6.57 2.87
N PHE A 157 -20.37 -6.43 1.77
CA PHE A 157 -19.16 -5.63 1.75
C PHE A 157 -19.47 -4.30 1.10
N PRO A 158 -19.46 -3.18 1.83
CA PRO A 158 -19.86 -1.89 1.24
C PRO A 158 -18.86 -1.30 0.27
N GLY A 159 -17.77 -2.00 -0.06
CA GLY A 159 -16.79 -1.46 -0.98
C GLY A 159 -16.59 -2.32 -2.22
N ALA A 160 -17.61 -3.11 -2.57
CA ALA A 160 -17.56 -4.03 -3.70
C ALA A 160 -18.37 -3.54 -4.88
N SER A 161 -18.36 -2.23 -5.14
CA SER A 161 -19.20 -1.62 -6.15
C SER A 161 -18.55 -1.58 -7.53
N HIS A 162 -17.40 -2.21 -7.71
CA HIS A 162 -16.73 -2.20 -9.00
C HIS A 162 -17.50 -3.04 -10.02
N ASN A 163 -17.36 -2.70 -11.29
CA ASN A 163 -18.05 -3.33 -12.40
C ASN A 163 -17.05 -4.10 -13.27
N ARG A 164 -17.55 -4.63 -14.39
CA ARG A 164 -16.78 -5.52 -15.25
C ARG A 164 -15.99 -4.78 -16.34
N PHE A 165 -16.20 -3.47 -16.50
CA PHE A 165 -15.47 -2.72 -17.51
C PHE A 165 -13.96 -2.74 -17.24
N GLU A 166 -13.57 -2.37 -16.02
CA GLU A 166 -12.17 -2.40 -15.65
C GLU A 166 -11.65 -3.82 -15.58
N HIS A 167 -12.52 -4.79 -15.26
CA HIS A 167 -12.11 -6.19 -15.28
C HIS A 167 -11.67 -6.61 -16.68
N SER A 168 -12.49 -6.29 -17.69
CA SER A 168 -12.13 -6.63 -19.06
C SER A 168 -10.87 -5.90 -19.50
N LEU A 169 -10.76 -4.61 -19.13
CA LEU A 169 -9.56 -3.86 -19.47
C LEU A 169 -8.32 -4.52 -18.89
N GLY A 170 -8.37 -4.89 -17.61
CA GLY A 170 -7.22 -5.51 -16.97
C GLY A 170 -6.88 -6.87 -17.53
N VAL A 171 -7.90 -7.67 -17.86
CA VAL A 171 -7.65 -8.98 -18.44
C VAL A 171 -6.97 -8.85 -19.79
N GLY A 172 -7.45 -7.91 -20.63
CA GLY A 172 -6.78 -7.68 -21.90
C GLY A 172 -5.36 -7.21 -21.74
N TYR A 173 -5.12 -6.29 -20.80
CA TYR A 173 -3.78 -5.80 -20.55
C TYR A 173 -2.84 -6.93 -20.11
N LEU A 174 -3.32 -7.79 -19.19
CA LEU A 174 -2.50 -8.88 -18.70
C LEU A 174 -2.21 -9.90 -19.79
N ALA A 175 -3.20 -10.21 -20.62
CA ALA A 175 -2.97 -11.13 -21.74
C ALA A 175 -1.92 -10.57 -22.69
N GLY A 176 -2.02 -9.28 -23.01
CA GLY A 176 -1.02 -8.66 -23.87
C GLY A 176 0.37 -8.72 -23.26
N CYS A 177 0.49 -8.43 -21.96
CA CYS A 177 1.79 -8.47 -21.31
C CYS A 177 2.37 -9.87 -21.33
N LEU A 178 1.57 -10.89 -21.05
CA LEU A 178 2.06 -12.25 -21.05
C LEU A 178 2.52 -12.67 -22.44
N VAL A 179 1.74 -12.34 -23.47
CA VAL A 179 2.13 -12.68 -24.84
C VAL A 179 3.43 -11.97 -25.21
N HIS A 180 3.55 -10.69 -24.86
CA HIS A 180 4.77 -9.95 -25.17
C HIS A 180 5.98 -10.57 -24.50
N ALA A 181 5.86 -10.91 -23.21
CA ALA A 181 6.99 -11.49 -22.51
C ALA A 181 7.38 -12.85 -23.09
N LEU A 182 6.39 -13.69 -23.38
CA LEU A 182 6.69 -15.00 -23.96
C LEU A 182 7.37 -14.88 -25.31
N GLY A 183 6.87 -13.97 -26.16
CA GLY A 183 7.50 -13.75 -27.45
C GLY A 183 8.89 -13.17 -27.34
N GLU A 184 9.13 -12.32 -26.35
CA GLU A 184 10.43 -11.70 -26.19
C GLU A 184 11.48 -12.72 -25.73
N LYS A 185 11.15 -13.52 -24.72
CA LYS A 185 12.15 -14.44 -24.19
C LYS A 185 12.55 -15.50 -25.21
N GLN A 186 11.59 -16.05 -25.94
CA GLN A 186 11.87 -17.07 -26.95
C GLN A 186 11.54 -16.53 -28.33
N PRO A 187 12.53 -16.10 -29.12
CA PRO A 187 12.24 -15.55 -30.45
C PRO A 187 11.94 -16.59 -31.51
N GLU A 188 12.11 -17.87 -31.21
CA GLU A 188 11.86 -18.93 -32.20
C GLU A 188 10.40 -19.36 -32.26
N LEU A 189 9.53 -18.80 -31.41
CA LEU A 189 8.13 -19.17 -31.42
C LEU A 189 7.35 -18.48 -32.53
N GLN A 190 7.92 -17.46 -33.17
CA GLN A 190 7.30 -16.75 -34.28
C GLN A 190 5.96 -16.14 -33.87
N ILE A 191 6.02 -15.21 -32.93
CA ILE A 191 4.84 -14.51 -32.43
C ILE A 191 4.81 -13.14 -33.09
N SER A 192 3.78 -12.90 -33.90
CA SER A 192 3.65 -11.66 -34.66
C SER A 192 2.65 -10.73 -33.97
N GLU A 193 2.49 -9.54 -34.54
CA GLU A 193 1.55 -8.57 -33.98
C GLU A 193 0.10 -9.00 -34.18
N ARG A 194 -0.16 -9.80 -35.22
CA ARG A 194 -1.50 -10.32 -35.44
C ARG A 194 -1.97 -11.15 -34.26
N ASP A 195 -1.11 -12.03 -33.75
CA ASP A 195 -1.47 -12.87 -32.62
C ASP A 195 -1.65 -12.05 -31.36
N VAL A 196 -0.80 -11.05 -31.14
CA VAL A 196 -0.94 -10.20 -29.96
C VAL A 196 -2.27 -9.44 -30.00
N LEU A 197 -2.62 -8.89 -31.15
CA LEU A 197 -3.90 -8.20 -31.29
C LEU A 197 -5.07 -9.16 -31.07
N CYS A 198 -4.99 -10.37 -31.63
CA CYS A 198 -6.06 -11.34 -31.45
C CYS A 198 -6.23 -11.71 -29.98
N VAL A 199 -5.13 -11.93 -29.28
CA VAL A 199 -5.20 -12.31 -27.87
C VAL A 199 -5.75 -11.16 -27.03
N GLN A 200 -5.33 -9.93 -27.32
CA GLN A 200 -5.84 -8.79 -26.57
C GLN A 200 -7.34 -8.60 -26.81
N ILE A 201 -7.78 -8.77 -28.06
CA ILE A 201 -9.20 -8.67 -28.36
C ILE A 201 -9.99 -9.76 -27.64
N ALA A 202 -9.48 -10.98 -27.66
CA ALA A 202 -10.17 -12.09 -27.00
C ALA A 202 -10.26 -11.86 -25.49
N GLY A 203 -9.19 -11.37 -24.88
CA GLY A 203 -9.22 -11.10 -23.45
C GLY A 203 -10.07 -9.90 -23.09
N LEU A 204 -10.25 -8.96 -24.02
CA LEU A 204 -11.06 -7.78 -23.75
C LEU A 204 -12.55 -8.08 -23.78
N CYS A 205 -12.98 -9.06 -24.59
CA CYS A 205 -14.39 -9.38 -24.77
C CYS A 205 -14.72 -10.78 -24.30
N HIS A 206 -14.21 -11.15 -23.11
CA HIS A 206 -14.45 -12.49 -22.57
C HIS A 206 -15.66 -12.56 -21.67
N ASP A 207 -15.94 -11.51 -20.88
CA ASP A 207 -17.12 -11.44 -20.04
C ASP A 207 -18.22 -10.58 -20.66
N LEU A 208 -18.32 -10.56 -21.99
CA LEU A 208 -19.26 -9.69 -22.67
C LEU A 208 -20.70 -10.15 -22.52
N GLY A 209 -20.92 -11.41 -22.17
CA GLY A 209 -22.26 -12.00 -22.14
C GLY A 209 -22.93 -12.13 -20.78
N HIS A 210 -22.41 -11.48 -19.75
CA HIS A 210 -23.09 -11.52 -18.46
C HIS A 210 -24.37 -10.69 -18.48
N GLY A 211 -25.23 -10.97 -17.52
CA GLY A 211 -26.48 -10.25 -17.37
C GLY A 211 -26.55 -9.56 -16.02
N PRO A 212 -27.75 -9.22 -15.58
CA PRO A 212 -27.90 -8.54 -14.28
C PRO A 212 -27.30 -9.34 -13.14
N PHE A 213 -26.53 -8.66 -12.29
CA PHE A 213 -25.92 -9.21 -11.09
C PHE A 213 -25.00 -10.39 -11.38
N SER A 214 -24.37 -10.41 -12.57
CA SER A 214 -23.32 -11.35 -12.92
C SER A 214 -23.75 -12.81 -12.78
N HIS A 215 -23.06 -13.55 -11.89
CA HIS A 215 -23.29 -14.98 -11.78
C HIS A 215 -24.64 -15.33 -11.17
N MET A 216 -25.33 -14.35 -10.57
CA MET A 216 -26.66 -14.62 -10.06
C MET A 216 -27.61 -15.02 -11.19
N PHE A 217 -27.53 -14.33 -12.33
CA PHE A 217 -28.42 -14.57 -13.44
C PHE A 217 -28.34 -16.01 -13.94
N ASP A 218 -27.20 -16.37 -14.53
CA ASP A 218 -27.05 -17.70 -15.12
C ASP A 218 -26.86 -18.79 -14.08
N GLY A 219 -26.62 -18.42 -12.83
CA GLY A 219 -26.47 -19.40 -11.77
C GLY A 219 -27.79 -19.82 -11.17
N ARG A 220 -28.72 -18.87 -11.01
CA ARG A 220 -29.99 -19.16 -10.36
C ARG A 220 -31.19 -18.91 -11.25
N PHE A 221 -31.30 -17.73 -11.86
CA PHE A 221 -32.56 -17.32 -12.48
C PHE A 221 -32.87 -18.15 -13.71
N ILE A 222 -31.90 -18.30 -14.61
CA ILE A 222 -32.15 -19.00 -15.87
C ILE A 222 -32.52 -20.47 -15.65
N PRO A 223 -31.77 -21.25 -14.87
CA PRO A 223 -32.21 -22.64 -14.64
C PRO A 223 -33.55 -22.74 -13.94
N LEU A 224 -33.87 -21.80 -13.05
CA LEU A 224 -35.10 -21.84 -12.28
C LEU A 224 -36.29 -21.28 -13.04
N ALA A 225 -36.09 -20.74 -14.24
CA ALA A 225 -37.17 -20.22 -15.06
C ALA A 225 -37.30 -20.89 -16.41
N ARG A 226 -36.20 -21.38 -16.99
CA ARG A 226 -36.21 -22.10 -18.26
C ARG A 226 -35.42 -23.40 -18.08
N PRO A 227 -36.02 -24.41 -17.45
CA PRO A 227 -35.26 -25.63 -17.13
C PRO A 227 -34.85 -26.45 -18.33
N GLU A 228 -35.44 -26.21 -19.51
CA GLU A 228 -35.21 -27.05 -20.68
C GLU A 228 -34.09 -26.55 -21.58
N VAL A 229 -33.42 -25.47 -21.23
CA VAL A 229 -32.35 -24.90 -22.04
C VAL A 229 -31.07 -24.86 -21.21
N LYS A 230 -29.96 -25.26 -21.83
CA LYS A 230 -28.64 -25.20 -21.21
C LYS A 230 -27.94 -23.94 -21.71
N TRP A 231 -27.82 -22.94 -20.84
CA TRP A 231 -27.28 -21.65 -21.21
C TRP A 231 -26.15 -21.28 -20.27
N THR A 232 -25.02 -20.86 -20.83
CA THR A 232 -23.89 -20.34 -20.08
C THR A 232 -23.45 -19.02 -20.68
N HIS A 233 -22.79 -18.19 -19.88
CA HIS A 233 -22.49 -16.83 -20.30
C HIS A 233 -21.39 -16.77 -21.36
N GLU A 234 -20.66 -17.85 -21.61
CA GLU A 234 -19.64 -17.83 -22.65
C GLU A 234 -20.27 -17.87 -24.04
N GLN A 235 -21.32 -18.68 -24.22
CA GLN A 235 -22.04 -18.67 -25.49
C GLN A 235 -22.71 -17.32 -25.72
N GLY A 236 -23.28 -16.74 -24.68
CA GLY A 236 -23.82 -15.39 -24.79
C GLY A 236 -22.75 -14.38 -25.14
N SER A 237 -21.54 -14.55 -24.60
CA SER A 237 -20.44 -13.66 -24.94
C SER A 237 -20.05 -13.79 -26.41
N VAL A 238 -20.02 -15.02 -26.93
CA VAL A 238 -19.72 -15.23 -28.34
C VAL A 238 -20.77 -14.55 -29.22
N MET A 239 -22.05 -14.74 -28.87
CA MET A 239 -23.13 -14.11 -29.64
C MET A 239 -23.03 -12.59 -29.58
N MET A 240 -22.73 -12.05 -28.40
CA MET A 240 -22.61 -10.61 -28.24
C MET A 240 -21.44 -10.06 -29.04
N PHE A 241 -20.31 -10.78 -29.06
CA PHE A 241 -19.18 -10.33 -29.85
C PHE A 241 -19.50 -10.34 -31.33
N GLU A 242 -20.19 -11.38 -31.80
CA GLU A 242 -20.59 -11.41 -33.21
C GLU A 242 -21.53 -10.26 -33.54
N HIS A 243 -22.49 -9.98 -32.65
CA HIS A 243 -23.39 -8.85 -32.87
C HIS A 243 -22.63 -7.52 -32.88
N LEU A 244 -21.68 -7.35 -31.97
CA LEU A 244 -20.89 -6.13 -31.91
C LEU A 244 -20.09 -5.93 -33.20
N ILE A 245 -19.48 -7.00 -33.71
CA ILE A 245 -18.71 -6.89 -34.94
C ILE A 245 -19.62 -6.57 -36.11
N ASN A 246 -20.79 -7.22 -36.19
CA ASN A 246 -21.65 -7.05 -37.35
C ASN A 246 -22.40 -5.73 -37.37
N SER A 247 -22.72 -5.18 -36.20
CA SER A 247 -23.60 -4.01 -36.11
C SER A 247 -22.84 -2.69 -36.04
N ASN A 248 -21.51 -2.71 -36.17
CA ASN A 248 -20.72 -1.49 -36.06
C ASN A 248 -19.72 -1.28 -37.18
N GLY A 249 -19.53 -2.26 -38.06
CA GLY A 249 -18.58 -2.13 -39.15
C GLY A 249 -17.15 -2.08 -38.67
N ILE A 250 -16.65 -3.19 -38.12
CA ILE A 250 -15.28 -3.26 -37.62
C ILE A 250 -14.37 -4.06 -38.56
N LYS A 251 -14.92 -4.91 -39.41
CA LYS A 251 -14.10 -5.71 -40.32
C LYS A 251 -13.19 -4.89 -41.22
N PRO A 252 -13.64 -3.79 -41.85
CA PRO A 252 -12.68 -2.97 -42.62
C PRO A 252 -11.54 -2.45 -41.77
N VAL A 253 -11.81 -2.07 -40.52
CA VAL A 253 -10.74 -1.63 -39.62
C VAL A 253 -9.76 -2.77 -39.36
N MET A 254 -10.28 -3.98 -39.13
CA MET A 254 -9.42 -5.13 -38.88
C MET A 254 -8.53 -5.40 -40.09
N GLU A 255 -9.10 -5.32 -41.30
CA GLU A 255 -8.30 -5.51 -42.50
C GLU A 255 -7.26 -4.40 -42.65
N GLN A 256 -7.62 -3.17 -42.27
CA GLN A 256 -6.68 -2.05 -42.33
C GLN A 256 -5.48 -2.27 -41.42
N TYR A 257 -5.73 -2.78 -40.22
CA TYR A 257 -4.65 -2.99 -39.25
C TYR A 257 -3.98 -4.35 -39.38
N GLY A 258 -4.33 -5.14 -40.39
CA GLY A 258 -3.64 -6.38 -40.66
C GLY A 258 -4.32 -7.64 -40.21
N LEU A 259 -5.55 -7.56 -39.72
CA LEU A 259 -6.27 -8.73 -39.21
C LEU A 259 -7.18 -9.27 -40.30
N ILE A 260 -7.00 -10.53 -40.66
CA ILE A 260 -7.86 -11.20 -41.62
C ILE A 260 -9.08 -11.73 -40.86
N PRO A 261 -10.26 -11.13 -41.04
CA PRO A 261 -11.40 -11.49 -40.17
C PRO A 261 -11.82 -12.95 -40.27
N GLU A 262 -11.75 -13.55 -41.47
CA GLU A 262 -12.30 -14.89 -41.65
C GLU A 262 -11.55 -15.94 -40.85
N GLU A 263 -10.33 -15.67 -40.42
CA GLU A 263 -9.58 -16.54 -39.53
C GLU A 263 -9.46 -15.99 -38.12
N ASP A 264 -9.28 -14.68 -37.98
CA ASP A 264 -9.07 -14.09 -36.66
C ASP A 264 -10.33 -14.10 -35.83
N ILE A 265 -11.51 -13.93 -36.45
CA ILE A 265 -12.75 -14.01 -35.68
C ILE A 265 -12.97 -15.42 -35.16
N CYS A 266 -12.68 -16.43 -35.99
CA CYS A 266 -12.77 -17.81 -35.53
C CYS A 266 -11.77 -18.10 -34.41
N PHE A 267 -10.55 -17.54 -34.53
CA PHE A 267 -9.56 -17.72 -33.47
C PHE A 267 -10.03 -17.10 -32.16
N ILE A 268 -10.60 -15.90 -32.21
CA ILE A 268 -11.11 -15.26 -31.01
C ILE A 268 -12.25 -16.07 -30.41
N LYS A 269 -13.16 -16.55 -31.26
CA LYS A 269 -14.28 -17.35 -30.75
C LYS A 269 -13.78 -18.64 -30.10
N GLU A 270 -12.78 -19.28 -30.69
CA GLU A 270 -12.20 -20.47 -30.08
C GLU A 270 -11.56 -20.15 -28.74
N GLN A 271 -10.89 -18.99 -28.64
CA GLN A 271 -10.34 -18.56 -27.37
C GLN A 271 -11.41 -18.26 -26.34
N ILE A 272 -12.62 -17.89 -26.77
CA ILE A 272 -13.66 -17.51 -25.82
C ILE A 272 -14.37 -18.73 -25.25
N VAL A 273 -14.98 -19.53 -26.12
CA VAL A 273 -15.89 -20.59 -25.68
C VAL A 273 -15.18 -21.94 -25.58
N GLY A 274 -14.29 -22.25 -26.52
CA GLY A 274 -13.59 -23.52 -26.50
C GLY A 274 -13.41 -24.13 -27.87
N PRO A 275 -13.11 -25.44 -27.89
CA PRO A 275 -12.83 -26.10 -29.17
C PRO A 275 -13.97 -26.05 -30.18
N LEU A 276 -15.22 -26.08 -29.70
CA LEU A 276 -16.39 -26.09 -30.58
C LEU A 276 -16.34 -27.24 -31.58
N TRP A 285 -6.96 -32.48 -33.33
CA TRP A 285 -6.76 -31.04 -33.20
C TRP A 285 -8.05 -30.30 -33.52
N PRO A 286 -8.90 -30.11 -32.50
CA PRO A 286 -10.20 -29.45 -32.75
C PRO A 286 -10.07 -28.03 -33.24
N TYR A 287 -9.04 -27.30 -32.81
CA TYR A 287 -8.92 -25.89 -33.16
C TYR A 287 -8.60 -25.73 -34.65
N LYS A 288 -9.16 -24.67 -35.24
CA LYS A 288 -8.92 -24.36 -36.65
C LYS A 288 -8.38 -22.96 -36.87
N GLY A 289 -8.37 -22.10 -35.84
CA GLY A 289 -7.87 -20.75 -36.02
C GLY A 289 -6.37 -20.70 -36.31
N ARG A 290 -5.60 -21.51 -35.59
CA ARG A 290 -4.15 -21.55 -35.74
C ARG A 290 -3.69 -22.99 -35.89
N PRO A 291 -2.56 -23.20 -36.58
CA PRO A 291 -2.01 -24.57 -36.68
C PRO A 291 -1.57 -25.11 -35.34
N GLU A 292 -1.13 -26.38 -35.32
CA GLU A 292 -0.72 -27.01 -34.08
C GLU A 292 0.59 -26.43 -33.54
N ASN A 293 1.33 -25.69 -34.36
CA ASN A 293 2.56 -25.08 -33.88
C ASN A 293 2.29 -24.09 -32.76
N LYS A 294 1.25 -23.28 -32.90
CA LYS A 294 0.87 -22.31 -31.86
C LYS A 294 -0.24 -22.87 -30.97
N SER A 295 0.07 -24.01 -30.35
CA SER A 295 -0.87 -24.64 -29.44
C SER A 295 -0.84 -24.05 -28.04
N PHE A 296 0.12 -23.17 -27.75
CA PHE A 296 0.21 -22.53 -26.45
C PHE A 296 -0.58 -21.23 -26.36
N LEU A 297 -1.15 -20.76 -27.49
CA LEU A 297 -1.89 -19.51 -27.50
C LEU A 297 -3.33 -19.66 -27.05
N TYR A 298 -3.81 -20.89 -26.85
CA TYR A 298 -5.18 -21.13 -26.43
C TYR A 298 -5.32 -21.28 -24.92
N GLU A 299 -4.24 -21.16 -24.17
CA GLU A 299 -4.26 -21.35 -22.73
C GLU A 299 -3.88 -20.08 -21.99
N ILE A 300 -4.24 -18.92 -22.54
CA ILE A 300 -3.91 -17.63 -21.96
C ILE A 300 -5.14 -16.96 -21.34
N VAL A 301 -6.17 -16.70 -22.15
CA VAL A 301 -7.37 -16.05 -21.64
C VAL A 301 -8.14 -17.01 -20.73
N SER A 302 -8.31 -18.26 -21.17
CA SER A 302 -9.03 -19.26 -20.40
C SER A 302 -8.32 -20.59 -20.53
N ASN A 303 -8.05 -21.25 -19.41
CA ASN A 303 -7.37 -22.54 -19.38
C ASN A 303 -8.34 -23.60 -18.88
N LYS A 304 -8.50 -24.66 -19.66
CA LYS A 304 -9.36 -25.79 -19.29
C LYS A 304 -8.57 -27.03 -18.93
N ARG A 305 -7.24 -26.95 -18.90
CA ARG A 305 -6.39 -28.08 -18.53
C ARG A 305 -6.06 -28.09 -17.04
N ASN A 306 -5.66 -26.93 -16.50
CA ASN A 306 -5.32 -26.81 -15.09
C ASN A 306 -5.92 -25.59 -14.40
N GLY A 307 -6.43 -24.61 -15.15
CA GLY A 307 -7.08 -23.47 -14.55
C GLY A 307 -6.19 -22.26 -14.32
N ILE A 308 -5.01 -22.21 -14.90
CA ILE A 308 -4.07 -21.10 -14.73
C ILE A 308 -4.24 -20.16 -15.91
N ASP A 309 -4.70 -18.94 -15.64
CA ASP A 309 -4.88 -17.93 -16.68
C ASP A 309 -4.98 -16.56 -16.00
N VAL A 310 -4.85 -15.52 -16.82
CA VAL A 310 -4.79 -14.14 -16.32
C VAL A 310 -6.12 -13.72 -15.69
N ASP A 311 -7.22 -14.40 -16.04
CA ASP A 311 -8.52 -14.06 -15.47
C ASP A 311 -8.51 -14.18 -13.95
N LYS A 312 -7.96 -15.29 -13.44
CA LYS A 312 -7.87 -15.47 -12.00
C LYS A 312 -6.97 -14.43 -11.36
N TRP A 313 -5.87 -14.08 -12.03
CA TRP A 313 -4.96 -13.07 -11.47
C TRP A 313 -5.66 -11.73 -11.31
N ASP A 314 -6.40 -11.31 -12.34
CA ASP A 314 -7.15 -10.06 -12.25
C ASP A 314 -8.23 -10.15 -11.18
N TYR A 315 -8.94 -11.29 -11.11
CA TYR A 315 -9.94 -11.50 -10.08
C TYR A 315 -9.35 -11.28 -8.69
N PHE A 316 -8.25 -11.98 -8.42
CA PHE A 316 -7.63 -11.91 -7.09
C PHE A 316 -7.19 -10.48 -6.78
N ALA A 317 -6.45 -9.86 -7.70
CA ALA A 317 -5.93 -8.53 -7.44
C ALA A 317 -7.06 -7.54 -7.16
N ARG A 318 -8.05 -7.48 -8.06
CA ARG A 318 -9.12 -6.49 -7.92
C ARG A 318 -9.96 -6.75 -6.68
N ASP A 319 -10.36 -8.02 -6.45
CA ASP A 319 -11.23 -8.32 -5.32
C ASP A 319 -10.52 -8.07 -3.99
N CYS A 320 -9.24 -8.42 -3.90
CA CYS A 320 -8.52 -8.17 -2.65
C CYS A 320 -8.27 -6.69 -2.44
N HIS A 321 -8.05 -5.93 -3.53
CA HIS A 321 -7.91 -4.48 -3.37
C HIS A 321 -9.20 -3.84 -2.90
N HIS A 322 -10.34 -4.28 -3.43
CA HIS A 322 -11.61 -3.60 -3.16
C HIS A 322 -12.25 -4.05 -1.86
N LEU A 323 -12.22 -5.34 -1.54
CA LEU A 323 -12.90 -5.84 -0.35
C LEU A 323 -12.15 -5.46 0.92
N GLY A 324 -10.83 -5.57 0.90
CA GLY A 324 -10.03 -5.32 2.08
C GLY A 324 -9.34 -6.57 2.58
N ILE A 325 -9.22 -7.55 1.71
CA ILE A 325 -8.55 -8.80 2.02
C ILE A 325 -7.16 -8.76 1.41
N GLN A 326 -6.24 -9.55 1.97
CA GLN A 326 -4.87 -9.58 1.52
C GLN A 326 -4.58 -10.90 0.81
N ASN A 327 -3.92 -10.82 -0.34
CA ASN A 327 -3.52 -11.98 -1.12
C ASN A 327 -2.00 -12.00 -1.24
N ASN A 328 -1.43 -13.20 -1.30
CA ASN A 328 0.00 -13.38 -1.36
C ASN A 328 0.51 -13.81 -2.72
N PHE A 329 -0.38 -13.96 -3.71
CA PHE A 329 0.06 -14.34 -5.04
C PHE A 329 0.79 -13.19 -5.73
N ASP A 330 1.77 -13.53 -6.56
CA ASP A 330 2.57 -12.55 -7.30
C ASP A 330 2.72 -13.06 -8.73
N TYR A 331 1.95 -12.49 -9.65
CA TYR A 331 1.98 -12.93 -11.03
C TYR A 331 3.19 -12.44 -11.81
N LYS A 332 3.84 -11.37 -11.34
CA LYS A 332 5.04 -10.88 -12.02
C LYS A 332 6.18 -11.89 -11.92
N ARG A 333 6.35 -12.51 -10.75
CA ARG A 333 7.37 -13.54 -10.60
C ARG A 333 7.07 -14.73 -11.50
N PHE A 334 5.80 -15.12 -11.62
CA PHE A 334 5.42 -16.20 -12.52
C PHE A 334 5.74 -15.83 -13.96
N ILE A 335 5.47 -14.59 -14.35
CA ILE A 335 5.77 -14.14 -15.71
C ILE A 335 7.27 -14.19 -15.96
N LYS A 336 8.07 -13.81 -14.97
CA LYS A 336 9.52 -13.78 -15.14
C LYS A 336 10.07 -15.17 -15.43
N PHE A 337 9.60 -16.18 -14.69
CA PHE A 337 10.13 -17.53 -14.81
C PHE A 337 9.32 -18.42 -15.76
N ALA A 338 8.30 -17.88 -16.41
CA ALA A 338 7.50 -18.68 -17.33
C ALA A 338 8.31 -19.05 -18.57
N ARG A 339 7.96 -20.18 -19.16
CA ARG A 339 8.65 -20.66 -20.36
C ARG A 339 7.69 -21.58 -21.12
N VAL A 340 8.00 -21.80 -22.40
CA VAL A 340 7.21 -22.66 -23.27
C VAL A 340 7.99 -23.97 -23.43
N CYS A 341 7.42 -25.06 -22.95
CA CYS A 341 8.04 -26.38 -23.01
C CYS A 341 7.31 -27.25 -24.03
N GLU A 342 8.07 -28.09 -24.74
CA GLU A 342 7.50 -28.94 -25.78
C GLU A 342 7.10 -30.28 -25.17
N VAL A 343 5.90 -30.32 -24.60
CA VAL A 343 5.28 -31.57 -24.20
C VAL A 343 4.92 -32.28 -25.49
N ASP A 344 4.77 -33.62 -25.44
CA ASP A 344 4.62 -34.42 -26.64
C ASP A 344 3.58 -33.87 -27.62
N ASN A 345 4.06 -33.45 -28.79
CA ASN A 345 3.24 -32.89 -29.86
C ASN A 345 2.31 -31.79 -29.37
N GLU A 346 2.72 -31.04 -28.34
CA GLU A 346 1.87 -30.00 -27.78
C GLU A 346 2.77 -28.99 -27.06
N LEU A 347 2.98 -27.83 -27.69
CA LEU A 347 3.68 -26.75 -27.04
C LEU A 347 2.82 -26.19 -25.91
N ARG A 348 3.40 -26.09 -24.71
CA ARG A 348 2.64 -25.69 -23.53
C ARG A 348 3.50 -24.77 -22.68
N ILE A 349 2.83 -24.01 -21.82
CA ILE A 349 3.50 -23.10 -20.90
C ILE A 349 3.89 -23.86 -19.65
N CYS A 350 5.18 -23.85 -19.33
CA CYS A 350 5.73 -24.59 -18.20
C CYS A 350 6.29 -23.63 -17.16
N ALA A 351 6.01 -23.90 -15.90
CA ALA A 351 6.56 -23.12 -14.79
C ALA A 351 7.95 -23.62 -14.44
N ARG A 352 8.49 -23.16 -13.32
CA ARG A 352 9.81 -23.55 -12.87
C ARG A 352 9.69 -24.38 -11.59
N ASP A 353 10.70 -25.21 -11.34
CA ASP A 353 10.63 -26.20 -10.26
C ASP A 353 10.42 -25.56 -8.90
N LYS A 354 10.93 -24.36 -8.68
CA LYS A 354 10.78 -23.71 -7.38
C LYS A 354 9.47 -22.95 -7.26
N GLU A 355 8.62 -22.96 -8.28
CA GLU A 355 7.35 -22.26 -8.26
C GLU A 355 6.20 -23.12 -7.74
N VAL A 356 6.50 -24.35 -7.28
CA VAL A 356 5.44 -25.20 -6.76
C VAL A 356 4.82 -24.60 -5.50
N GLY A 357 5.64 -24.03 -4.63
CA GLY A 357 5.11 -23.36 -3.46
C GLY A 357 4.25 -22.17 -3.82
N ASN A 358 4.68 -21.39 -4.82
CA ASN A 358 3.88 -20.27 -5.28
C ASN A 358 2.54 -20.73 -5.85
N LEU A 359 2.53 -21.83 -6.60
CA LEU A 359 1.28 -22.35 -7.16
C LEU A 359 0.34 -22.82 -6.04
N TYR A 360 0.88 -23.53 -5.05
CA TYR A 360 0.05 -23.98 -3.94
C TYR A 360 -0.48 -22.79 -3.14
N ASP A 361 0.33 -21.74 -2.98
CA ASP A 361 -0.15 -20.54 -2.33
C ASP A 361 -1.25 -19.86 -3.15
N MET A 362 -1.12 -19.88 -4.47
CA MET A 362 -2.17 -19.34 -5.33
C MET A 362 -3.49 -20.07 -5.12
N PHE A 363 -3.43 -21.41 -5.11
CA PHE A 363 -4.67 -22.18 -4.95
C PHE A 363 -5.25 -21.99 -3.55
N HIS A 364 -4.39 -21.93 -2.53
CA HIS A 364 -4.88 -21.65 -1.18
C HIS A 364 -5.54 -20.27 -1.10
N THR A 365 -4.94 -19.28 -1.76
CA THR A 365 -5.53 -17.94 -1.78
C THR A 365 -6.88 -17.94 -2.48
N ARG A 366 -6.99 -18.67 -3.59
CA ARG A 366 -8.27 -18.77 -4.28
C ARG A 366 -9.33 -19.40 -3.38
N ASN A 367 -8.97 -20.49 -2.69
CA ASN A 367 -9.91 -21.14 -1.79
C ASN A 367 -10.34 -20.21 -0.66
N SER A 368 -9.38 -19.50 -0.06
CA SER A 368 -9.71 -18.59 1.03
C SER A 368 -10.59 -17.45 0.55
N LEU A 369 -10.32 -16.93 -0.65
CA LEU A 369 -11.15 -15.88 -1.21
C LEU A 369 -12.58 -16.36 -1.41
N HIS A 370 -12.75 -17.54 -2.01
CA HIS A 370 -14.07 -18.10 -2.21
C HIS A 370 -14.81 -18.26 -0.89
N ARG A 371 -14.16 -18.89 0.09
CA ARG A 371 -14.79 -19.16 1.38
C ARG A 371 -15.16 -17.86 2.10
N ARG A 372 -14.27 -16.88 2.06
CA ARG A 372 -14.48 -15.66 2.82
C ARG A 372 -15.57 -14.79 2.18
N ALA A 373 -15.55 -14.65 0.87
CA ALA A 373 -16.39 -13.66 0.19
C ALA A 373 -17.52 -14.28 -0.61
N TYR A 374 -17.23 -15.26 -1.48
CA TYR A 374 -18.21 -15.65 -2.49
C TYR A 374 -19.34 -16.49 -1.89
N GLN A 375 -19.11 -17.10 -0.74
CA GLN A 375 -20.12 -17.96 -0.13
C GLN A 375 -20.49 -17.47 1.27
N HIS A 376 -20.71 -16.17 1.41
CA HIS A 376 -21.12 -15.63 2.70
C HIS A 376 -22.55 -16.06 3.02
N LYS A 377 -22.86 -16.06 4.33
CA LYS A 377 -24.19 -16.47 4.78
C LYS A 377 -25.27 -15.51 4.29
N VAL A 378 -24.99 -14.20 4.31
CA VAL A 378 -26.00 -13.20 4.00
C VAL A 378 -26.06 -12.91 2.50
N GLY A 379 -24.91 -12.93 1.81
CA GLY A 379 -24.91 -12.65 0.39
C GLY A 379 -25.72 -13.65 -0.40
N ASN A 380 -25.61 -14.93 -0.06
CA ASN A 380 -26.34 -15.96 -0.78
C ASN A 380 -27.85 -15.83 -0.59
N ILE A 381 -28.30 -15.53 0.63
CA ILE A 381 -29.73 -15.40 0.86
C ILE A 381 -30.26 -14.12 0.22
N ILE A 382 -29.43 -13.06 0.16
CA ILE A 382 -29.85 -11.86 -0.56
C ILE A 382 -29.99 -12.15 -2.04
N ASP A 383 -29.05 -12.91 -2.61
CA ASP A 383 -29.18 -13.32 -4.01
C ASP A 383 -30.44 -14.14 -4.24
N THR A 384 -30.75 -15.05 -3.32
CA THR A 384 -31.96 -15.86 -3.46
C THR A 384 -33.21 -14.99 -3.41
N MET A 385 -33.24 -14.02 -2.50
CA MET A 385 -34.41 -13.15 -2.40
C MET A 385 -34.56 -12.29 -3.66
N ILE A 386 -33.44 -11.81 -4.21
CA ILE A 386 -33.48 -11.04 -5.45
C ILE A 386 -33.98 -11.90 -6.60
N THR A 387 -33.51 -13.15 -6.67
CA THR A 387 -33.97 -14.07 -7.72
C THR A 387 -35.47 -14.35 -7.59
N ASP A 388 -35.95 -14.51 -6.35
CA ASP A 388 -37.38 -14.70 -6.13
C ASP A 388 -38.18 -13.49 -6.59
N ALA A 389 -37.70 -12.29 -6.28
CA ALA A 389 -38.38 -11.08 -6.72
C ALA A 389 -38.41 -10.98 -8.25
N PHE A 390 -37.30 -11.33 -8.90
CA PHE A 390 -37.25 -11.31 -10.36
C PHE A 390 -38.24 -12.32 -10.95
N LEU A 391 -38.30 -13.53 -10.37
CA LEU A 391 -39.21 -14.55 -10.87
C LEU A 391 -40.66 -14.12 -10.70
N LYS A 392 -40.99 -13.49 -9.56
CA LYS A 392 -42.35 -13.01 -9.37
C LYS A 392 -42.68 -11.87 -10.34
N ALA A 393 -41.71 -11.00 -10.61
CA ALA A 393 -41.93 -9.86 -11.49
C ALA A 393 -41.90 -10.21 -12.97
N ASP A 394 -41.49 -11.43 -13.33
CA ASP A 394 -41.45 -11.81 -14.73
C ASP A 394 -42.87 -11.90 -15.28
N ASP A 395 -42.98 -11.81 -16.61
CA ASP A 395 -44.20 -11.77 -17.41
C ASP A 395 -44.92 -10.44 -17.29
N TYR A 396 -44.40 -9.50 -16.50
CA TYR A 396 -44.95 -8.15 -16.42
C TYR A 396 -43.94 -7.09 -16.80
N ILE A 397 -42.73 -7.47 -17.20
CA ILE A 397 -41.71 -6.54 -17.64
C ILE A 397 -41.36 -6.88 -19.09
N GLU A 398 -41.42 -5.87 -19.97
CA GLU A 398 -41.23 -6.08 -21.39
C GLU A 398 -40.00 -5.30 -21.88
N ILE A 399 -39.24 -5.94 -22.76
CA ILE A 399 -38.07 -5.33 -23.38
C ILE A 399 -38.23 -5.41 -24.88
N THR A 400 -38.03 -4.29 -25.56
CA THR A 400 -38.21 -4.21 -27.01
C THR A 400 -36.98 -4.75 -27.72
N GLY A 401 -37.19 -5.69 -28.63
CA GLY A 401 -36.14 -6.32 -29.39
C GLY A 401 -35.93 -5.68 -30.75
N ALA A 402 -35.51 -6.51 -31.71
CA ALA A 402 -35.24 -6.04 -33.07
C ALA A 402 -36.48 -6.26 -33.93
N GLY A 403 -36.96 -5.18 -34.56
CA GLY A 403 -38.15 -5.25 -35.37
C GLY A 403 -39.44 -4.92 -34.66
N GLY A 404 -39.37 -4.32 -33.46
CA GLY A 404 -40.56 -3.99 -32.71
C GLY A 404 -41.14 -5.11 -31.89
N LYS A 405 -40.48 -6.27 -31.86
CA LYS A 405 -40.99 -7.39 -31.07
C LYS A 405 -40.77 -7.12 -29.58
N LYS A 406 -41.56 -7.83 -28.76
CA LYS A 406 -41.51 -7.68 -27.31
C LYS A 406 -40.99 -8.95 -26.68
N TYR A 407 -40.12 -8.79 -25.69
CA TYR A 407 -39.50 -9.92 -25.00
C TYR A 407 -39.67 -9.75 -23.50
N ARG A 408 -39.31 -10.79 -22.76
CA ARG A 408 -39.32 -10.80 -21.31
C ARG A 408 -37.90 -11.03 -20.80
N ILE A 409 -37.76 -11.08 -19.47
CA ILE A 409 -36.45 -11.29 -18.87
C ILE A 409 -35.90 -12.66 -19.25
N SER A 410 -36.75 -13.70 -19.17
CA SER A 410 -36.28 -15.05 -19.48
C SER A 410 -36.04 -15.23 -20.98
N THR A 411 -36.86 -14.61 -21.82
CA THR A 411 -36.73 -14.77 -23.27
C THR A 411 -35.77 -13.78 -23.90
N ALA A 412 -35.17 -12.89 -23.12
CA ALA A 412 -34.28 -11.88 -23.69
C ALA A 412 -33.00 -12.50 -24.25
N ILE A 413 -32.58 -13.64 -23.72
CA ILE A 413 -31.32 -14.25 -24.13
C ILE A 413 -31.38 -14.74 -25.58
N ASP A 414 -32.58 -14.89 -26.15
CA ASP A 414 -32.71 -15.36 -27.52
C ASP A 414 -32.62 -14.23 -28.54
N ASP A 415 -32.58 -12.98 -28.11
CA ASP A 415 -32.43 -11.84 -29.00
C ASP A 415 -31.37 -10.91 -28.43
N MET A 416 -30.31 -10.66 -29.20
CA MET A 416 -29.20 -9.86 -28.70
C MET A 416 -29.56 -8.38 -28.54
N GLU A 417 -30.42 -7.86 -29.43
CA GLU A 417 -30.82 -6.46 -29.33
C GLU A 417 -31.57 -6.19 -28.04
N ALA A 418 -32.48 -7.11 -27.66
CA ALA A 418 -33.18 -6.96 -26.38
C ALA A 418 -32.23 -7.18 -25.21
N TYR A 419 -31.31 -8.15 -25.34
CA TYR A 419 -30.36 -8.43 -24.28
C TYR A 419 -29.41 -7.27 -24.01
N THR A 420 -29.14 -6.43 -25.01
CA THR A 420 -28.25 -5.29 -24.81
C THR A 420 -28.82 -4.31 -23.78
N LYS A 421 -30.14 -4.17 -23.72
CA LYS A 421 -30.79 -3.24 -22.80
C LYS A 421 -31.21 -3.91 -21.50
N LEU A 422 -30.50 -4.95 -21.08
CA LEU A 422 -30.83 -5.72 -19.87
C LEU A 422 -29.64 -5.64 -18.92
N THR A 423 -29.74 -4.80 -17.91
CA THR A 423 -28.67 -4.59 -16.93
C THR A 423 -29.31 -4.52 -15.55
N ASP A 424 -28.54 -4.03 -14.58
CA ASP A 424 -29.03 -3.88 -13.20
C ASP A 424 -30.10 -2.79 -13.07
N ASN A 425 -30.51 -2.17 -14.17
CA ASN A 425 -31.60 -1.21 -14.13
C ASN A 425 -32.93 -1.85 -13.74
N ILE A 426 -33.06 -3.17 -13.93
CA ILE A 426 -34.31 -3.86 -13.66
C ILE A 426 -34.64 -3.81 -12.17
N PHE A 427 -33.61 -3.88 -11.32
CA PHE A 427 -33.82 -3.81 -9.88
C PHE A 427 -34.57 -2.54 -9.49
N LEU A 428 -34.08 -1.39 -9.95
CA LEU A 428 -34.72 -0.13 -9.62
C LEU A 428 -36.01 0.09 -10.41
N GLU A 429 -36.12 -0.52 -11.59
CA GLU A 429 -37.36 -0.46 -12.35
C GLU A 429 -38.49 -1.14 -11.59
N ILE A 430 -38.22 -2.32 -11.01
CA ILE A 430 -39.22 -3.01 -10.20
C ILE A 430 -39.44 -2.27 -8.88
N LEU A 431 -38.35 -1.78 -8.28
CA LEU A 431 -38.43 -1.18 -6.94
C LEU A 431 -39.27 0.09 -6.95
N TYR A 432 -39.13 0.92 -7.97
CA TYR A 432 -39.84 2.19 -8.04
C TYR A 432 -41.15 2.12 -8.81
N SER A 433 -41.57 0.93 -9.23
CA SER A 433 -42.77 0.80 -10.03
C SER A 433 -44.02 1.11 -9.21
N THR A 434 -45.10 1.42 -9.93
CA THR A 434 -46.38 1.69 -9.30
C THR A 434 -47.52 0.85 -9.87
N ASP A 435 -47.24 -0.01 -10.85
CA ASP A 435 -48.28 -0.85 -11.41
C ASP A 435 -48.75 -1.87 -10.38
N PRO A 436 -50.07 -2.12 -10.28
CA PRO A 436 -50.55 -3.15 -9.33
C PRO A 436 -50.09 -4.55 -9.67
N LYS A 437 -49.65 -4.81 -10.91
CA LYS A 437 -49.22 -6.14 -11.29
C LYS A 437 -47.92 -6.56 -10.62
N LEU A 438 -47.14 -5.61 -10.11
CA LEU A 438 -45.82 -5.88 -9.55
C LEU A 438 -45.77 -5.62 -8.04
N LYS A 439 -46.83 -6.00 -7.33
CA LYS A 439 -46.88 -5.74 -5.90
C LYS A 439 -45.97 -6.69 -5.12
N ASP A 440 -45.96 -7.97 -5.51
CA ASP A 440 -45.21 -8.98 -4.74
C ASP A 440 -43.71 -8.73 -4.84
N ALA A 441 -43.20 -8.50 -6.05
CA ALA A 441 -41.78 -8.22 -6.21
C ALA A 441 -41.39 -6.92 -5.50
N ARG A 442 -42.27 -5.92 -5.55
CA ARG A 442 -42.02 -4.67 -4.85
C ARG A 442 -41.92 -4.90 -3.35
N GLU A 443 -42.80 -5.72 -2.80
CA GLU A 443 -42.74 -6.01 -1.37
C GLU A 443 -41.48 -6.79 -1.01
N ILE A 444 -41.06 -7.72 -1.87
CA ILE A 444 -39.83 -8.45 -1.61
C ILE A 444 -38.63 -7.52 -1.60
N LEU A 445 -38.56 -6.61 -2.57
CA LEU A 445 -37.46 -5.66 -2.61
C LEU A 445 -37.52 -4.70 -1.41
N LYS A 446 -38.72 -4.32 -0.98
CA LYS A 446 -38.85 -3.49 0.21
C LYS A 446 -38.36 -4.22 1.45
N GLN A 447 -38.64 -5.52 1.55
CA GLN A 447 -38.12 -6.32 2.64
C GLN A 447 -36.60 -6.39 2.60
N ILE A 448 -36.04 -6.44 1.38
CA ILE A 448 -34.58 -6.35 1.23
C ILE A 448 -34.09 -5.03 1.78
N GLU A 449 -34.78 -3.93 1.45
CA GLU A 449 -34.34 -2.60 1.85
C GLU A 449 -34.45 -2.36 3.35
N TYR A 450 -35.31 -3.11 4.04
CA TYR A 450 -35.45 -2.99 5.49
C TYR A 450 -34.58 -3.96 6.26
N ARG A 451 -33.75 -4.75 5.56
CA ARG A 451 -32.87 -5.74 6.17
C ARG A 451 -33.69 -6.75 6.99
N ASN A 452 -34.87 -7.08 6.48
CA ASN A 452 -35.69 -8.16 7.03
C ASN A 452 -35.48 -9.42 6.20
N LEU A 453 -34.27 -9.96 6.30
CA LEU A 453 -33.89 -11.08 5.45
C LEU A 453 -34.40 -12.40 6.02
N PHE A 454 -34.37 -13.43 5.18
CA PHE A 454 -34.74 -14.78 5.61
C PHE A 454 -33.75 -15.28 6.65
N LYS A 455 -34.26 -16.02 7.63
CA LYS A 455 -33.44 -16.47 8.75
C LYS A 455 -32.69 -17.75 8.38
N TYR A 456 -31.62 -18.01 9.14
CA TYR A 456 -30.74 -19.16 8.92
C TYR A 456 -31.19 -20.32 9.79
N VAL A 457 -31.34 -21.50 9.18
CA VAL A 457 -31.81 -22.68 9.90
C VAL A 457 -30.64 -23.34 10.61
N GLY A 458 -29.65 -23.78 9.85
CA GLY A 458 -28.51 -24.45 10.44
C GLY A 458 -27.52 -24.85 9.36
N GLU A 459 -26.33 -25.24 9.81
CA GLU A 459 -25.25 -25.66 8.93
C GLU A 459 -25.18 -27.18 8.93
N THR A 460 -25.41 -27.79 7.77
CA THR A 460 -25.53 -29.24 7.65
C THR A 460 -24.21 -29.98 7.81
N GLN A 461 -23.07 -29.27 7.81
CA GLN A 461 -21.74 -29.81 8.05
C GLN A 461 -21.29 -30.66 6.86
N PRO A 462 -19.97 -30.88 6.69
CA PRO A 462 -19.49 -31.84 5.67
C PRO A 462 -19.60 -33.27 6.20
N THR A 463 -20.80 -33.83 6.08
CA THR A 463 -21.10 -35.11 6.71
C THR A 463 -20.26 -36.24 6.10
N GLY A 464 -20.26 -36.34 4.78
CA GLY A 464 -19.59 -37.46 4.14
C GLY A 464 -19.93 -37.69 2.68
N GLN A 465 -20.32 -38.93 2.38
CA GLN A 465 -20.52 -39.40 1.01
C GLN A 465 -21.54 -38.57 0.24
N ILE A 466 -22.31 -37.71 0.91
CA ILE A 466 -23.34 -36.91 0.26
C ILE A 466 -22.74 -36.11 -0.90
N LYS A 467 -23.22 -36.37 -2.11
CA LYS A 467 -22.71 -35.76 -3.34
C LYS A 467 -23.87 -35.35 -4.23
N ILE A 468 -24.84 -34.61 -3.67
CA ILE A 468 -26.04 -34.17 -4.37
C ILE A 468 -25.68 -33.58 -5.73
N LYS A 469 -26.27 -34.14 -6.78
CA LYS A 469 -25.94 -33.78 -8.16
C LYS A 469 -27.00 -32.86 -8.74
N ARG A 470 -26.91 -32.61 -10.05
CA ARG A 470 -27.82 -31.70 -10.72
C ARG A 470 -29.26 -32.19 -10.66
N GLU A 471 -29.47 -33.51 -10.68
CA GLU A 471 -30.82 -34.05 -10.73
C GLU A 471 -31.62 -33.67 -9.48
N ASP A 472 -31.00 -33.73 -8.32
CA ASP A 472 -31.66 -33.36 -7.06
C ASP A 472 -31.76 -31.84 -7.02
N TYR A 473 -32.92 -31.31 -7.41
CA TYR A 473 -33.11 -29.86 -7.52
C TYR A 473 -34.38 -29.34 -6.87
N GLU A 474 -35.37 -30.18 -6.62
CA GLU A 474 -36.67 -29.69 -6.15
C GLU A 474 -37.14 -30.35 -4.86
N SER A 475 -36.86 -31.64 -4.67
CA SER A 475 -37.42 -32.39 -3.55
C SER A 475 -36.59 -32.29 -2.28
N LEU A 476 -35.39 -31.72 -2.34
CA LEU A 476 -34.60 -31.55 -1.12
C LEU A 476 -35.26 -30.66 -0.09
N PRO A 477 -35.82 -29.49 -0.42
CA PRO A 477 -36.49 -28.68 0.61
C PRO A 477 -37.67 -29.37 1.27
N LYS A 478 -38.38 -30.23 0.54
CA LYS A 478 -39.58 -30.87 1.10
C LYS A 478 -39.22 -31.77 2.28
N GLU A 479 -38.14 -32.54 2.16
CA GLU A 479 -37.79 -33.51 3.19
C GLU A 479 -36.98 -32.88 4.31
N VAL A 480 -37.47 -31.78 4.88
CA VAL A 480 -36.88 -31.19 6.08
C VAL A 480 -37.99 -31.07 7.12
N ALA A 481 -39.23 -30.94 6.65
CA ALA A 481 -40.40 -30.94 7.50
C ALA A 481 -41.15 -32.26 7.48
N SER A 482 -40.69 -33.23 6.68
CA SER A 482 -41.31 -34.54 6.62
C SER A 482 -40.97 -35.41 7.84
N ALA A 483 -40.03 -34.98 8.67
CA ALA A 483 -39.70 -35.71 9.87
C ALA A 483 -40.86 -35.67 10.86
N LYS A 484 -40.98 -36.74 11.65
CA LYS A 484 -42.06 -36.88 12.64
C LYS A 484 -41.45 -37.19 14.00
N PRO A 485 -40.83 -36.21 14.65
CA PRO A 485 -40.28 -36.43 15.99
C PRO A 485 -41.38 -36.61 17.01
N LYS A 486 -41.06 -37.30 18.10
CA LYS A 486 -41.99 -37.55 19.19
C LYS A 486 -42.03 -36.35 20.14
N VAL A 487 -42.24 -35.17 19.55
CA VAL A 487 -42.33 -33.91 20.28
C VAL A 487 -43.61 -33.21 19.86
N LEU A 488 -44.36 -32.71 20.84
CA LEU A 488 -45.60 -31.99 20.58
C LEU A 488 -45.29 -30.52 20.40
N LEU A 489 -45.54 -29.99 19.19
CA LEU A 489 -45.27 -28.61 18.86
C LEU A 489 -46.60 -27.88 18.64
N ASP A 490 -46.75 -26.73 19.30
CA ASP A 490 -48.00 -25.97 19.17
C ASP A 490 -48.22 -25.48 17.74
N VAL A 491 -47.16 -25.01 17.08
CA VAL A 491 -47.22 -24.52 15.72
C VAL A 491 -46.76 -25.62 14.78
N LYS A 492 -47.43 -25.74 13.63
CA LYS A 492 -47.10 -26.74 12.63
C LYS A 492 -46.43 -26.06 11.45
N LEU A 493 -45.28 -26.59 11.04
CA LEU A 493 -44.44 -25.99 10.01
C LEU A 493 -44.74 -26.66 8.67
N LYS A 494 -44.92 -25.84 7.64
CA LYS A 494 -45.29 -26.31 6.31
C LYS A 494 -44.06 -26.42 5.42
N ALA A 495 -44.16 -27.28 4.40
CA ALA A 495 -43.04 -27.63 3.54
C ALA A 495 -42.99 -26.81 2.25
N GLU A 496 -43.95 -25.90 2.01
CA GLU A 496 -43.94 -25.12 0.77
C GLU A 496 -43.03 -23.90 0.83
N ASP A 497 -42.42 -23.61 1.97
CA ASP A 497 -41.57 -22.43 2.14
C ASP A 497 -40.18 -22.86 2.60
N PHE A 498 -39.29 -23.13 1.65
CA PHE A 498 -37.89 -23.41 1.92
C PHE A 498 -37.03 -23.00 0.73
N ILE A 499 -35.75 -22.77 1.00
CA ILE A 499 -34.73 -22.64 -0.03
C ILE A 499 -33.54 -23.50 0.38
N VAL A 500 -33.10 -24.37 -0.51
CA VAL A 500 -31.98 -25.25 -0.25
C VAL A 500 -30.99 -25.13 -1.40
N ASP A 501 -29.72 -24.95 -1.07
CA ASP A 501 -28.66 -24.80 -2.06
C ASP A 501 -27.47 -25.66 -1.65
N VAL A 502 -26.71 -26.08 -2.64
CA VAL A 502 -25.50 -26.89 -2.44
C VAL A 502 -24.32 -26.12 -3.00
N ILE A 503 -23.28 -25.94 -2.19
CA ILE A 503 -22.10 -25.18 -2.56
C ILE A 503 -21.00 -26.15 -2.99
N ASN A 504 -20.39 -25.88 -4.15
CA ASN A 504 -19.34 -26.73 -4.70
C ASN A 504 -17.99 -26.13 -4.32
N MET A 505 -17.50 -26.53 -3.14
CA MET A 505 -16.18 -26.10 -2.67
C MET A 505 -15.13 -27.05 -3.22
N ASP A 506 -14.36 -26.58 -4.20
CA ASP A 506 -13.38 -27.42 -4.86
C ASP A 506 -12.30 -26.52 -5.46
N TYR A 507 -11.36 -27.14 -6.18
CA TYR A 507 -10.27 -26.43 -6.83
C TYR A 507 -10.59 -26.04 -8.27
N GLY A 508 -11.81 -26.33 -8.74
CA GLY A 508 -12.18 -26.04 -10.11
C GLY A 508 -11.69 -27.05 -11.12
N MET A 509 -11.23 -28.23 -10.68
CA MET A 509 -10.72 -29.27 -11.56
C MET A 509 -11.46 -30.58 -11.30
N GLN A 510 -12.80 -30.48 -11.19
CA GLN A 510 -13.71 -31.61 -10.96
C GLN A 510 -13.18 -32.59 -9.91
N GLU A 511 -13.04 -32.11 -8.68
CA GLU A 511 -12.53 -32.88 -7.54
C GLU A 511 -11.25 -33.65 -7.91
N LYS A 512 -10.25 -32.88 -8.31
CA LYS A 512 -8.95 -33.43 -8.67
C LYS A 512 -7.89 -32.37 -8.38
N ASN A 513 -6.64 -32.82 -8.31
CA ASN A 513 -5.52 -31.92 -8.06
C ASN A 513 -4.96 -31.42 -9.39
N PRO A 514 -5.01 -30.11 -9.68
CA PRO A 514 -4.47 -29.61 -10.95
C PRO A 514 -2.96 -29.60 -11.01
N ILE A 515 -2.25 -29.87 -9.90
CA ILE A 515 -0.79 -29.85 -9.90
C ILE A 515 -0.24 -30.90 -10.86
N ASP A 516 -0.93 -32.02 -11.00
CA ASP A 516 -0.51 -33.05 -11.95
C ASP A 516 -0.64 -32.60 -13.40
N HIS A 517 -1.32 -31.48 -13.66
CA HIS A 517 -1.48 -30.94 -15.00
C HIS A 517 -0.56 -29.76 -15.27
N VAL A 518 0.42 -29.52 -14.42
CA VAL A 518 1.35 -28.40 -14.56
C VAL A 518 2.72 -28.95 -14.95
N SER A 519 3.26 -28.44 -16.05
CA SER A 519 4.59 -28.83 -16.51
C SER A 519 5.67 -27.98 -15.86
N PHE A 520 6.91 -28.45 -15.94
CA PHE A 520 8.04 -27.76 -15.34
C PHE A 520 9.27 -28.00 -16.22
N TYR A 521 10.38 -27.37 -15.84
CA TYR A 521 11.65 -27.56 -16.55
C TYR A 521 12.79 -27.32 -15.58
N CYS A 522 13.95 -27.89 -15.91
CA CYS A 522 15.14 -27.79 -15.10
C CYS A 522 16.15 -26.86 -15.77
N LYS A 523 17.09 -26.36 -14.96
CA LYS A 523 18.10 -25.43 -15.49
C LYS A 523 18.96 -26.09 -16.55
N THR A 524 19.38 -27.34 -16.30
CA THR A 524 20.23 -28.03 -17.26
C THR A 524 19.50 -28.27 -18.58
N ALA A 525 18.24 -28.64 -18.53
CA ALA A 525 17.43 -28.93 -19.71
C ALA A 525 16.15 -28.10 -19.63
N PRO A 526 16.22 -26.81 -20.00
CA PRO A 526 15.01 -25.97 -19.95
C PRO A 526 14.06 -26.20 -21.10
N ASN A 527 14.48 -26.90 -22.15
CA ASN A 527 13.62 -27.23 -23.28
C ASN A 527 12.96 -28.59 -23.13
N ARG A 528 13.17 -29.27 -22.00
CA ARG A 528 12.60 -30.58 -21.72
C ARG A 528 11.65 -30.47 -20.54
N ALA A 529 10.43 -30.97 -20.71
CA ALA A 529 9.39 -30.84 -19.69
C ALA A 529 9.35 -32.07 -18.81
N ILE A 530 9.22 -31.85 -17.49
CA ILE A 530 9.11 -32.91 -16.50
C ILE A 530 7.97 -32.55 -15.55
N ARG A 531 7.52 -33.56 -14.80
CA ARG A 531 6.41 -33.42 -13.88
C ARG A 531 6.85 -33.74 -12.47
N ILE A 532 6.40 -32.93 -11.52
CA ILE A 532 6.68 -33.12 -10.10
C ILE A 532 5.35 -33.44 -9.41
N THR A 533 5.32 -34.58 -8.71
CA THR A 533 4.09 -35.04 -8.07
C THR A 533 3.90 -34.35 -6.72
N LYS A 534 2.74 -34.60 -6.12
CA LYS A 534 2.41 -34.02 -4.82
C LYS A 534 3.35 -34.51 -3.71
N ASN A 535 3.82 -35.75 -3.81
CA ASN A 535 4.67 -36.31 -2.76
C ASN A 535 6.01 -35.57 -2.67
N GLN A 536 6.60 -35.23 -3.81
CA GLN A 536 7.93 -34.63 -3.82
C GLN A 536 7.95 -33.19 -3.29
N VAL A 537 6.79 -32.57 -3.10
CA VAL A 537 6.75 -31.18 -2.67
C VAL A 537 6.78 -31.10 -1.15
N SER A 538 5.75 -31.64 -0.50
CA SER A 538 5.65 -31.61 0.96
C SER A 538 4.53 -32.55 1.37
N GLN A 539 4.52 -32.88 2.66
CA GLN A 539 3.47 -33.71 3.25
C GLN A 539 2.38 -32.89 3.94
N LEU A 540 2.45 -31.56 3.86
CA LEU A 540 1.49 -30.68 4.50
C LEU A 540 0.40 -30.21 3.55
N LEU A 541 0.35 -30.76 2.34
CA LEU A 541 -0.67 -30.41 1.38
C LEU A 541 -1.98 -31.12 1.72
N PRO A 542 -3.12 -30.56 1.33
CA PRO A 542 -4.40 -31.17 1.70
C PRO A 542 -4.57 -32.56 1.12
N GLU A 543 -5.22 -33.43 1.89
CA GLU A 543 -5.44 -34.81 1.46
C GLU A 543 -6.56 -34.90 0.42
N LYS A 544 -7.60 -34.09 0.58
CA LYS A 544 -8.71 -34.05 -0.36
C LYS A 544 -8.90 -32.63 -0.87
N PHE A 545 -9.21 -32.51 -2.16
CA PHE A 545 -9.23 -31.22 -2.84
C PHE A 545 -10.65 -30.74 -3.14
N ALA A 546 -11.66 -31.36 -2.55
CA ALA A 546 -13.03 -30.94 -2.80
C ALA A 546 -13.94 -31.43 -1.68
N GLU A 547 -15.07 -30.77 -1.54
CA GLU A 547 -16.11 -31.15 -0.57
C GLU A 547 -17.39 -30.42 -0.98
N GLN A 548 -18.51 -30.90 -0.46
CA GLN A 548 -19.81 -30.33 -0.75
C GLN A 548 -20.52 -29.95 0.54
N LEU A 549 -21.14 -28.77 0.54
CA LEU A 549 -21.91 -28.27 1.67
C LEU A 549 -23.36 -28.04 1.26
N ILE A 550 -24.27 -28.25 2.20
CA ILE A 550 -25.70 -28.07 1.98
C ILE A 550 -26.20 -26.98 2.92
N ARG A 551 -26.82 -25.95 2.35
CA ARG A 551 -27.35 -24.83 3.11
C ARG A 551 -28.85 -24.73 2.88
N VAL A 552 -29.61 -24.66 3.97
CA VAL A 552 -31.07 -24.59 3.92
C VAL A 552 -31.52 -23.29 4.54
N TYR A 553 -32.55 -22.68 3.95
CA TYR A 553 -33.04 -21.38 4.37
C TYR A 553 -34.53 -21.46 4.70
N CYS A 554 -34.96 -20.68 5.68
CA CYS A 554 -36.33 -20.65 6.14
C CYS A 554 -36.96 -19.33 5.71
N LYS A 555 -37.86 -19.38 4.73
CA LYS A 555 -38.53 -18.16 4.27
C LYS A 555 -39.36 -17.55 5.38
N LYS A 556 -40.09 -18.38 6.14
CA LYS A 556 -40.84 -17.88 7.28
C LYS A 556 -39.87 -17.37 8.36
N VAL A 557 -40.31 -16.35 9.09
CA VAL A 557 -39.48 -15.65 10.05
C VAL A 557 -40.05 -15.69 11.46
N ASP A 558 -41.18 -16.35 11.66
CA ASP A 558 -41.82 -16.39 12.97
C ASP A 558 -40.88 -17.03 14.01
N ARG A 559 -40.89 -16.46 15.22
CA ARG A 559 -40.02 -16.95 16.28
C ARG A 559 -40.36 -18.39 16.65
N LYS A 560 -41.65 -18.70 16.77
CA LYS A 560 -42.06 -20.07 17.09
C LYS A 560 -41.66 -21.03 15.98
N SER A 561 -41.82 -20.61 14.72
CA SER A 561 -41.42 -21.47 13.61
C SER A 561 -39.91 -21.67 13.56
N LEU A 562 -39.14 -20.70 14.06
CA LEU A 562 -37.69 -20.85 14.07
C LEU A 562 -37.27 -22.01 14.96
N TYR A 563 -37.88 -22.13 16.14
CA TYR A 563 -37.60 -23.28 17.01
C TYR A 563 -38.13 -24.57 16.40
N ALA A 564 -39.28 -24.49 15.71
CA ALA A 564 -39.80 -25.65 15.01
C ALA A 564 -38.85 -26.10 13.91
N ALA A 565 -38.26 -25.14 13.17
CA ALA A 565 -37.31 -25.49 12.13
C ALA A 565 -36.04 -26.11 12.71
N ARG A 566 -35.67 -25.74 13.94
CA ARG A 566 -34.49 -26.32 14.56
C ARG A 566 -34.68 -27.81 14.80
N GLN A 567 -35.80 -28.20 15.42
CA GLN A 567 -36.05 -29.60 15.72
C GLN A 567 -36.18 -30.41 14.43
N TYR A 568 -36.89 -29.87 13.44
CA TYR A 568 -37.06 -30.57 12.18
C TYR A 568 -35.78 -30.63 11.36
N PHE A 569 -34.76 -29.85 11.72
CA PHE A 569 -33.48 -29.86 11.03
C PHE A 569 -32.57 -31.00 11.50
N VAL A 570 -32.41 -31.16 12.81
CA VAL A 570 -31.55 -32.20 13.34
C VAL A 570 -32.11 -33.58 13.01
N GLN A 571 -33.44 -33.70 12.99
CA GLN A 571 -34.06 -34.98 12.66
C GLN A 571 -33.72 -35.42 11.25
N TRP A 572 -33.73 -34.49 10.30
CA TRP A 572 -33.38 -34.84 8.93
C TRP A 572 -31.89 -35.08 8.76
N CYS A 573 -31.06 -34.42 9.57
CA CYS A 573 -29.61 -34.52 9.40
C CYS A 573 -29.00 -35.62 10.26
N ALA A 574 -29.23 -35.59 11.57
CA ALA A 574 -28.59 -36.54 12.47
C ALA A 574 -29.13 -37.95 12.26
N ASP A 575 -30.45 -38.09 12.24
CA ASP A 575 -31.05 -39.43 12.19
C ASP A 575 -30.90 -40.06 10.80
N ARG A 576 -31.05 -39.27 9.75
CA ARG A 576 -30.98 -39.77 8.38
C ARG A 576 -29.55 -39.73 7.83
N ASN A 577 -28.62 -39.13 8.57
CA ASN A 577 -27.19 -39.07 8.25
C ASN A 577 -26.94 -38.65 6.80
N PHE A 578 -27.70 -37.65 6.35
CA PHE A 578 -27.47 -37.02 5.06
C PHE A 578 -26.99 -35.59 5.23
N THR B 114 -25.46 -7.32 19.24
CA THR B 114 -26.20 -6.18 18.71
C THR B 114 -25.23 -5.15 18.13
N MET B 115 -24.03 -5.07 18.71
CA MET B 115 -22.99 -4.17 18.25
C MET B 115 -22.44 -4.69 16.93
N LYS B 116 -22.98 -4.20 15.83
CA LYS B 116 -22.58 -4.70 14.51
C LYS B 116 -21.20 -4.18 14.13
N VAL B 117 -20.54 -4.95 13.27
CA VAL B 117 -19.21 -4.63 12.76
C VAL B 117 -19.25 -4.70 11.24
N ILE B 118 -18.78 -3.64 10.57
CA ILE B 118 -18.79 -3.56 9.12
C ILE B 118 -17.36 -3.28 8.65
N ASN B 119 -16.97 -3.93 7.56
CA ASN B 119 -15.61 -3.85 7.03
C ASN B 119 -15.54 -2.82 5.91
N ASP B 120 -14.67 -1.83 6.06
CA ASP B 120 -14.48 -0.77 5.08
C ASP B 120 -13.11 -0.89 4.45
N PRO B 121 -12.99 -0.75 3.13
CA PRO B 121 -11.67 -0.87 2.49
C PRO B 121 -10.68 0.20 2.90
N ILE B 122 -11.14 1.36 3.38
CA ILE B 122 -10.25 2.45 3.73
C ILE B 122 -9.81 2.31 5.18
N HIS B 123 -10.77 2.34 6.10
CA HIS B 123 -10.51 2.17 7.52
C HIS B 123 -10.45 0.68 7.85
N GLY B 124 -10.48 0.35 9.13
CA GLY B 124 -10.48 -1.04 9.54
C GLY B 124 -11.88 -1.60 9.68
N HIS B 125 -12.23 -2.03 10.89
CA HIS B 125 -13.57 -2.51 11.20
C HIS B 125 -14.29 -1.43 11.97
N ILE B 126 -15.46 -1.02 11.48
CA ILE B 126 -16.24 0.07 12.07
C ILE B 126 -17.23 -0.53 13.05
N GLU B 127 -17.19 -0.07 14.29
CA GLU B 127 -18.13 -0.51 15.31
C GLU B 127 -19.36 0.37 15.29
N LEU B 128 -20.53 -0.25 15.16
CA LEU B 128 -21.79 0.47 14.94
C LEU B 128 -22.69 0.30 16.16
N HIS B 129 -23.19 1.42 16.67
CA HIS B 129 -24.18 1.40 17.73
C HIS B 129 -25.51 0.88 17.22
N PRO B 130 -26.30 0.24 18.08
CA PRO B 130 -27.63 -0.24 17.62
C PRO B 130 -28.54 0.87 17.10
N LEU B 131 -28.47 2.06 17.68
CA LEU B 131 -29.29 3.17 17.18
C LEU B 131 -28.87 3.55 15.77
N LEU B 132 -27.57 3.60 15.51
CA LEU B 132 -27.09 3.89 14.15
C LEU B 132 -27.52 2.80 13.18
N VAL B 133 -27.50 1.54 13.62
CA VAL B 133 -27.94 0.44 12.76
C VAL B 133 -29.42 0.58 12.44
N ARG B 134 -30.23 0.96 13.43
CA ARG B 134 -31.65 1.16 13.19
C ARG B 134 -31.89 2.31 12.23
N ILE B 135 -31.12 3.40 12.36
CA ILE B 135 -31.26 4.54 11.47
C ILE B 135 -30.87 4.15 10.05
N ILE B 136 -29.79 3.38 9.90
CA ILE B 136 -29.29 3.04 8.58
C ILE B 136 -30.28 2.20 7.78
N ASP B 137 -31.03 1.32 8.44
CA ASP B 137 -31.94 0.42 7.74
C ASP B 137 -33.27 1.12 7.44
N THR B 138 -33.16 2.16 6.62
CA THR B 138 -34.30 2.93 6.15
C THR B 138 -34.15 3.16 4.66
N PRO B 139 -35.27 3.26 3.93
CA PRO B 139 -35.15 3.53 2.48
C PRO B 139 -34.45 4.83 2.15
N GLN B 140 -34.61 5.85 3.00
CA GLN B 140 -33.99 7.13 2.75
C GLN B 140 -32.46 7.02 2.75
N PHE B 141 -31.90 6.27 3.71
CA PHE B 141 -30.46 6.12 3.77
C PHE B 141 -29.96 5.14 2.70
N GLN B 142 -30.69 4.06 2.45
CA GLN B 142 -30.31 3.12 1.41
C GLN B 142 -30.45 3.70 0.01
N ARG B 143 -31.12 4.85 -0.13
CA ARG B 143 -31.13 5.55 -1.41
C ARG B 143 -29.73 5.95 -1.85
N LEU B 144 -28.83 6.17 -0.89
CA LEU B 144 -27.47 6.62 -1.20
C LEU B 144 -26.64 5.57 -1.92
N ARG B 145 -27.10 4.32 -1.99
CA ARG B 145 -26.34 3.28 -2.66
C ARG B 145 -26.29 3.45 -4.17
N TYR B 146 -27.13 4.33 -4.74
CA TYR B 146 -27.22 4.49 -6.18
C TYR B 146 -26.88 5.91 -6.63
N ILE B 147 -26.21 6.68 -5.80
CA ILE B 147 -25.74 8.02 -6.15
C ILE B 147 -24.22 7.99 -6.09
N LYS B 148 -23.58 8.20 -7.24
CA LYS B 148 -22.13 8.07 -7.35
C LYS B 148 -21.43 9.28 -6.71
N GLN B 149 -20.17 9.05 -6.31
CA GLN B 149 -19.38 10.11 -5.72
C GLN B 149 -18.92 11.12 -6.76
N LEU B 150 -18.52 10.65 -7.94
CA LEU B 150 -18.09 11.50 -9.05
C LEU B 150 -19.00 11.20 -10.23
N GLY B 151 -19.82 12.18 -10.62
CA GLY B 151 -20.77 11.95 -11.69
C GLY B 151 -20.15 11.77 -13.05
N GLY B 152 -19.54 12.83 -13.59
CA GLY B 152 -18.93 12.74 -14.91
C GLY B 152 -17.51 12.22 -14.91
N GLY B 153 -16.89 12.11 -13.74
CA GLY B 153 -15.52 11.64 -13.65
C GLY B 153 -15.36 10.14 -13.81
N TYR B 154 -16.46 9.39 -13.80
CA TYR B 154 -16.38 7.94 -13.97
C TYR B 154 -16.06 7.56 -15.40
N TYR B 155 -16.36 8.42 -16.36
CA TYR B 155 -16.09 8.15 -17.77
C TYR B 155 -14.69 8.58 -18.18
N VAL B 156 -13.89 9.08 -17.24
CA VAL B 156 -12.47 9.37 -17.46
C VAL B 156 -11.58 8.48 -16.61
N PHE B 157 -11.94 8.29 -15.34
CA PHE B 157 -11.25 7.36 -14.46
C PHE B 157 -12.13 6.12 -14.28
N PRO B 158 -11.76 4.97 -14.85
CA PRO B 158 -12.65 3.80 -14.75
C PRO B 158 -12.61 3.11 -13.40
N GLY B 159 -11.99 3.74 -12.40
CA GLY B 159 -11.91 3.16 -11.08
C GLY B 159 -12.69 3.92 -10.03
N ALA B 160 -13.28 5.05 -10.42
CA ALA B 160 -14.03 5.89 -9.48
C ALA B 160 -15.53 5.57 -9.60
N SER B 161 -15.88 4.37 -9.15
CA SER B 161 -17.25 3.87 -9.22
C SER B 161 -17.91 3.76 -7.86
N HIS B 162 -17.37 4.42 -6.84
CA HIS B 162 -17.92 4.36 -5.49
C HIS B 162 -19.06 5.36 -5.32
N ASN B 163 -19.83 5.17 -4.25
CA ASN B 163 -21.00 5.98 -3.94
C ASN B 163 -20.81 6.68 -2.59
N ARG B 164 -21.87 7.34 -2.13
CA ARG B 164 -21.82 8.12 -0.89
C ARG B 164 -22.15 7.31 0.35
N PHE B 165 -22.53 6.03 0.20
CA PHE B 165 -22.87 5.20 1.35
C PHE B 165 -21.66 4.99 2.26
N GLU B 166 -20.59 4.42 1.70
CA GLU B 166 -19.37 4.23 2.48
C GLU B 166 -18.76 5.56 2.90
N HIS B 167 -18.97 6.62 2.11
CA HIS B 167 -18.49 7.93 2.48
C HIS B 167 -19.15 8.42 3.77
N SER B 168 -20.47 8.29 3.86
CA SER B 168 -21.17 8.68 5.08
C SER B 168 -20.76 7.81 6.25
N LEU B 169 -20.61 6.50 6.02
CA LEU B 169 -20.15 5.61 7.08
C LEU B 169 -18.78 6.04 7.62
N GLY B 170 -17.85 6.34 6.71
CA GLY B 170 -16.53 6.75 7.14
C GLY B 170 -16.51 8.10 7.84
N VAL B 171 -17.36 9.04 7.38
CA VAL B 171 -17.43 10.33 8.05
C VAL B 171 -17.95 10.18 9.47
N GLY B 172 -18.98 9.36 9.66
CA GLY B 172 -19.47 9.10 11.01
C GLY B 172 -18.41 8.45 11.89
N TYR B 173 -17.71 7.46 11.33
CA TYR B 173 -16.65 6.79 12.09
C TYR B 173 -15.55 7.77 12.51
N LEU B 174 -15.14 8.64 11.59
CA LEU B 174 -14.07 9.60 11.89
C LEU B 174 -14.53 10.63 12.92
N ALA B 175 -15.77 11.08 12.83
CA ALA B 175 -16.30 12.01 13.84
C ALA B 175 -16.30 11.35 15.21
N GLY B 176 -16.73 10.09 15.28
CA GLY B 176 -16.69 9.38 16.54
C GLY B 176 -15.28 9.23 17.09
N CYS B 177 -14.33 8.90 16.23
CA CYS B 177 -12.95 8.76 16.68
C CYS B 177 -12.39 10.08 17.21
N LEU B 178 -12.66 11.17 16.49
CA LEU B 178 -12.14 12.47 16.92
C LEU B 178 -12.74 12.88 18.26
N VAL B 179 -14.05 12.73 18.42
CA VAL B 179 -14.67 13.14 19.69
C VAL B 179 -14.20 12.24 20.83
N HIS B 180 -14.01 10.95 20.55
CA HIS B 180 -13.51 10.04 21.58
C HIS B 180 -12.11 10.44 22.03
N ALA B 181 -11.23 10.76 21.07
CA ALA B 181 -9.87 11.16 21.42
C ALA B 181 -9.87 12.46 22.23
N LEU B 182 -10.68 13.43 21.81
CA LEU B 182 -10.75 14.70 22.52
C LEU B 182 -11.25 14.50 23.95
N GLY B 183 -12.27 13.65 24.12
CA GLY B 183 -12.76 13.38 25.47
C GLY B 183 -11.74 12.64 26.31
N GLU B 184 -11.02 11.69 25.70
CA GLU B 184 -10.05 10.89 26.46
C GLU B 184 -8.89 11.74 26.95
N LYS B 185 -8.35 12.61 26.10
CA LYS B 185 -7.17 13.37 26.48
C LYS B 185 -7.47 14.52 27.44
N GLN B 186 -8.74 14.90 27.60
CA GLN B 186 -9.11 16.01 28.48
C GLN B 186 -10.38 15.64 29.23
N PRO B 187 -10.28 15.26 30.51
CA PRO B 187 -11.47 14.80 31.25
C PRO B 187 -12.33 15.91 31.80
N GLU B 188 -11.90 17.17 31.75
CA GLU B 188 -12.66 18.27 32.32
C GLU B 188 -13.66 18.89 31.35
N LEU B 189 -13.71 18.43 30.10
CA LEU B 189 -14.66 18.96 29.14
C LEU B 189 -16.07 18.44 29.38
N GLN B 190 -16.22 17.37 30.17
CA GLN B 190 -17.53 16.79 30.50
C GLN B 190 -18.28 16.37 29.25
N ILE B 191 -17.70 15.41 28.54
CA ILE B 191 -18.31 14.84 27.34
C ILE B 191 -18.94 13.50 27.71
N SER B 192 -20.21 13.33 27.38
CA SER B 192 -20.96 12.13 27.69
C SER B 192 -21.28 11.36 26.42
N GLU B 193 -21.89 10.18 26.60
CA GLU B 193 -22.24 9.34 25.45
C GLU B 193 -23.32 9.99 24.60
N ARG B 194 -24.17 10.83 25.21
CA ARG B 194 -25.19 11.54 24.44
C ARG B 194 -24.57 12.41 23.35
N ASP B 195 -23.53 13.18 23.71
CA ASP B 195 -22.88 14.05 22.74
C ASP B 195 -22.20 13.24 21.64
N VAL B 196 -21.56 12.11 22.01
CA VAL B 196 -20.90 11.28 21.01
C VAL B 196 -21.93 10.71 20.04
N LEU B 197 -23.07 10.24 20.55
CA LEU B 197 -24.11 9.71 19.68
C LEU B 197 -24.67 10.79 18.76
N CYS B 198 -24.89 12.00 19.30
CA CYS B 198 -25.40 13.08 18.47
C CYS B 198 -24.42 13.45 17.37
N VAL B 199 -23.13 13.52 17.69
CA VAL B 199 -22.11 13.85 16.70
C VAL B 199 -22.05 12.76 15.62
N GLN B 200 -22.12 11.49 16.03
CA GLN B 200 -22.06 10.41 15.05
C GLN B 200 -23.31 10.40 14.17
N ILE B 201 -24.47 10.70 14.73
CA ILE B 201 -25.69 10.77 13.93
C ILE B 201 -25.60 11.91 12.92
N ALA B 202 -25.10 13.08 13.36
CA ALA B 202 -24.97 14.21 12.45
C ALA B 202 -23.96 13.92 11.34
N GLY B 203 -22.85 13.24 11.68
CA GLY B 203 -21.88 12.90 10.66
C GLY B 203 -22.33 11.80 9.73
N LEU B 204 -23.27 10.96 10.18
CA LEU B 204 -23.77 9.87 9.35
C LEU B 204 -24.75 10.35 8.29
N CYS B 205 -25.48 11.42 8.56
CA CYS B 205 -26.55 11.91 7.68
C CYS B 205 -26.28 13.33 7.21
N HIS B 206 -25.05 13.62 6.82
CA HIS B 206 -24.69 14.95 6.36
C HIS B 206 -24.82 15.11 4.85
N ASP B 207 -25.09 14.04 4.11
CA ASP B 207 -25.22 14.10 2.66
C ASP B 207 -26.46 13.38 2.16
N LEU B 208 -27.55 13.44 2.93
CA LEU B 208 -28.80 12.82 2.51
C LEU B 208 -29.49 13.57 1.38
N GLY B 209 -29.18 14.85 1.20
CA GLY B 209 -29.83 15.68 0.21
C GLY B 209 -29.18 15.73 -1.16
N HIS B 210 -28.14 14.94 -1.39
CA HIS B 210 -27.51 14.91 -2.70
C HIS B 210 -28.46 14.34 -3.74
N GLY B 211 -28.35 14.85 -4.96
CA GLY B 211 -29.18 14.40 -6.06
C GLY B 211 -28.41 13.51 -7.01
N PRO B 212 -28.97 13.29 -8.20
CA PRO B 212 -28.25 12.48 -9.20
C PRO B 212 -26.90 13.07 -9.54
N PHE B 213 -25.89 12.20 -9.62
CA PHE B 213 -24.53 12.56 -10.00
C PHE B 213 -23.93 13.62 -9.08
N SER B 214 -24.36 13.63 -7.81
CA SER B 214 -23.74 14.39 -6.73
C SER B 214 -23.80 15.88 -7.04
N HIS B 215 -22.65 16.56 -7.22
CA HIS B 215 -22.64 18.01 -7.31
C HIS B 215 -23.17 18.54 -8.63
N MET B 216 -23.27 17.70 -9.66
CA MET B 216 -23.80 18.15 -10.94
C MET B 216 -25.23 18.65 -10.77
N PHE B 217 -26.04 17.92 -10.02
CA PHE B 217 -27.45 18.27 -9.86
C PHE B 217 -27.62 19.67 -9.28
N ASP B 218 -26.85 20.02 -8.26
CA ASP B 218 -27.01 21.31 -7.61
C ASP B 218 -26.09 22.39 -8.17
N GLY B 219 -25.19 22.05 -9.10
CA GLY B 219 -24.33 23.08 -9.64
C GLY B 219 -24.52 23.40 -11.12
N ARG B 220 -25.19 22.52 -11.86
CA ARG B 220 -25.35 22.76 -13.29
C ARG B 220 -26.80 22.68 -13.76
N PHE B 221 -27.59 21.78 -13.18
CA PHE B 221 -28.95 21.54 -13.66
C PHE B 221 -29.96 22.46 -12.98
N ILE B 222 -29.90 22.55 -11.65
CA ILE B 222 -30.88 23.38 -10.93
C ILE B 222 -30.82 24.84 -11.33
N PRO B 223 -29.65 25.49 -11.39
CA PRO B 223 -29.63 26.90 -11.85
C PRO B 223 -30.13 27.07 -13.28
N LEU B 224 -29.91 26.10 -14.15
CA LEU B 224 -30.33 26.23 -15.54
C LEU B 224 -31.81 25.88 -15.75
N ALA B 225 -32.41 25.11 -14.86
CA ALA B 225 -33.81 24.73 -14.98
C ALA B 225 -34.73 25.57 -14.12
N ARG B 226 -34.35 25.86 -12.88
CA ARG B 226 -35.15 26.66 -11.96
C ARG B 226 -34.28 27.78 -11.42
N PRO B 227 -34.11 28.86 -12.17
CA PRO B 227 -33.26 29.97 -11.72
C PRO B 227 -33.88 30.86 -10.66
N GLU B 228 -35.14 30.64 -10.29
CA GLU B 228 -35.82 31.47 -9.32
C GLU B 228 -35.74 30.92 -7.90
N VAL B 229 -35.01 29.82 -7.69
CA VAL B 229 -34.88 29.21 -6.37
C VAL B 229 -33.41 29.04 -6.05
N LYS B 230 -33.06 29.23 -4.79
CA LYS B 230 -31.71 28.98 -4.28
C LYS B 230 -31.76 27.69 -3.46
N TRP B 231 -31.08 26.65 -3.95
CA TRP B 231 -31.16 25.34 -3.33
C TRP B 231 -29.77 24.70 -3.31
N THR B 232 -29.29 24.40 -2.11
CA THR B 232 -28.08 23.62 -1.91
C THR B 232 -28.44 22.24 -1.40
N HIS B 233 -27.43 21.35 -1.36
CA HIS B 233 -27.69 19.98 -0.94
C HIS B 233 -27.77 19.82 0.56
N GLU B 234 -27.29 20.81 1.33
CA GLU B 234 -27.41 20.73 2.79
C GLU B 234 -28.85 20.97 3.24
N GLN B 235 -29.57 21.87 2.57
CA GLN B 235 -30.98 22.05 2.85
C GLN B 235 -31.74 20.76 2.57
N GLY B 236 -31.46 20.13 1.43
CA GLY B 236 -32.07 18.86 1.13
C GLY B 236 -31.72 17.79 2.15
N SER B 237 -30.48 17.81 2.64
CA SER B 237 -30.07 16.85 3.68
C SER B 237 -30.88 17.04 4.95
N VAL B 238 -31.07 18.30 5.37
CA VAL B 238 -31.84 18.56 6.58
C VAL B 238 -33.29 18.11 6.42
N MET B 239 -33.90 18.45 5.29
CA MET B 239 -35.30 18.06 5.07
C MET B 239 -35.44 16.54 4.96
N MET B 240 -34.49 15.87 4.31
CA MET B 240 -34.55 14.42 4.21
C MET B 240 -34.36 13.75 5.56
N PHE B 241 -33.48 14.30 6.40
CA PHE B 241 -33.31 13.77 7.75
C PHE B 241 -34.59 13.93 8.56
N GLU B 242 -35.24 15.09 8.46
CA GLU B 242 -36.50 15.29 9.17
C GLU B 242 -37.55 14.31 8.68
N HIS B 243 -37.64 14.11 7.35
CA HIS B 243 -38.60 13.17 6.80
C HIS B 243 -38.33 11.75 7.30
N LEU B 244 -37.07 11.34 7.32
CA LEU B 244 -36.70 10.01 7.80
C LEU B 244 -37.11 9.84 9.26
N ILE B 245 -36.79 10.82 10.10
CA ILE B 245 -37.09 10.72 11.53
C ILE B 245 -38.60 10.62 11.75
N ASN B 246 -39.37 11.49 11.09
CA ASN B 246 -40.81 11.50 11.32
C ASN B 246 -41.52 10.34 10.65
N SER B 247 -40.90 9.71 9.66
CA SER B 247 -41.57 8.65 8.91
C SER B 247 -41.27 7.26 9.45
N ASN B 248 -40.02 7.00 9.85
CA ASN B 248 -39.62 5.65 10.24
C ASN B 248 -39.81 5.37 11.72
N GLY B 249 -40.37 6.29 12.47
CA GLY B 249 -40.61 6.09 13.89
C GLY B 249 -39.33 5.82 14.67
N ILE B 250 -38.44 6.79 14.70
CA ILE B 250 -37.14 6.63 15.35
C ILE B 250 -37.11 7.26 16.74
N LYS B 251 -38.03 8.18 17.05
CA LYS B 251 -37.99 8.87 18.34
C LYS B 251 -38.06 7.92 19.53
N PRO B 252 -39.04 7.01 19.64
CA PRO B 252 -39.09 6.17 20.84
C PRO B 252 -37.79 5.43 21.10
N VAL B 253 -37.10 5.01 20.04
CA VAL B 253 -35.75 4.46 20.19
C VAL B 253 -34.82 5.52 20.78
N MET B 254 -34.99 6.78 20.38
CA MET B 254 -34.12 7.85 20.87
C MET B 254 -34.27 8.07 22.37
N GLU B 255 -35.50 8.13 22.87
CA GLU B 255 -35.65 8.15 24.33
C GLU B 255 -35.23 6.83 24.98
N GLN B 256 -35.34 5.71 24.26
CA GLN B 256 -34.91 4.43 24.83
C GLN B 256 -33.41 4.42 25.10
N TYR B 257 -32.62 4.95 24.18
CA TYR B 257 -31.17 4.87 24.29
C TYR B 257 -30.53 6.05 24.99
N GLY B 258 -31.31 7.02 25.47
CA GLY B 258 -30.82 8.09 26.31
C GLY B 258 -31.01 9.48 25.71
N LEU B 259 -31.05 9.58 24.38
CA LEU B 259 -31.15 10.88 23.74
C LEU B 259 -32.48 11.56 24.06
N ILE B 260 -32.44 12.89 24.11
CA ILE B 260 -33.63 13.69 24.31
C ILE B 260 -33.97 14.38 23.00
N PRO B 261 -35.00 13.93 22.28
CA PRO B 261 -35.21 14.42 20.91
C PRO B 261 -35.41 15.93 20.80
N GLU B 262 -36.02 16.55 21.80
CA GLU B 262 -36.42 17.95 21.70
C GLU B 262 -35.23 18.85 21.34
N GLU B 263 -34.11 18.69 22.05
CA GLU B 263 -32.93 19.48 21.73
C GLU B 263 -31.91 18.74 20.88
N ASP B 264 -31.93 17.40 20.89
CA ASP B 264 -30.98 16.64 20.07
C ASP B 264 -31.28 16.77 18.59
N ILE B 265 -32.55 16.80 18.19
CA ILE B 265 -32.88 17.00 16.78
C ILE B 265 -32.39 18.37 16.31
N CYS B 266 -32.59 19.40 17.14
CA CYS B 266 -32.09 20.73 16.80
C CYS B 266 -30.57 20.74 16.71
N PHE B 267 -29.90 20.05 17.63
CA PHE B 267 -28.43 20.00 17.60
C PHE B 267 -27.93 19.34 16.34
N ILE B 268 -28.54 18.22 15.95
CA ILE B 268 -28.12 17.51 14.74
C ILE B 268 -28.41 18.36 13.50
N LYS B 269 -29.54 19.07 13.48
CA LYS B 269 -29.85 19.95 12.37
C LYS B 269 -28.85 21.09 12.28
N GLU B 270 -28.49 21.68 13.42
CA GLU B 270 -27.53 22.77 13.43
C GLU B 270 -26.14 22.32 13.00
N GLN B 271 -25.78 21.07 13.29
CA GLN B 271 -24.46 20.59 12.92
C GLN B 271 -24.26 20.51 11.41
N ILE B 272 -25.33 20.57 10.63
CA ILE B 272 -25.26 20.38 9.18
C ILE B 272 -25.33 21.71 8.43
N VAL B 273 -26.32 22.54 8.74
CA VAL B 273 -26.53 23.80 8.03
C VAL B 273 -26.16 25.02 8.84
N GLY B 274 -25.58 24.84 10.02
CA GLY B 274 -25.21 25.96 10.85
C GLY B 274 -26.40 26.60 11.53
N PRO B 275 -26.21 27.82 12.03
CA PRO B 275 -27.30 28.51 12.72
C PRO B 275 -28.49 28.76 11.79
N LEU B 276 -29.68 28.69 12.36
CA LEU B 276 -30.91 28.90 11.60
C LEU B 276 -31.91 29.73 12.39
N TRP B 285 -23.16 33.94 19.47
CA TRP B 285 -23.63 32.60 19.79
C TRP B 285 -25.08 32.41 19.36
N PRO B 286 -25.28 32.12 18.07
CA PRO B 286 -26.65 32.00 17.54
C PRO B 286 -27.19 30.59 17.59
N TYR B 287 -26.50 29.69 18.28
CA TYR B 287 -26.89 28.28 18.35
C TYR B 287 -27.87 28.04 19.50
N LYS B 288 -28.59 26.92 19.40
CA LYS B 288 -29.58 26.56 20.41
C LYS B 288 -29.48 25.12 20.90
N GLY B 289 -28.80 24.23 20.17
CA GLY B 289 -28.74 22.84 20.59
C GLY B 289 -27.95 22.65 21.87
N ARG B 290 -26.79 23.29 21.97
CA ARG B 290 -25.86 23.12 23.08
C ARG B 290 -25.43 24.48 23.59
N PRO B 291 -25.02 24.57 24.86
CA PRO B 291 -24.63 25.87 25.43
C PRO B 291 -23.29 26.37 24.90
N GLU B 292 -22.84 27.51 25.44
CA GLU B 292 -21.65 28.17 24.91
C GLU B 292 -20.38 27.38 25.20
N ASN B 293 -20.31 26.73 26.36
CA ASN B 293 -19.11 25.99 26.73
C ASN B 293 -18.95 24.67 25.98
N LYS B 294 -19.77 24.42 24.96
CA LYS B 294 -19.65 23.22 24.13
C LYS B 294 -19.44 23.58 22.66
N SER B 295 -18.82 24.73 22.39
CA SER B 295 -18.67 25.20 21.02
C SER B 295 -17.77 24.28 20.20
N PHE B 296 -16.87 23.54 20.84
CA PHE B 296 -15.97 22.67 20.11
C PHE B 296 -16.67 21.48 19.48
N LEU B 297 -17.94 21.24 19.82
CA LEU B 297 -18.71 20.18 19.19
C LEU B 297 -19.29 20.58 17.84
N TYR B 298 -19.28 21.88 17.52
CA TYR B 298 -19.84 22.39 16.27
C TYR B 298 -18.82 22.47 15.15
N GLU B 299 -17.59 22.04 15.38
CA GLU B 299 -16.50 22.17 14.42
C GLU B 299 -15.86 20.82 14.13
N ILE B 300 -16.67 19.77 14.02
CA ILE B 300 -16.18 18.43 13.73
C ILE B 300 -16.62 17.97 12.35
N VAL B 301 -17.94 17.86 12.14
CA VAL B 301 -18.45 17.39 10.85
C VAL B 301 -18.22 18.44 9.76
N SER B 302 -18.51 19.70 10.06
CA SER B 302 -18.34 20.77 9.09
C SER B 302 -17.91 22.03 9.83
N ASN B 303 -16.80 22.62 9.41
CA ASN B 303 -16.26 23.82 10.04
C ASN B 303 -16.58 25.03 9.18
N LYS B 304 -17.24 26.02 9.76
CA LYS B 304 -17.61 27.25 9.07
C LYS B 304 -16.56 28.34 9.21
N ARG B 305 -15.50 28.11 9.98
CA ARG B 305 -14.48 29.11 10.24
C ARG B 305 -13.26 28.97 9.34
N ASN B 306 -12.63 27.79 9.32
CA ASN B 306 -11.41 27.57 8.56
C ASN B 306 -11.45 26.29 7.72
N GLY B 307 -12.58 25.59 7.69
CA GLY B 307 -12.76 24.48 6.77
C GLY B 307 -11.86 23.27 7.00
N ILE B 308 -11.58 22.95 8.27
CA ILE B 308 -10.91 21.69 8.62
C ILE B 308 -11.93 20.80 9.31
N ASP B 309 -12.14 19.61 8.76
CA ASP B 309 -13.17 18.72 9.27
C ASP B 309 -12.85 17.30 8.83
N VAL B 310 -13.55 16.34 9.44
CA VAL B 310 -13.33 14.93 9.13
C VAL B 310 -13.84 14.56 7.75
N ASP B 311 -14.79 15.33 7.21
CA ASP B 311 -15.29 15.06 5.87
C ASP B 311 -14.19 15.19 4.82
N LYS B 312 -13.37 16.24 4.95
CA LYS B 312 -12.27 16.45 4.02
C LYS B 312 -11.29 15.29 4.07
N TRP B 313 -10.91 14.86 5.27
CA TRP B 313 -9.99 13.74 5.42
C TRP B 313 -10.58 12.47 4.80
N ASP B 314 -11.87 12.23 5.06
CA ASP B 314 -12.51 11.02 4.55
C ASP B 314 -12.48 10.99 3.03
N TYR B 315 -12.93 12.06 2.37
CA TYR B 315 -12.97 11.95 0.92
C TYR B 315 -11.59 12.09 0.29
N PHE B 316 -10.64 12.77 0.96
CA PHE B 316 -9.25 12.72 0.50
C PHE B 316 -8.77 11.28 0.42
N ALA B 317 -8.91 10.54 1.53
CA ALA B 317 -8.43 9.16 1.55
C ALA B 317 -9.17 8.30 0.54
N ARG B 318 -10.50 8.43 0.48
CA ARG B 318 -11.29 7.56 -0.40
C ARG B 318 -10.99 7.84 -1.87
N ASP B 319 -10.97 9.12 -2.26
CA ASP B 319 -10.70 9.47 -3.65
C ASP B 319 -9.28 9.08 -4.05
N CYS B 320 -8.30 9.29 -3.17
CA CYS B 320 -6.94 8.90 -3.49
C CYS B 320 -6.82 7.40 -3.64
N HIS B 321 -7.50 6.63 -2.78
CA HIS B 321 -7.47 5.18 -2.90
C HIS B 321 -8.12 4.70 -4.19
N HIS B 322 -9.25 5.30 -4.58
CA HIS B 322 -10.02 4.78 -5.69
C HIS B 322 -9.49 5.23 -7.05
N LEU B 323 -9.10 6.51 -7.16
CA LEU B 323 -8.66 7.04 -8.46
C LEU B 323 -7.35 6.41 -8.89
N GLY B 324 -6.40 6.25 -7.97
CA GLY B 324 -5.07 5.77 -8.32
C GLY B 324 -4.05 6.87 -8.19
N ILE B 325 -4.31 7.81 -7.29
CA ILE B 325 -3.44 8.97 -7.06
C ILE B 325 -3.05 8.97 -5.59
N GLN B 326 -1.76 9.14 -5.33
CA GLN B 326 -1.25 9.03 -3.97
C GLN B 326 -1.61 10.25 -3.14
N ASN B 327 -1.91 10.03 -1.86
CA ASN B 327 -2.29 11.08 -0.94
C ASN B 327 -1.05 11.66 -0.27
N ASN B 328 -1.24 12.77 0.44
CA ASN B 328 -0.16 13.40 1.20
C ASN B 328 -0.52 13.62 2.66
N PHE B 329 -1.76 14.00 2.97
CA PHE B 329 -2.12 14.39 4.31
C PHE B 329 -2.25 13.17 5.22
N ASP B 330 -1.95 13.37 6.50
CA ASP B 330 -2.04 12.33 7.53
C ASP B 330 -2.85 12.89 8.70
N TYR B 331 -4.12 12.47 8.80
CA TYR B 331 -5.01 13.00 9.82
C TYR B 331 -4.75 12.42 11.21
N LYS B 332 -4.18 11.21 11.28
CA LYS B 332 -3.91 10.60 12.58
C LYS B 332 -2.93 11.44 13.39
N ARG B 333 -1.90 11.97 12.74
CA ARG B 333 -0.96 12.85 13.42
C ARG B 333 -1.64 14.11 13.92
N PHE B 334 -2.58 14.65 13.13
CA PHE B 334 -3.32 15.82 13.57
C PHE B 334 -4.18 15.50 14.79
N ILE B 335 -4.80 14.32 14.81
CA ILE B 335 -5.60 13.93 15.98
C ILE B 335 -4.71 13.76 17.20
N LYS B 336 -3.49 13.25 16.99
CA LYS B 336 -2.58 13.04 18.12
C LYS B 336 -2.19 14.35 18.79
N PHE B 337 -2.23 15.46 18.07
CA PHE B 337 -1.81 16.76 18.57
C PHE B 337 -2.95 17.77 18.54
N ALA B 338 -4.12 17.38 19.04
CA ALA B 338 -5.28 18.25 19.09
C ALA B 338 -5.63 18.59 20.52
N ARG B 339 -6.14 19.81 20.72
CA ARG B 339 -6.46 20.30 22.06
C ARG B 339 -7.56 21.35 21.95
N VAL B 340 -8.18 21.63 23.10
CA VAL B 340 -9.28 22.59 23.19
C VAL B 340 -8.80 23.78 24.01
N CYS B 341 -8.89 24.98 23.44
CA CYS B 341 -8.43 26.20 24.08
C CYS B 341 -9.61 27.11 24.37
N GLU B 342 -9.38 28.11 25.22
CA GLU B 342 -10.36 29.15 25.51
C GLU B 342 -10.02 30.39 24.66
N VAL B 343 -10.35 30.31 23.37
CA VAL B 343 -10.03 31.38 22.43
C VAL B 343 -11.20 32.35 22.39
N ASP B 344 -10.96 33.58 22.85
CA ASP B 344 -11.96 34.64 22.86
C ASP B 344 -13.23 34.18 23.60
N ASN B 345 -13.03 33.80 24.87
CA ASN B 345 -14.05 33.25 25.76
C ASN B 345 -14.98 32.28 25.03
N GLU B 346 -14.42 31.41 24.20
CA GLU B 346 -15.19 30.43 23.46
C GLU B 346 -14.29 29.25 23.12
N LEU B 347 -14.66 28.07 23.61
CA LEU B 347 -13.84 26.89 23.41
C LEU B 347 -13.83 26.46 21.94
N ARG B 348 -12.65 26.08 21.46
CA ARG B 348 -12.51 25.59 20.09
C ARG B 348 -11.26 24.74 20.00
N ILE B 349 -11.18 23.97 18.91
CA ILE B 349 -10.09 23.02 18.74
C ILE B 349 -8.81 23.74 18.33
N CYS B 350 -7.74 23.48 19.05
CA CYS B 350 -6.42 24.00 18.73
C CYS B 350 -5.57 22.96 18.03
N ALA B 351 -4.42 23.40 17.52
CA ALA B 351 -3.46 22.52 16.88
C ALA B 351 -2.07 22.86 17.39
N ARG B 352 -1.18 21.89 17.33
CA ARG B 352 0.20 22.11 17.75
C ARG B 352 0.88 23.09 16.79
N ASP B 353 1.64 24.03 17.36
CA ASP B 353 2.18 25.14 16.57
C ASP B 353 3.20 24.69 15.53
N LYS B 354 3.71 23.48 15.64
CA LYS B 354 4.71 22.98 14.71
C LYS B 354 4.11 22.17 13.57
N GLU B 355 2.81 22.32 13.30
CA GLU B 355 2.14 21.65 12.18
C GLU B 355 1.49 22.64 11.23
N VAL B 356 2.05 23.85 11.11
CA VAL B 356 1.53 24.81 10.15
C VAL B 356 1.83 24.36 8.72
N GLY B 357 3.05 23.86 8.50
CA GLY B 357 3.40 23.32 7.19
C GLY B 357 2.53 22.15 6.80
N ASN B 358 2.11 21.35 7.78
CA ASN B 358 1.19 20.24 7.48
C ASN B 358 -0.15 20.75 6.98
N LEU B 359 -0.68 21.82 7.58
CA LEU B 359 -1.92 22.41 7.10
C LEU B 359 -1.77 22.99 5.70
N TYR B 360 -0.64 23.67 5.45
CA TYR B 360 -0.40 24.22 4.12
C TYR B 360 -0.29 23.10 3.09
N ASP B 361 0.35 21.99 3.45
CA ASP B 361 0.42 20.84 2.55
C ASP B 361 -0.95 20.20 2.34
N MET B 362 -1.80 20.20 3.36
CA MET B 362 -3.16 19.71 3.20
C MET B 362 -3.93 20.53 2.18
N PHE B 363 -3.82 21.86 2.28
CA PHE B 363 -4.52 22.71 1.31
C PHE B 363 -3.91 22.59 -0.08
N HIS B 364 -2.59 22.41 -0.18
CA HIS B 364 -1.97 22.16 -1.47
C HIS B 364 -2.47 20.85 -2.07
N THR B 365 -2.64 19.82 -1.24
CA THR B 365 -3.17 18.54 -1.73
C THR B 365 -4.60 18.71 -2.22
N ARG B 366 -5.41 19.49 -1.52
CA ARG B 366 -6.77 19.76 -1.98
C ARG B 366 -6.76 20.46 -3.34
N ASN B 367 -5.90 21.46 -3.49
CA ASN B 367 -5.78 22.17 -4.77
C ASN B 367 -5.33 21.21 -5.88
N SER B 368 -4.37 20.34 -5.57
CA SER B 368 -3.88 19.39 -6.57
C SER B 368 -4.97 18.41 -7.00
N LEU B 369 -5.76 17.93 -6.03
CA LEU B 369 -6.87 17.03 -6.37
C LEU B 369 -7.88 17.73 -7.27
N HIS B 370 -8.24 18.97 -6.93
CA HIS B 370 -9.17 19.72 -7.78
C HIS B 370 -8.60 19.93 -9.17
N ARG B 371 -7.31 20.26 -9.26
CA ARG B 371 -6.69 20.51 -10.56
C ARG B 371 -6.64 19.25 -11.41
N ARG B 372 -6.36 18.10 -10.80
CA ARG B 372 -6.11 16.88 -11.56
C ARG B 372 -7.39 16.11 -11.91
N ALA B 373 -8.30 15.93 -10.94
CA ALA B 373 -9.41 15.02 -11.14
C ALA B 373 -10.77 15.72 -11.21
N TYR B 374 -11.07 16.59 -10.24
CA TYR B 374 -12.42 17.14 -10.15
C TYR B 374 -12.75 18.08 -11.31
N GLN B 375 -11.75 18.82 -11.81
CA GLN B 375 -11.97 19.80 -12.86
C GLN B 375 -11.36 19.37 -14.19
N HIS B 376 -11.41 18.07 -14.51
CA HIS B 376 -10.94 17.60 -15.80
C HIS B 376 -11.84 18.12 -16.91
N LYS B 377 -11.23 18.47 -18.05
CA LYS B 377 -11.98 19.07 -19.14
C LYS B 377 -12.99 18.10 -19.75
N VAL B 378 -12.56 16.86 -19.98
CA VAL B 378 -13.45 15.86 -20.56
C VAL B 378 -14.60 15.54 -19.61
N GLY B 379 -14.30 15.39 -18.32
CA GLY B 379 -15.36 15.17 -17.34
C GLY B 379 -16.32 16.33 -17.26
N ASN B 380 -15.80 17.55 -17.31
CA ASN B 380 -16.66 18.73 -17.27
C ASN B 380 -17.59 18.79 -18.47
N ILE B 381 -17.07 18.50 -19.67
CA ILE B 381 -17.93 18.54 -20.84
C ILE B 381 -18.95 17.39 -20.82
N ILE B 382 -18.57 16.24 -20.25
CA ILE B 382 -19.54 15.15 -20.13
C ILE B 382 -20.66 15.54 -19.17
N ASP B 383 -20.30 16.19 -18.06
CA ASP B 383 -21.33 16.72 -17.16
C ASP B 383 -22.24 17.71 -17.88
N THR B 384 -21.64 18.56 -18.72
CA THR B 384 -22.43 19.55 -19.46
C THR B 384 -23.43 18.87 -20.40
N MET B 385 -22.98 17.85 -21.13
CA MET B 385 -23.89 17.16 -22.05
C MET B 385 -24.96 16.38 -21.30
N ILE B 386 -24.62 15.78 -20.15
CA ILE B 386 -25.62 15.09 -19.35
C ILE B 386 -26.67 16.08 -18.84
N THR B 387 -26.22 17.24 -18.39
CA THR B 387 -27.16 18.28 -17.95
C THR B 387 -28.05 18.74 -19.09
N ASP B 388 -27.49 18.87 -20.29
CA ASP B 388 -28.28 19.25 -21.45
C ASP B 388 -29.35 18.21 -21.75
N ALA B 389 -28.98 16.93 -21.68
CA ALA B 389 -29.97 15.86 -21.90
C ALA B 389 -31.06 15.89 -20.84
N PHE B 390 -30.68 16.12 -19.58
CA PHE B 390 -31.67 16.21 -18.51
C PHE B 390 -32.62 17.37 -18.74
N LEU B 391 -32.09 18.53 -19.16
CA LEU B 391 -32.94 19.67 -19.45
C LEU B 391 -33.89 19.37 -20.60
N LYS B 392 -33.40 18.72 -21.65
CA LYS B 392 -34.26 18.40 -22.79
C LYS B 392 -35.31 17.36 -22.44
N ALA B 393 -35.05 16.52 -21.44
CA ALA B 393 -35.96 15.46 -21.04
C ALA B 393 -36.61 15.76 -19.69
N ASP B 394 -36.96 17.03 -19.45
CA ASP B 394 -37.50 17.45 -18.16
C ASP B 394 -39.02 17.40 -18.12
N ASP B 395 -39.69 17.82 -19.20
CA ASP B 395 -41.14 17.95 -19.22
C ASP B 395 -41.86 16.68 -19.64
N TYR B 396 -41.16 15.54 -19.67
CA TYR B 396 -41.75 14.29 -20.09
C TYR B 396 -41.53 13.15 -19.09
N ILE B 397 -40.97 13.46 -17.92
CA ILE B 397 -40.75 12.46 -16.87
C ILE B 397 -41.67 12.77 -15.71
N GLU B 398 -42.41 11.76 -15.26
CA GLU B 398 -43.34 11.89 -14.15
C GLU B 398 -42.88 11.06 -12.96
N ILE B 399 -42.89 11.68 -11.79
CA ILE B 399 -42.51 11.02 -10.54
C ILE B 399 -43.67 11.16 -9.56
N THR B 400 -44.05 10.05 -8.93
CA THR B 400 -45.18 10.05 -8.00
C THR B 400 -44.73 10.55 -6.64
N GLY B 401 -45.42 11.56 -6.12
CA GLY B 401 -45.12 12.16 -4.84
C GLY B 401 -46.03 11.68 -3.74
N ALA B 402 -46.30 12.57 -2.79
CA ALA B 402 -47.17 12.26 -1.65
C ALA B 402 -48.62 12.52 -2.02
N GLY B 403 -49.50 11.59 -1.65
CA GLY B 403 -50.91 11.74 -1.97
C GLY B 403 -51.27 11.53 -3.41
N GLY B 404 -50.44 10.83 -4.17
CA GLY B 404 -50.70 10.60 -5.58
C GLY B 404 -50.33 11.74 -6.50
N LYS B 405 -49.63 12.76 -5.99
CA LYS B 405 -49.25 13.89 -6.82
C LYS B 405 -48.13 13.50 -7.77
N LYS B 406 -48.07 14.19 -8.90
CA LYS B 406 -47.06 13.95 -9.94
C LYS B 406 -46.13 15.14 -10.01
N TYR B 407 -44.83 14.88 -10.01
CA TYR B 407 -43.80 15.91 -10.00
C TYR B 407 -42.90 15.76 -11.22
N ARG B 408 -41.93 16.66 -11.34
CA ARG B 408 -40.94 16.65 -12.40
C ARG B 408 -39.55 16.56 -11.79
N ILE B 409 -38.54 16.46 -12.66
CA ILE B 409 -37.16 16.36 -12.19
C ILE B 409 -36.76 17.61 -11.43
N SER B 410 -37.12 18.78 -11.96
CA SER B 410 -36.80 20.03 -11.29
C SER B 410 -37.72 20.31 -10.10
N THR B 411 -38.96 19.83 -10.16
CA THR B 411 -39.94 20.08 -9.10
C THR B 411 -39.86 19.06 -7.97
N ALA B 412 -39.07 17.98 -8.14
CA ALA B 412 -39.01 16.93 -7.14
C ALA B 412 -38.34 17.36 -5.84
N ILE B 413 -37.71 18.54 -5.81
CA ILE B 413 -37.00 19.00 -4.61
C ILE B 413 -37.98 19.69 -3.67
N ASP B 414 -39.27 19.63 -3.99
CA ASP B 414 -40.32 20.18 -3.14
C ASP B 414 -40.96 19.14 -2.23
N ASP B 415 -41.12 17.91 -2.72
CA ASP B 415 -41.67 16.81 -1.93
C ASP B 415 -40.62 15.72 -1.79
N MET B 416 -40.38 15.29 -0.55
CA MET B 416 -39.35 14.27 -0.31
C MET B 416 -39.82 12.86 -0.66
N GLU B 417 -41.13 12.59 -0.67
CA GLU B 417 -41.59 11.27 -1.07
C GLU B 417 -41.27 10.99 -2.52
N ALA B 418 -41.25 12.03 -3.36
CA ALA B 418 -40.83 11.87 -4.74
C ALA B 418 -39.33 12.03 -4.93
N TYR B 419 -38.68 12.80 -4.05
CA TYR B 419 -37.23 12.96 -4.12
C TYR B 419 -36.50 11.71 -3.65
N THR B 420 -37.16 10.84 -2.88
CA THR B 420 -36.52 9.61 -2.43
C THR B 420 -36.21 8.69 -3.60
N LYS B 421 -37.09 8.63 -4.60
CA LYS B 421 -36.90 7.80 -5.77
C LYS B 421 -36.24 8.54 -6.92
N LEU B 422 -35.51 9.62 -6.62
CA LEU B 422 -34.78 10.39 -7.62
C LEU B 422 -33.30 10.04 -7.48
N THR B 423 -32.81 9.13 -8.31
CA THR B 423 -31.43 8.67 -8.25
C THR B 423 -30.83 8.61 -9.65
N ASP B 424 -29.67 7.98 -9.78
CA ASP B 424 -28.99 7.86 -11.07
C ASP B 424 -29.70 6.93 -12.04
N ASN B 425 -30.87 6.39 -11.71
CA ASN B 425 -31.62 5.54 -12.63
C ASN B 425 -32.28 6.33 -13.74
N ILE B 426 -32.43 7.64 -13.59
CA ILE B 426 -33.06 8.46 -14.62
C ILE B 426 -32.20 8.49 -15.87
N PHE B 427 -30.89 8.41 -15.73
CA PHE B 427 -30.00 8.36 -16.88
C PHE B 427 -30.33 7.18 -17.78
N LEU B 428 -30.43 5.98 -17.20
CA LEU B 428 -30.77 4.80 -17.98
C LEU B 428 -32.22 4.77 -18.39
N GLU B 429 -33.10 5.42 -17.62
CA GLU B 429 -34.49 5.54 -18.03
C GLU B 429 -34.61 6.33 -19.33
N ILE B 430 -33.88 7.44 -19.44
CA ILE B 430 -33.88 8.21 -20.67
C ILE B 430 -33.15 7.46 -21.77
N LEU B 431 -32.03 6.82 -21.44
CA LEU B 431 -31.22 6.15 -22.45
C LEU B 431 -31.93 4.96 -23.06
N TYR B 432 -32.64 4.18 -22.26
CA TYR B 432 -33.28 2.95 -22.71
C TYR B 432 -34.73 3.15 -23.12
N SER B 433 -35.20 4.40 -23.16
CA SER B 433 -36.60 4.67 -23.44
C SER B 433 -36.91 4.44 -24.92
N THR B 434 -38.21 4.50 -25.23
CA THR B 434 -38.69 4.33 -26.60
C THR B 434 -39.74 5.38 -26.92
N ASP B 435 -40.10 6.23 -25.98
CA ASP B 435 -41.13 7.25 -26.21
C ASP B 435 -40.65 8.24 -27.27
N PRO B 436 -41.51 8.62 -28.22
CA PRO B 436 -41.07 9.57 -29.26
C PRO B 436 -40.77 10.97 -28.73
N LYS B 437 -41.22 11.31 -27.53
CA LYS B 437 -40.98 12.63 -26.98
CA LYS B 437 -40.99 12.63 -26.95
C LYS B 437 -39.61 12.77 -26.31
N LEU B 438 -38.85 11.68 -26.20
CA LEU B 438 -37.53 11.70 -25.59
C LEU B 438 -36.43 11.45 -26.62
N LYS B 439 -36.66 11.79 -27.89
CA LYS B 439 -35.70 11.44 -28.93
C LYS B 439 -34.42 12.25 -28.83
N ASP B 440 -34.52 13.55 -28.52
CA ASP B 440 -33.34 14.40 -28.52
C ASP B 440 -32.39 14.03 -27.39
N ALA B 441 -32.91 13.82 -26.18
CA ALA B 441 -32.07 13.41 -25.06
C ALA B 441 -31.46 12.04 -25.31
N ARG B 442 -32.23 11.14 -25.90
CA ARG B 442 -31.70 9.83 -26.25
C ARG B 442 -30.54 9.94 -27.23
N GLU B 443 -30.68 10.81 -28.24
CA GLU B 443 -29.59 11.01 -29.20
C GLU B 443 -28.37 11.61 -28.52
N ILE B 444 -28.58 12.55 -27.59
CA ILE B 444 -27.45 13.13 -26.87
C ILE B 444 -26.72 12.06 -26.08
N LEU B 445 -27.46 11.20 -25.39
CA LEU B 445 -26.82 10.13 -24.62
C LEU B 445 -26.11 9.13 -25.52
N LYS B 446 -26.70 8.80 -26.67
CA LYS B 446 -26.04 7.89 -27.60
C LYS B 446 -24.75 8.50 -28.14
N GLN B 447 -24.75 9.81 -28.40
CA GLN B 447 -23.51 10.48 -28.79
C GLN B 447 -22.49 10.44 -27.66
N ILE B 448 -22.95 10.53 -26.41
CA ILE B 448 -22.05 10.36 -25.27
C ILE B 448 -21.41 8.99 -25.30
N GLU B 449 -22.20 7.95 -25.57
CA GLU B 449 -21.70 6.58 -25.53
C GLU B 449 -20.87 6.21 -26.75
N TYR B 450 -20.88 7.02 -27.80
CA TYR B 450 -20.00 6.82 -28.95
C TYR B 450 -18.75 7.69 -28.89
N ARG B 451 -18.57 8.45 -27.81
CA ARG B 451 -17.46 9.39 -27.66
C ARG B 451 -17.46 10.43 -28.79
N ASN B 452 -18.65 10.91 -29.14
CA ASN B 452 -18.79 12.07 -30.01
C ASN B 452 -18.98 13.32 -29.15
N LEU B 453 -17.94 13.60 -28.37
CA LEU B 453 -17.99 14.64 -27.36
C LEU B 453 -17.80 16.01 -28.00
N PHE B 454 -18.18 17.05 -27.26
CA PHE B 454 -17.97 18.42 -27.71
C PHE B 454 -16.48 18.73 -27.70
N LYS B 455 -16.00 19.29 -28.81
CA LYS B 455 -14.57 19.55 -28.94
C LYS B 455 -14.15 20.72 -28.07
N TYR B 456 -12.86 20.74 -27.73
CA TYR B 456 -12.27 21.73 -26.84
C TYR B 456 -11.42 22.68 -27.67
N VAL B 457 -11.73 23.97 -27.61
CA VAL B 457 -11.07 24.97 -28.45
C VAL B 457 -9.81 25.47 -27.76
N GLY B 458 -9.96 26.08 -26.60
CA GLY B 458 -8.82 26.59 -25.87
C GLY B 458 -9.26 27.19 -24.56
N GLU B 459 -8.28 27.38 -23.67
CA GLU B 459 -8.51 27.97 -22.37
C GLU B 459 -7.76 29.29 -22.25
N THR B 460 -8.43 30.29 -21.68
CA THR B 460 -7.79 31.55 -21.37
C THR B 460 -6.82 31.36 -20.22
N GLN B 461 -5.73 32.14 -20.24
CA GLN B 461 -4.79 32.13 -19.12
C GLN B 461 -5.51 32.55 -17.84
N PRO B 462 -5.00 32.10 -16.68
CA PRO B 462 -5.61 32.51 -15.40
C PRO B 462 -5.86 34.00 -15.35
N THR B 463 -7.14 34.37 -15.28
CA THR B 463 -7.64 35.73 -15.53
C THR B 463 -6.75 36.81 -14.93
N GLY B 464 -6.37 37.79 -15.76
CA GLY B 464 -5.54 38.90 -15.29
C GLY B 464 -6.17 39.66 -14.14
N GLN B 465 -7.23 40.42 -14.41
CA GLN B 465 -8.01 41.02 -13.33
C GLN B 465 -9.43 41.29 -13.84
N ILE B 466 -10.33 40.34 -13.61
CA ILE B 466 -11.77 40.55 -13.70
C ILE B 466 -12.47 39.35 -13.07
N LYS B 467 -13.54 39.60 -12.33
CA LYS B 467 -14.34 38.53 -11.74
C LYS B 467 -15.68 38.46 -12.44
N ILE B 468 -16.01 37.27 -12.95
CA ILE B 468 -17.26 37.04 -13.68
C ILE B 468 -18.24 36.38 -12.71
N LYS B 469 -19.37 37.03 -12.49
CA LYS B 469 -20.39 36.51 -11.61
C LYS B 469 -21.27 35.49 -12.35
N ARG B 470 -22.15 34.84 -11.58
CA ARG B 470 -22.96 33.76 -12.14
C ARG B 470 -23.89 34.27 -13.23
N GLU B 471 -24.51 35.44 -13.01
CA GLU B 471 -25.46 35.97 -13.98
C GLU B 471 -24.81 36.33 -15.31
N ASP B 472 -23.48 36.51 -15.33
CA ASP B 472 -22.78 36.83 -16.56
C ASP B 472 -22.40 35.60 -17.38
N TYR B 473 -22.74 34.40 -16.90
CA TYR B 473 -22.36 33.19 -17.62
C TYR B 473 -23.08 33.06 -18.96
N GLU B 474 -24.32 33.53 -19.04
CA GLU B 474 -25.15 33.31 -20.23
C GLU B 474 -24.81 34.27 -21.37
N SER B 475 -24.07 35.34 -21.11
CA SER B 475 -23.74 36.31 -22.15
C SER B 475 -22.43 36.03 -22.85
N LEU B 476 -21.57 35.19 -22.27
CA LEU B 476 -20.25 34.94 -22.84
C LEU B 476 -20.28 34.32 -24.24
N PRO B 477 -21.12 33.32 -24.55
CA PRO B 477 -21.12 32.80 -25.93
C PRO B 477 -21.46 33.84 -26.98
N LYS B 478 -22.37 34.77 -26.66
CA LYS B 478 -22.68 35.85 -27.59
C LYS B 478 -21.47 36.73 -27.83
N GLU B 479 -20.72 37.06 -26.78
CA GLU B 479 -19.51 37.85 -26.93
C GLU B 479 -18.47 37.11 -27.77
N VAL B 480 -18.33 35.81 -27.56
CA VAL B 480 -17.36 35.03 -28.34
C VAL B 480 -17.75 35.01 -29.81
N ALA B 481 -19.03 34.81 -30.10
CA ALA B 481 -19.46 34.72 -31.49
C ALA B 481 -19.47 36.08 -32.18
N SER B 482 -19.68 37.16 -31.42
CA SER B 482 -19.77 38.48 -32.03
C SER B 482 -18.42 39.01 -32.47
N ALA B 483 -17.33 38.48 -31.92
CA ALA B 483 -16.00 38.98 -32.23
C ALA B 483 -15.69 38.79 -33.72
N LYS B 484 -15.17 39.85 -34.34
CA LYS B 484 -14.83 39.81 -35.76
C LYS B 484 -13.33 39.61 -35.92
N PRO B 485 -12.88 38.49 -36.47
CA PRO B 485 -11.44 38.30 -36.68
C PRO B 485 -10.89 39.29 -37.70
N LYS B 486 -9.60 39.61 -37.55
CA LYS B 486 -8.95 40.51 -38.49
C LYS B 486 -8.89 39.89 -39.89
N VAL B 487 -8.80 38.58 -39.98
CA VAL B 487 -8.82 37.86 -41.25
C VAL B 487 -10.23 37.32 -41.45
N LEU B 488 -10.79 37.55 -42.63
CA LEU B 488 -12.15 37.09 -42.91
C LEU B 488 -12.17 35.56 -43.02
N LEU B 489 -13.19 34.95 -42.42
CA LEU B 489 -13.41 33.51 -42.50
C LEU B 489 -14.67 33.24 -43.31
N ASP B 490 -14.57 32.30 -44.26
CA ASP B 490 -15.75 31.90 -45.02
C ASP B 490 -16.80 31.25 -44.13
N VAL B 491 -16.37 30.40 -43.19
CA VAL B 491 -17.29 29.74 -42.29
C VAL B 491 -17.81 30.74 -41.25
N LYS B 492 -19.10 30.65 -40.96
CA LYS B 492 -19.75 31.51 -39.98
C LYS B 492 -20.28 30.66 -38.84
N LEU B 493 -20.19 31.19 -37.62
CA LEU B 493 -20.63 30.49 -36.43
C LEU B 493 -21.58 31.37 -35.63
N LYS B 494 -22.57 30.74 -35.00
CA LYS B 494 -23.56 31.44 -34.19
C LYS B 494 -23.24 31.29 -32.71
N ALA B 495 -23.99 32.05 -31.89
CA ALA B 495 -23.77 32.03 -30.45
C ALA B 495 -24.25 30.73 -29.81
N GLU B 496 -25.11 29.97 -30.48
CA GLU B 496 -25.64 28.74 -29.91
C GLU B 496 -24.65 27.58 -29.96
N ASP B 497 -23.59 27.70 -30.75
CA ASP B 497 -22.62 26.61 -30.94
C ASP B 497 -21.33 26.84 -30.16
N PHE B 498 -21.39 27.58 -29.06
CA PHE B 498 -20.23 27.83 -28.22
C PHE B 498 -20.57 27.52 -26.77
N ILE B 499 -19.73 26.72 -26.12
CA ILE B 499 -19.85 26.41 -24.71
C ILE B 499 -18.74 27.15 -23.99
N VAL B 500 -19.12 28.06 -23.09
CA VAL B 500 -18.17 28.81 -22.28
C VAL B 500 -18.32 28.35 -20.84
N ASP B 501 -17.22 27.92 -20.24
CA ASP B 501 -17.20 27.38 -18.89
C ASP B 501 -16.24 28.20 -18.04
N VAL B 502 -16.66 28.51 -16.82
CA VAL B 502 -15.88 29.30 -15.89
C VAL B 502 -15.57 28.44 -14.67
N ILE B 503 -14.28 28.30 -14.35
CA ILE B 503 -13.82 27.50 -13.22
C ILE B 503 -13.26 28.43 -12.15
N ASN B 504 -13.52 28.08 -10.90
CA ASN B 504 -13.03 28.85 -9.75
C ASN B 504 -12.16 27.95 -8.89
N MET B 505 -10.95 28.42 -8.60
CA MET B 505 -10.02 27.71 -7.74
C MET B 505 -9.65 28.62 -6.57
N ASP B 506 -9.73 28.08 -5.35
CA ASP B 506 -9.44 28.85 -4.15
C ASP B 506 -9.12 27.88 -3.02
N TYR B 507 -8.93 28.44 -1.82
CA TYR B 507 -8.70 27.66 -0.62
C TYR B 507 -9.96 27.52 0.23
N GLY B 508 -11.13 27.78 -0.34
CA GLY B 508 -12.38 27.69 0.37
C GLY B 508 -12.78 28.91 1.15
N MET B 509 -12.10 30.05 0.96
CA MET B 509 -12.43 31.25 1.71
C MET B 509 -12.49 32.51 0.85
N GLN B 510 -12.47 32.39 -0.48
CA GLN B 510 -12.66 33.52 -1.39
C GLN B 510 -11.60 34.61 -1.15
N GLU B 511 -10.36 34.24 -1.46
CA GLU B 511 -9.16 35.09 -1.41
C GLU B 511 -8.63 35.30 0.00
N LYS B 512 -9.21 34.65 1.00
CA LYS B 512 -8.72 34.74 2.37
C LYS B 512 -7.77 33.58 2.66
N ASN B 513 -6.93 33.78 3.68
CA ASN B 513 -6.01 32.74 4.13
C ASN B 513 -6.69 31.92 5.20
N PRO B 514 -6.98 30.63 4.97
CA PRO B 514 -7.62 29.82 6.02
C PRO B 514 -6.78 29.67 7.28
N ILE B 515 -5.45 29.65 7.15
CA ILE B 515 -4.59 29.46 8.31
C ILE B 515 -4.65 30.63 9.26
N ASP B 516 -5.06 31.81 8.78
CA ASP B 516 -5.18 32.97 9.64
C ASP B 516 -6.31 32.83 10.68
N HIS B 517 -7.20 31.86 10.50
CA HIS B 517 -8.30 31.62 11.43
C HIS B 517 -8.06 30.41 12.33
N VAL B 518 -6.89 29.78 12.22
CA VAL B 518 -6.56 28.65 13.06
C VAL B 518 -5.81 29.14 14.29
N SER B 519 -5.98 28.43 15.41
CA SER B 519 -5.32 28.75 16.66
C SER B 519 -4.30 27.67 16.99
N PHE B 520 -3.14 28.10 17.47
CA PHE B 520 -2.05 27.19 17.82
C PHE B 520 -1.65 27.39 19.28
N TYR B 521 -1.08 26.36 19.86
CA TYR B 521 -0.61 26.41 21.25
C TYR B 521 0.82 25.91 21.31
N CYS B 522 1.50 26.23 22.41
CA CYS B 522 2.90 25.90 22.63
C CYS B 522 3.01 24.83 23.71
N LYS B 523 4.02 23.98 23.58
CA LYS B 523 4.20 22.88 24.54
C LYS B 523 4.49 23.39 25.95
N THR B 524 5.16 24.54 26.06
CA THR B 524 5.47 25.08 27.37
C THR B 524 4.21 25.47 28.14
N ALA B 525 3.25 26.08 27.46
CA ALA B 525 1.98 26.51 28.06
C ALA B 525 0.85 25.99 27.19
N PRO B 526 0.41 24.75 27.41
CA PRO B 526 -0.62 24.16 26.55
C PRO B 526 -2.02 24.73 26.75
N ASN B 527 -2.19 25.71 27.64
CA ASN B 527 -3.50 26.30 27.91
C ASN B 527 -3.67 27.68 27.27
N ARG B 528 -2.74 28.09 26.40
CA ARG B 528 -2.80 29.40 25.76
C ARG B 528 -2.71 29.23 24.26
N ALA B 529 -3.45 30.06 23.54
CA ALA B 529 -3.52 30.02 22.08
C ALA B 529 -2.85 31.24 21.47
N ILE B 530 -2.15 31.03 20.35
CA ILE B 530 -1.44 32.09 19.65
C ILE B 530 -1.78 32.02 18.18
N ARG B 531 -1.50 33.12 17.47
CA ARG B 531 -1.73 33.23 16.05
C ARG B 531 -0.40 33.33 15.31
N ILE B 532 -0.32 32.65 14.16
CA ILE B 532 0.89 32.61 13.35
C ILE B 532 0.57 33.21 11.99
N THR B 533 1.41 34.16 11.56
CA THR B 533 1.26 34.80 10.25
C THR B 533 2.04 34.04 9.19
N LYS B 534 1.76 34.38 7.93
CA LYS B 534 2.42 33.69 6.82
C LYS B 534 3.92 33.97 6.79
N ASN B 535 4.32 35.18 7.14
CA ASN B 535 5.73 35.56 7.07
C ASN B 535 6.60 34.78 8.04
N GLN B 536 6.00 34.18 9.08
CA GLN B 536 6.75 33.43 10.08
C GLN B 536 6.96 31.97 9.72
N VAL B 537 6.42 31.51 8.59
CA VAL B 537 6.49 30.10 8.24
C VAL B 537 7.56 29.88 7.18
N SER B 538 7.37 30.44 6.00
CA SER B 538 8.31 30.25 4.90
C SER B 538 8.04 31.30 3.83
N GLN B 539 9.03 31.50 2.97
CA GLN B 539 8.91 32.40 1.82
C GLN B 539 8.58 31.66 0.53
N LEU B 540 8.36 30.34 0.58
CA LEU B 540 8.05 29.55 -0.60
C LEU B 540 6.57 29.24 -0.70
N LEU B 541 5.71 30.16 -0.26
CA LEU B 541 4.26 29.99 -0.27
C LEU B 541 3.63 30.87 -1.33
N PRO B 542 2.48 30.47 -1.90
CA PRO B 542 1.84 31.28 -2.93
C PRO B 542 1.37 32.62 -2.39
N GLU B 543 1.44 33.63 -3.26
CA GLU B 543 1.05 34.98 -2.88
C GLU B 543 -0.46 35.15 -2.83
N LYS B 544 -1.18 34.50 -3.75
CA LYS B 544 -2.62 34.64 -3.86
C LYS B 544 -3.31 33.33 -3.51
N PHE B 545 -4.60 33.43 -3.18
CA PHE B 545 -5.37 32.26 -2.74
C PHE B 545 -6.65 32.08 -3.56
N ALA B 546 -6.75 32.70 -4.72
CA ALA B 546 -7.91 32.53 -5.58
C ALA B 546 -7.49 32.66 -7.03
N GLU B 547 -8.31 32.11 -7.92
CA GLU B 547 -7.98 32.07 -9.34
C GLU B 547 -9.26 31.82 -10.12
N GLN B 548 -9.22 32.15 -11.42
CA GLN B 548 -10.31 31.87 -12.33
C GLN B 548 -9.74 31.36 -13.65
N LEU B 549 -10.47 30.44 -14.27
CA LEU B 549 -10.07 29.86 -15.54
C LEU B 549 -11.29 29.77 -16.45
N ILE B 550 -11.15 30.27 -17.68
CA ILE B 550 -12.24 30.29 -18.65
C ILE B 550 -11.91 29.29 -19.75
N ARG B 551 -12.84 28.39 -20.03
CA ARG B 551 -12.68 27.35 -21.03
C ARG B 551 -13.77 27.48 -22.08
N VAL B 552 -13.39 27.29 -23.35
CA VAL B 552 -14.30 27.42 -24.48
C VAL B 552 -14.33 26.10 -25.23
N TYR B 553 -15.54 25.61 -25.49
CA TYR B 553 -15.76 24.39 -26.25
C TYR B 553 -16.63 24.69 -27.48
N CYS B 554 -16.57 23.80 -28.46
CA CYS B 554 -17.32 23.94 -29.70
C CYS B 554 -18.17 22.70 -29.94
N LYS B 555 -19.34 22.91 -30.53
CA LYS B 555 -20.25 21.82 -30.84
C LYS B 555 -19.94 21.18 -32.20
N LYS B 556 -19.74 22.00 -33.22
CA LYS B 556 -19.41 21.48 -34.55
C LYS B 556 -18.06 20.75 -34.49
N VAL B 557 -17.95 19.66 -35.25
CA VAL B 557 -16.82 18.76 -35.12
C VAL B 557 -15.91 18.73 -36.35
N ASP B 558 -16.37 19.22 -37.50
CA ASP B 558 -15.52 19.22 -38.68
C ASP B 558 -14.37 20.21 -38.52
N ARG B 559 -13.28 19.96 -39.24
CA ARG B 559 -12.04 20.68 -39.02
C ARG B 559 -12.18 22.18 -39.30
N LYS B 560 -12.95 22.53 -40.34
CA LYS B 560 -13.11 23.94 -40.70
C LYS B 560 -13.77 24.71 -39.56
N SER B 561 -14.80 24.11 -38.94
CA SER B 561 -15.47 24.78 -37.82
C SER B 561 -14.54 24.91 -36.62
N LEU B 562 -13.70 23.91 -36.36
CA LEU B 562 -12.73 24.03 -35.27
C LEU B 562 -11.73 25.15 -35.53
N TYR B 563 -11.25 25.27 -36.77
CA TYR B 563 -10.33 26.34 -37.11
C TYR B 563 -11.00 27.71 -36.95
N ALA B 564 -12.24 27.83 -37.42
CA ALA B 564 -12.98 29.08 -37.26
C ALA B 564 -13.20 29.40 -35.79
N ALA B 565 -13.53 28.39 -34.98
CA ALA B 565 -13.73 28.62 -33.56
C ALA B 565 -12.43 29.05 -32.87
N ARG B 566 -11.29 28.48 -33.29
CA ARG B 566 -10.02 28.91 -32.74
C ARG B 566 -9.73 30.36 -33.09
N GLN B 567 -10.01 30.75 -34.34
CA GLN B 567 -9.84 32.15 -34.73
C GLN B 567 -10.74 33.07 -33.91
N TYR B 568 -12.00 32.67 -33.73
CA TYR B 568 -12.92 33.45 -32.92
C TYR B 568 -12.42 33.57 -31.48
N PHE B 569 -11.91 32.48 -30.93
CA PHE B 569 -11.43 32.49 -29.55
C PHE B 569 -10.23 33.41 -29.38
N VAL B 570 -9.27 33.34 -30.29
CA VAL B 570 -8.09 34.19 -30.14
C VAL B 570 -8.46 35.65 -30.33
N GLN B 571 -9.37 35.94 -31.27
CA GLN B 571 -9.83 37.32 -31.46
C GLN B 571 -10.53 37.83 -30.21
N TRP B 572 -11.41 37.01 -29.61
CA TRP B 572 -12.12 37.43 -28.41
C TRP B 572 -11.16 37.62 -27.23
N CYS B 573 -10.17 36.73 -27.12
CA CYS B 573 -9.19 36.85 -26.04
C CYS B 573 -8.38 38.13 -26.18
N ALA B 574 -7.97 38.46 -27.41
CA ALA B 574 -7.25 39.70 -27.64
C ALA B 574 -8.12 40.92 -27.36
N ASP B 575 -9.39 40.86 -27.76
CA ASP B 575 -10.27 42.03 -27.64
C ASP B 575 -10.53 42.38 -26.19
N ARG B 576 -10.75 41.40 -25.32
CA ARG B 576 -11.10 41.66 -23.93
C ARG B 576 -9.87 41.80 -23.04
N ASN B 577 -8.66 41.73 -23.61
CA ASN B 577 -7.41 41.95 -22.90
C ASN B 577 -7.20 40.90 -21.81
N PHE B 578 -7.22 39.64 -22.23
CA PHE B 578 -6.91 38.53 -21.33
C PHE B 578 -5.47 38.05 -21.54
N THR C 114 6.97 12.69 30.57
CA THR C 114 7.55 12.89 29.25
C THR C 114 6.89 11.98 28.20
N MET C 115 5.61 12.23 27.93
CA MET C 115 4.88 11.46 26.93
C MET C 115 5.45 11.76 25.55
N LYS C 116 6.12 10.79 24.95
CA LYS C 116 6.74 10.96 23.64
C LYS C 116 5.97 10.17 22.59
N VAL C 117 6.20 10.54 21.33
CA VAL C 117 5.55 9.92 20.19
C VAL C 117 6.61 9.48 19.20
N ILE C 118 6.51 8.25 18.71
CA ILE C 118 7.46 7.68 17.77
C ILE C 118 6.70 7.21 16.54
N ASN C 119 7.19 7.59 15.36
CA ASN C 119 6.56 7.20 14.10
C ASN C 119 7.25 5.96 13.56
N ASP C 120 6.45 4.92 13.29
CA ASP C 120 6.95 3.65 12.80
C ASP C 120 6.36 3.37 11.42
N PRO C 121 7.14 2.75 10.52
CA PRO C 121 6.58 2.43 9.20
C PRO C 121 5.47 1.39 9.24
N ILE C 122 5.47 0.48 10.21
CA ILE C 122 4.48 -0.59 10.25
C ILE C 122 3.20 -0.13 10.95
N HIS C 123 3.31 0.30 12.20
CA HIS C 123 2.19 0.82 12.94
C HIS C 123 2.08 2.32 12.71
N GLY C 124 1.28 3.02 13.51
CA GLY C 124 1.16 4.45 13.36
C GLY C 124 2.11 5.21 14.26
N HIS C 125 1.60 6.22 14.96
CA HIS C 125 2.38 6.96 15.94
C HIS C 125 2.22 6.27 17.30
N ILE C 126 3.33 5.88 17.90
CA ILE C 126 3.34 5.07 19.11
C ILE C 126 3.57 5.98 20.31
N GLU C 127 2.68 5.91 21.29
CA GLU C 127 2.82 6.65 22.54
C GLU C 127 3.66 5.85 23.53
N LEU C 128 4.35 6.57 24.41
CA LEU C 128 5.26 5.95 25.36
C LEU C 128 5.09 6.59 26.73
N HIS C 129 4.87 5.76 27.75
CA HIS C 129 4.85 6.23 29.12
C HIS C 129 6.25 6.71 29.51
N PRO C 130 6.36 7.68 30.41
CA PRO C 130 7.69 8.16 30.82
C PRO C 130 8.61 7.07 31.35
N LEU C 131 8.07 6.04 32.01
CA LEU C 131 8.91 4.95 32.49
C LEU C 131 9.54 4.20 31.33
N LEU C 132 8.76 3.95 30.26
CA LEU C 132 9.30 3.27 29.09
C LEU C 132 10.41 4.10 28.43
N VAL C 133 10.22 5.42 28.37
CA VAL C 133 11.26 6.29 27.80
C VAL C 133 12.51 6.25 28.67
N ARG C 134 12.33 6.28 29.99
CA ARG C 134 13.49 6.21 30.89
C ARG C 134 14.25 4.90 30.72
N ILE C 135 13.52 3.79 30.57
CA ILE C 135 14.17 2.49 30.37
C ILE C 135 14.86 2.42 29.01
N ILE C 136 14.26 3.01 27.98
CA ILE C 136 14.80 2.89 26.63
C ILE C 136 16.17 3.57 26.52
N ASP C 137 16.31 4.75 27.12
CA ASP C 137 17.53 5.55 26.99
C ASP C 137 18.61 4.99 27.94
N THR C 138 19.04 3.77 27.63
CA THR C 138 20.07 3.07 28.38
C THR C 138 21.00 2.40 27.39
N PRO C 139 22.28 2.23 27.73
CA PRO C 139 23.21 1.57 26.80
C PRO C 139 22.80 0.16 26.43
N GLN C 140 22.20 -0.58 27.37
CA GLN C 140 21.80 -1.96 27.10
C GLN C 140 20.73 -2.02 26.02
N PHE C 141 19.74 -1.12 26.08
CA PHE C 141 18.68 -1.13 25.09
C PHE C 141 19.17 -0.57 23.75
N GLN C 142 19.97 0.50 23.79
CA GLN C 142 20.51 1.06 22.56
C GLN C 142 21.51 0.12 21.88
N ARG C 143 22.01 -0.88 22.61
CA ARG C 143 22.85 -1.90 21.97
C ARG C 143 22.09 -2.63 20.87
N LEU C 144 20.76 -2.71 20.98
CA LEU C 144 19.96 -3.45 20.00
C LEU C 144 19.94 -2.79 18.63
N ARG C 145 20.43 -1.55 18.50
CA ARG C 145 20.46 -0.88 17.21
C ARG C 145 21.45 -1.51 16.23
N TYR C 146 22.34 -2.38 16.71
CA TYR C 146 23.42 -2.90 15.89
C TYR C 146 23.37 -4.42 15.74
N ILE C 147 22.20 -5.01 15.90
CA ILE C 147 21.99 -6.44 15.69
C ILE C 147 20.94 -6.61 14.59
N LYS C 148 21.27 -7.40 13.58
CA LYS C 148 20.42 -7.54 12.41
C LYS C 148 19.27 -8.50 12.71
N GLN C 149 18.07 -8.15 12.23
CA GLN C 149 16.90 -8.97 12.48
C GLN C 149 17.04 -10.34 11.81
N LEU C 150 17.37 -10.36 10.52
CA LEU C 150 17.48 -11.60 9.76
C LEU C 150 18.91 -12.14 9.69
N GLY C 151 19.87 -11.45 10.28
CA GLY C 151 21.25 -11.91 10.26
C GLY C 151 21.85 -12.01 8.87
N GLY C 152 22.05 -13.24 8.39
CA GLY C 152 22.63 -13.48 7.10
C GLY C 152 21.69 -13.42 5.93
N GLY C 153 20.42 -13.11 6.16
CA GLY C 153 19.48 -12.93 5.07
C GLY C 153 19.59 -11.60 4.35
N TYR C 154 20.31 -10.65 4.93
CA TYR C 154 20.55 -9.37 4.28
C TYR C 154 21.41 -9.52 3.02
N TYR C 155 22.20 -10.58 2.93
CA TYR C 155 23.06 -10.80 1.77
C TYR C 155 22.36 -11.50 0.62
N VAL C 156 21.08 -11.85 0.79
CA VAL C 156 20.25 -12.38 -0.29
C VAL C 156 19.10 -11.44 -0.61
N PHE C 157 18.49 -10.84 0.40
CA PHE C 157 17.43 -9.85 0.21
C PHE C 157 17.97 -8.47 0.57
N PRO C 158 18.20 -7.59 -0.39
CA PRO C 158 18.77 -6.27 -0.07
C PRO C 158 17.90 -5.43 0.85
N GLY C 159 16.59 -5.67 0.87
CA GLY C 159 15.70 -4.86 1.71
C GLY C 159 15.63 -5.27 3.16
N ALA C 160 16.24 -6.40 3.53
CA ALA C 160 16.19 -6.89 4.91
C ALA C 160 17.35 -6.27 5.69
N SER C 161 17.17 -5.01 6.07
CA SER C 161 18.19 -4.27 6.81
C SER C 161 17.69 -3.77 8.15
N HIS C 162 16.48 -4.12 8.56
CA HIS C 162 15.91 -3.64 9.81
C HIS C 162 16.53 -4.34 11.01
N ASN C 163 16.48 -3.67 12.16
CA ASN C 163 17.11 -4.12 13.39
C ASN C 163 16.04 -4.52 14.43
N ARG C 164 16.50 -4.81 15.64
CA ARG C 164 15.64 -5.27 16.73
C ARG C 164 15.03 -4.14 17.54
N PHE C 165 15.52 -2.91 17.37
CA PHE C 165 14.99 -1.77 18.13
C PHE C 165 13.52 -1.55 17.81
N GLU C 166 13.20 -1.44 16.52
CA GLU C 166 11.81 -1.22 16.11
C GLU C 166 10.95 -2.43 16.39
N HIS C 167 11.52 -3.64 16.28
CA HIS C 167 10.75 -4.84 16.62
C HIS C 167 10.34 -4.84 18.08
N SER C 168 11.27 -4.50 18.98
CA SER C 168 10.93 -4.43 20.40
C SER C 168 9.88 -3.36 20.67
N LEU C 169 10.03 -2.19 20.03
CA LEU C 169 9.04 -1.13 20.22
C LEU C 169 7.65 -1.58 19.76
N GLY C 170 7.59 -2.23 18.59
CA GLY C 170 6.31 -2.69 18.07
C GLY C 170 5.69 -3.78 18.93
N VAL C 171 6.51 -4.69 19.44
CA VAL C 171 5.99 -5.74 20.31
C VAL C 171 5.41 -5.15 21.58
N GLY C 172 6.11 -4.19 22.19
CA GLY C 172 5.56 -3.53 23.36
C GLY C 172 4.26 -2.82 23.06
N TYR C 173 4.20 -2.12 21.93
CA TYR C 173 2.97 -1.41 21.56
C TYR C 173 1.81 -2.39 21.35
N LEU C 174 2.07 -3.50 20.68
CA LEU C 174 1.01 -4.48 20.42
C LEU C 174 0.53 -5.13 21.71
N ALA C 175 1.45 -5.45 22.63
CA ALA C 175 1.05 -6.02 23.91
C ALA C 175 0.18 -5.04 24.69
N GLY C 176 0.58 -3.77 24.73
CA GLY C 176 -0.24 -2.78 25.40
C GLY C 176 -1.61 -2.64 24.77
N CYS C 177 -1.67 -2.66 23.43
CA CYS C 177 -2.95 -2.53 22.74
C CYS C 177 -3.87 -3.71 23.06
N LEU C 178 -3.33 -4.93 23.04
CA LEU C 178 -4.16 -6.09 23.35
C LEU C 178 -4.65 -6.05 24.79
N VAL C 179 -3.80 -5.67 25.73
CA VAL C 179 -4.22 -5.60 27.13
C VAL C 179 -5.32 -4.54 27.30
N HIS C 180 -5.15 -3.39 26.65
CA HIS C 180 -6.16 -2.34 26.76
C HIS C 180 -7.49 -2.78 26.16
N ALA C 181 -7.45 -3.48 25.02
CA ALA C 181 -8.68 -3.98 24.42
C ALA C 181 -9.38 -4.98 25.34
N LEU C 182 -8.60 -5.91 25.92
CA LEU C 182 -9.19 -6.89 26.82
C LEU C 182 -9.82 -6.22 28.04
N GLY C 183 -9.13 -5.23 28.61
CA GLY C 183 -9.68 -4.51 29.74
C GLY C 183 -10.93 -3.71 29.37
N GLU C 184 -10.96 -3.15 28.16
CA GLU C 184 -12.11 -2.36 27.74
C GLU C 184 -13.34 -3.24 27.51
N LYS C 185 -13.14 -4.45 26.96
CA LYS C 185 -14.30 -5.27 26.63
C LYS C 185 -15.00 -5.81 27.87
N GLN C 186 -14.24 -6.27 28.86
CA GLN C 186 -14.81 -6.90 30.06
C GLN C 186 -14.41 -6.09 31.29
N PRO C 187 -15.30 -5.24 31.79
CA PRO C 187 -14.96 -4.41 32.97
C PRO C 187 -14.88 -5.19 34.27
N GLU C 188 -15.22 -6.47 34.29
CA GLU C 188 -15.23 -7.25 35.52
C GLU C 188 -13.92 -7.98 35.79
N LEU C 189 -12.94 -7.87 34.89
CA LEU C 189 -11.64 -8.50 35.13
C LEU C 189 -10.77 -7.70 36.07
N GLN C 190 -11.07 -6.42 36.28
CA GLN C 190 -10.33 -5.55 37.20
C GLN C 190 -8.86 -5.45 36.80
N ILE C 191 -8.63 -4.97 35.58
CA ILE C 191 -7.28 -4.75 35.08
C ILE C 191 -6.93 -3.28 35.31
N SER C 192 -5.83 -3.04 36.02
CA SER C 192 -5.42 -1.70 36.40
C SER C 192 -4.29 -1.21 35.48
N GLU C 193 -3.76 -0.03 35.79
CA GLU C 193 -2.67 0.53 34.99
C GLU C 193 -1.34 -0.15 35.29
N ARG C 194 -1.15 -0.65 36.51
CA ARG C 194 0.08 -1.35 36.86
C ARG C 194 0.24 -2.61 36.00
N ASP C 195 -0.85 -3.34 35.79
CA ASP C 195 -0.78 -4.57 35.00
C ASP C 195 -0.40 -4.28 33.54
N VAL C 196 -1.03 -3.26 32.94
CA VAL C 196 -0.72 -2.95 31.55
C VAL C 196 0.70 -2.39 31.43
N LEU C 197 1.14 -1.62 32.43
CA LEU C 197 2.52 -1.14 32.43
C LEU C 197 3.51 -2.29 32.48
N CYS C 198 3.23 -3.28 33.33
CA CYS C 198 4.11 -4.45 33.43
C CYS C 198 4.14 -5.24 32.14
N VAL C 199 2.96 -5.42 31.50
CA VAL C 199 2.92 -6.15 30.24
C VAL C 199 3.71 -5.41 29.16
N GLN C 200 3.57 -4.08 29.12
CA GLN C 200 4.31 -3.29 28.14
C GLN C 200 5.82 -3.40 28.38
N ILE C 201 6.24 -3.32 29.64
CA ILE C 201 7.66 -3.45 29.96
C ILE C 201 8.18 -4.82 29.57
N ALA C 202 7.42 -5.88 29.86
CA ALA C 202 7.84 -7.22 29.52
C ALA C 202 7.94 -7.41 28.01
N GLY C 203 7.01 -6.82 27.26
CA GLY C 203 7.09 -6.91 25.81
C GLY C 203 8.22 -6.07 25.23
N LEU C 204 8.62 -5.01 25.94
CA LEU C 204 9.68 -4.15 25.44
C LEU C 204 11.05 -4.84 25.52
N CYS C 205 11.33 -5.49 26.65
CA CYS C 205 12.66 -6.03 26.95
C CYS C 205 12.69 -7.55 26.82
N HIS C 206 12.01 -8.11 25.83
CA HIS C 206 11.95 -9.55 25.65
C HIS C 206 13.02 -10.10 24.72
N ASP C 207 13.83 -9.23 24.11
CA ASP C 207 14.86 -9.66 23.17
C ASP C 207 16.22 -9.04 23.48
N LEU C 208 16.49 -8.79 24.76
CA LEU C 208 17.75 -8.17 25.17
C LEU C 208 18.92 -9.13 25.12
N GLY C 209 18.70 -10.42 24.87
CA GLY C 209 19.74 -11.41 24.93
C GLY C 209 20.35 -11.83 23.61
N HIS C 210 19.89 -11.28 22.49
CA HIS C 210 20.43 -11.66 21.20
C HIS C 210 21.88 -11.21 21.05
N GLY C 211 22.65 -11.99 20.31
CA GLY C 211 24.03 -11.67 20.01
C GLY C 211 24.21 -11.29 18.56
N PRO C 212 25.44 -11.35 18.07
CA PRO C 212 25.69 -11.03 16.66
C PRO C 212 24.85 -11.90 15.72
N PHE C 213 24.23 -11.25 14.73
CA PHE C 213 23.39 -11.90 13.73
C PHE C 213 22.22 -12.66 14.36
N SER C 214 21.81 -12.27 15.57
CA SER C 214 20.62 -12.78 16.22
C SER C 214 20.61 -14.31 16.35
N HIS C 215 19.71 -14.96 15.62
CA HIS C 215 19.48 -16.39 15.78
C HIS C 215 20.73 -17.21 15.44
N MET C 216 21.59 -16.68 14.58
CA MET C 216 22.77 -17.44 14.15
C MET C 216 23.67 -17.76 15.33
N PHE C 217 23.83 -16.81 16.26
CA PHE C 217 24.69 -17.00 17.42
C PHE C 217 24.29 -18.24 18.21
N ASP C 218 23.10 -18.22 18.81
CA ASP C 218 22.67 -19.33 19.65
C ASP C 218 22.23 -20.55 18.85
N GLY C 219 22.16 -20.47 17.52
CA GLY C 219 21.85 -21.64 16.74
C GLY C 219 23.07 -22.41 16.26
N ARG C 220 24.19 -21.71 16.04
CA ARG C 220 25.35 -22.40 15.49
C ARG C 220 26.62 -22.22 16.29
N PHE C 221 26.87 -21.02 16.85
CA PHE C 221 28.17 -20.75 17.45
C PHE C 221 28.30 -21.43 18.81
N ILE C 222 27.36 -21.15 19.72
CA ILE C 222 27.49 -21.65 21.10
C ILE C 222 27.52 -23.18 21.15
N PRO C 223 26.65 -23.92 20.45
CA PRO C 223 26.79 -25.39 20.47
C PRO C 223 28.14 -25.86 19.94
N LEU C 224 28.70 -25.20 18.94
CA LEU C 224 29.97 -25.60 18.36
C LEU C 224 31.18 -25.02 19.07
N ALA C 225 30.98 -24.07 19.98
CA ALA C 225 32.08 -23.46 20.74
C ALA C 225 32.18 -24.01 22.15
N ARG C 226 31.05 -24.09 22.86
CA ARG C 226 30.99 -24.63 24.22
C ARG C 226 29.89 -25.67 24.26
N PRO C 227 30.17 -26.89 23.79
CA PRO C 227 29.11 -27.92 23.73
C PRO C 227 28.57 -28.32 25.09
N GLU C 228 29.29 -28.06 26.17
CA GLU C 228 28.86 -28.48 27.49
C GLU C 228 27.86 -27.51 28.13
N VAL C 229 27.57 -26.38 27.48
CA VAL C 229 26.67 -25.36 28.02
C VAL C 229 25.38 -25.37 27.21
N LYS C 230 24.25 -25.49 27.91
CA LYS C 230 22.92 -25.38 27.30
C LYS C 230 22.44 -23.95 27.53
N TRP C 231 22.51 -23.13 26.48
CA TRP C 231 22.26 -21.70 26.59
C TRP C 231 21.27 -21.26 25.51
N THR C 232 20.22 -20.56 25.93
CA THR C 232 19.26 -19.93 25.04
C THR C 232 19.26 -18.43 25.30
N HIS C 233 18.69 -17.68 24.36
CA HIS C 233 18.76 -16.22 24.45
C HIS C 233 17.73 -15.61 25.40
N GLU C 234 16.73 -16.38 25.85
CA GLU C 234 15.81 -15.86 26.85
C GLU C 234 16.48 -15.72 28.20
N GLN C 235 17.37 -16.65 28.55
CA GLN C 235 18.16 -16.50 29.78
C GLN C 235 19.06 -15.28 29.70
N GLY C 236 19.67 -15.04 28.53
CA GLY C 236 20.44 -13.83 28.33
C GLY C 236 19.59 -12.58 28.46
N SER C 237 18.35 -12.64 27.95
CA SER C 237 17.44 -11.50 28.10
C SER C 237 17.13 -11.22 29.55
N VAL C 238 16.89 -12.26 30.34
CA VAL C 238 16.62 -12.09 31.77
C VAL C 238 17.84 -11.50 32.47
N MET C 239 19.04 -12.00 32.15
CA MET C 239 20.25 -11.46 32.76
C MET C 239 20.47 -10.00 32.39
N MET C 240 20.23 -9.65 31.12
CA MET C 240 20.41 -8.28 30.69
C MET C 240 19.38 -7.35 31.34
N PHE C 241 18.15 -7.82 31.51
CA PHE C 241 17.14 -7.03 32.23
C PHE C 241 17.58 -6.80 33.67
N GLU C 242 18.08 -7.84 34.34
CA GLU C 242 18.61 -7.69 35.69
C GLU C 242 19.72 -6.64 35.74
N HIS C 243 20.67 -6.75 34.80
CA HIS C 243 21.80 -5.83 34.79
C HIS C 243 21.35 -4.40 34.55
N LEU C 244 20.44 -4.20 33.60
CA LEU C 244 19.93 -2.86 33.31
C LEU C 244 19.24 -2.26 34.53
N ILE C 245 18.35 -3.04 35.17
CA ILE C 245 17.61 -2.52 36.31
C ILE C 245 18.56 -2.18 37.45
N ASN C 246 19.54 -3.05 37.72
CA ASN C 246 20.47 -2.81 38.82
C ASN C 246 21.38 -1.62 38.54
N SER C 247 21.83 -1.47 37.30
CA SER C 247 22.86 -0.47 37.00
C SER C 247 22.29 0.92 36.76
N ASN C 248 21.11 1.03 36.18
CA ASN C 248 20.60 2.33 35.76
C ASN C 248 19.71 3.01 36.79
N GLY C 249 19.55 2.42 37.97
CA GLY C 249 18.76 3.04 39.03
C GLY C 249 17.31 3.25 38.67
N ILE C 250 16.67 2.21 38.11
CA ILE C 250 15.29 2.32 37.65
C ILE C 250 14.28 2.00 38.76
N LYS C 251 14.70 1.30 39.82
CA LYS C 251 13.76 0.88 40.85
C LYS C 251 13.04 2.03 41.54
N PRO C 252 13.69 3.13 41.95
CA PRO C 252 12.92 4.27 42.48
C PRO C 252 11.94 4.83 41.47
N VAL C 253 12.32 4.86 40.18
CA VAL C 253 11.40 5.32 39.14
C VAL C 253 10.22 4.37 39.02
N MET C 254 10.48 3.07 39.14
CA MET C 254 9.39 2.10 39.14
C MET C 254 8.45 2.33 40.31
N GLU C 255 9.00 2.60 41.49
CA GLU C 255 8.17 2.86 42.67
C GLU C 255 7.38 4.16 42.51
N GLN C 256 7.90 5.12 41.75
CA GLN C 256 7.23 6.40 41.58
C GLN C 256 5.93 6.29 40.78
N TYR C 257 5.66 5.16 40.14
CA TYR C 257 4.45 4.99 39.33
C TYR C 257 3.58 3.85 39.85
N GLY C 258 3.71 3.49 41.12
CA GLY C 258 2.85 2.47 41.69
C GLY C 258 3.26 1.04 41.43
N LEU C 259 4.53 0.80 41.13
CA LEU C 259 5.04 -0.55 40.88
C LEU C 259 5.91 -0.98 42.06
N ILE C 260 5.64 -2.17 42.59
CA ILE C 260 6.43 -2.74 43.68
C ILE C 260 7.51 -3.62 43.05
N PRO C 261 8.79 -3.26 43.17
CA PRO C 261 9.82 -3.98 42.43
C PRO C 261 9.87 -5.48 42.71
N GLU C 262 9.63 -5.89 43.96
CA GLU C 262 9.79 -7.30 44.32
C GLU C 262 8.84 -8.19 43.54
N GLU C 263 7.55 -7.86 43.55
CA GLU C 263 6.56 -8.67 42.84
C GLU C 263 6.63 -8.43 41.34
N ASP C 264 6.77 -7.18 40.92
CA ASP C 264 6.60 -6.83 39.50
C ASP C 264 7.80 -7.26 38.68
N ILE C 265 9.01 -7.17 39.24
CA ILE C 265 10.18 -7.65 38.52
C ILE C 265 10.10 -9.16 38.30
N CYS C 266 9.66 -9.90 39.32
CA CYS C 266 9.44 -11.33 39.14
C CYS C 266 8.37 -11.61 38.11
N PHE C 267 7.31 -10.79 38.09
CA PHE C 267 6.27 -10.94 37.07
C PHE C 267 6.83 -10.75 35.67
N ILE C 268 7.66 -9.72 35.48
CA ILE C 268 8.26 -9.48 34.17
C ILE C 268 9.17 -10.63 33.78
N LYS C 269 9.97 -11.13 34.72
CA LYS C 269 10.85 -12.26 34.44
C LYS C 269 10.06 -13.49 34.04
N GLU C 270 8.96 -13.77 34.74
CA GLU C 270 8.13 -14.92 34.42
C GLU C 270 7.46 -14.73 33.05
N GLN C 271 7.12 -13.49 32.70
CA GLN C 271 6.56 -13.23 31.38
C GLN C 271 7.60 -13.50 30.28
N ILE C 272 8.85 -13.09 30.51
CA ILE C 272 9.88 -13.28 29.50
C ILE C 272 10.22 -14.76 29.34
N VAL C 273 10.60 -15.41 30.44
CA VAL C 273 10.91 -16.83 30.45
C VAL C 273 10.01 -17.50 31.49
N GLY C 274 9.59 -18.72 31.19
CA GLY C 274 8.63 -19.41 32.01
C GLY C 274 9.16 -19.76 33.40
N PRO C 275 8.40 -20.57 34.15
CA PRO C 275 8.76 -20.95 35.51
C PRO C 275 9.74 -22.12 35.56
N TRP C 285 0.40 -24.37 41.00
CA TRP C 285 0.55 -23.39 39.93
C TRP C 285 1.89 -22.66 40.11
N PRO C 286 2.77 -22.79 39.10
CA PRO C 286 4.17 -22.38 39.31
C PRO C 286 4.43 -20.90 39.28
N TYR C 287 3.51 -20.08 38.78
CA TYR C 287 3.74 -18.65 38.67
C TYR C 287 3.52 -17.97 40.03
N LYS C 288 4.41 -17.05 40.37
CA LYS C 288 4.36 -16.36 41.64
C LYS C 288 4.17 -14.85 41.52
N GLY C 289 4.37 -14.26 40.34
CA GLY C 289 4.23 -12.82 40.21
C GLY C 289 2.80 -12.35 40.39
N ARG C 290 1.85 -13.09 39.84
CA ARG C 290 0.43 -12.75 39.90
C ARG C 290 -0.36 -13.94 40.39
N PRO C 291 -1.55 -13.72 40.99
CA PRO C 291 -2.38 -14.84 41.43
C PRO C 291 -2.92 -15.67 40.28
N GLU C 292 -3.65 -16.73 40.59
CA GLU C 292 -4.13 -17.66 39.58
C GLU C 292 -5.36 -17.18 38.84
N ASN C 293 -6.06 -16.17 39.35
CA ASN C 293 -7.21 -15.62 38.63
C ASN C 293 -6.80 -14.61 37.58
N LYS C 294 -5.53 -14.20 37.55
CA LYS C 294 -4.99 -13.34 36.51
C LYS C 294 -4.17 -14.13 35.48
N SER C 295 -4.50 -15.41 35.28
CA SER C 295 -3.71 -16.27 34.42
C SER C 295 -3.76 -15.84 32.96
N PHE C 296 -4.75 -15.04 32.57
CA PHE C 296 -4.84 -14.58 31.19
C PHE C 296 -3.77 -13.56 30.83
N LEU C 297 -3.02 -13.07 31.80
CA LEU C 297 -1.95 -12.10 31.56
C LEU C 297 -0.60 -12.77 31.29
N TYR C 298 -0.54 -14.10 31.24
CA TYR C 298 0.70 -14.82 31.08
C TYR C 298 0.89 -15.41 29.70
N GLU C 299 -0.07 -15.25 28.80
CA GLU C 299 0.04 -15.78 27.44
C GLU C 299 -0.07 -14.68 26.38
N ILE C 300 0.21 -13.44 26.75
CA ILE C 300 0.09 -12.31 25.83
C ILE C 300 1.39 -12.13 25.07
N VAL C 301 2.48 -11.84 25.80
CA VAL C 301 3.76 -11.57 25.15
C VAL C 301 4.31 -12.85 24.52
N SER C 302 4.31 -13.94 25.27
CA SER C 302 4.83 -15.22 24.79
C SER C 302 3.87 -16.33 25.20
N ASN C 303 3.54 -17.20 24.26
CA ASN C 303 2.64 -18.33 24.50
C ASN C 303 3.37 -19.61 24.11
N LYS C 304 3.97 -20.27 25.10
CA LYS C 304 4.63 -21.54 24.85
C LYS C 304 3.64 -22.65 24.51
N ARG C 305 2.37 -22.49 24.88
CA ARG C 305 1.35 -23.51 24.68
C ARG C 305 1.12 -23.81 23.20
N ASN C 306 0.66 -22.83 22.44
CA ASN C 306 0.35 -23.01 21.03
C ASN C 306 1.03 -22.03 20.09
N GLY C 307 1.47 -20.88 20.57
CA GLY C 307 2.15 -19.91 19.74
C GLY C 307 1.31 -18.77 19.23
N ILE C 308 0.24 -18.39 19.94
CA ILE C 308 -0.61 -17.28 19.53
C ILE C 308 -0.23 -16.11 20.45
N ASP C 309 0.60 -15.22 19.93
CA ASP C 309 1.07 -14.07 20.68
C ASP C 309 1.40 -12.93 19.72
N VAL C 310 1.83 -11.80 20.28
CA VAL C 310 2.10 -10.62 19.48
C VAL C 310 3.44 -10.68 18.75
N ASP C 311 4.37 -11.52 19.22
CA ASP C 311 5.67 -11.61 18.58
C ASP C 311 5.56 -12.10 17.14
N LYS C 312 4.72 -13.12 16.91
CA LYS C 312 4.52 -13.61 15.55
C LYS C 312 3.82 -12.57 14.70
N TRP C 313 2.89 -11.81 15.27
CA TRP C 313 2.25 -10.73 14.54
C TRP C 313 3.26 -9.69 14.06
N ASP C 314 4.15 -9.26 14.97
CA ASP C 314 5.16 -8.29 14.59
C ASP C 314 6.13 -8.86 13.57
N TYR C 315 6.55 -10.11 13.74
CA TYR C 315 7.40 -10.77 12.75
C TYR C 315 6.75 -10.74 11.38
N PHE C 316 5.49 -11.18 11.30
CA PHE C 316 4.80 -11.24 10.02
C PHE C 316 4.72 -9.86 9.37
N ALA C 317 4.25 -8.88 10.12
CA ALA C 317 4.05 -7.54 9.55
C ALA C 317 5.37 -6.94 9.09
N ARG C 318 6.38 -6.91 9.97
CA ARG C 318 7.63 -6.26 9.62
C ARG C 318 8.36 -6.99 8.50
N ASP C 319 8.38 -8.33 8.54
CA ASP C 319 9.09 -9.08 7.52
C ASP C 319 8.40 -8.99 6.18
N CYS C 320 7.06 -9.00 6.15
CA CYS C 320 6.37 -8.84 4.86
C CYS C 320 6.59 -7.44 4.30
N HIS C 321 6.60 -6.42 5.18
CA HIS C 321 6.83 -5.06 4.71
C HIS C 321 8.23 -4.88 4.15
N HIS C 322 9.24 -5.43 4.82
CA HIS C 322 10.63 -5.17 4.42
C HIS C 322 11.11 -6.10 3.31
N LEU C 323 10.80 -7.39 3.40
CA LEU C 323 11.30 -8.36 2.43
C LEU C 323 10.73 -8.09 1.05
N GLY C 324 9.44 -7.76 0.96
CA GLY C 324 8.79 -7.54 -0.32
C GLY C 324 7.79 -8.63 -0.63
N ILE C 325 7.26 -9.25 0.42
CA ILE C 325 6.28 -10.32 0.29
C ILE C 325 4.96 -9.84 0.89
N GLN C 326 3.87 -10.36 0.36
CA GLN C 326 2.53 -9.95 0.78
C GLN C 326 2.05 -10.84 1.93
N ASN C 327 1.54 -10.21 2.98
CA ASN C 327 1.03 -10.90 4.15
C ASN C 327 -0.42 -11.32 3.92
N ASN C 328 -0.89 -12.24 4.76
CA ASN C 328 -2.28 -12.70 4.71
C ASN C 328 -3.03 -12.57 6.03
N PHE C 329 -2.34 -12.49 7.16
CA PHE C 329 -3.01 -12.41 8.45
C PHE C 329 -3.46 -10.98 8.74
N ASP C 330 -4.50 -10.86 9.56
CA ASP C 330 -5.05 -9.57 9.97
C ASP C 330 -5.33 -9.65 11.48
N TYR C 331 -4.36 -9.22 12.28
CA TYR C 331 -4.48 -9.33 13.73
C TYR C 331 -5.50 -8.37 14.32
N LYS C 332 -5.93 -7.35 13.57
CA LYS C 332 -6.92 -6.43 14.11
C LYS C 332 -8.28 -7.10 14.24
N ARG C 333 -8.66 -7.90 13.25
CA ARG C 333 -9.90 -8.67 13.36
C ARG C 333 -9.84 -9.66 14.51
N PHE C 334 -8.67 -10.29 14.71
CA PHE C 334 -8.50 -11.22 15.83
C PHE C 334 -8.65 -10.48 17.16
N ILE C 335 -8.05 -9.30 17.28
CA ILE C 335 -8.17 -8.52 18.51
C ILE C 335 -9.62 -8.11 18.74
N LYS C 336 -10.36 -7.82 17.66
CA LYS C 336 -11.74 -7.39 17.81
C LYS C 336 -12.62 -8.51 18.35
N PHE C 337 -12.29 -9.77 18.02
CA PHE C 337 -13.11 -10.92 18.40
C PHE C 337 -12.44 -11.77 19.47
N ALA C 338 -11.83 -11.13 20.46
CA ALA C 338 -11.16 -11.81 21.56
C ALA C 338 -11.94 -11.62 22.86
N ARG C 339 -12.13 -12.72 23.58
CA ARG C 339 -12.81 -12.72 24.87
C ARG C 339 -11.96 -13.45 25.89
N VAL C 340 -12.45 -13.48 27.14
CA VAL C 340 -11.82 -14.22 28.22
C VAL C 340 -12.88 -15.18 28.75
N CYS C 341 -12.81 -16.44 28.32
CA CYS C 341 -13.77 -17.46 28.74
C CYS C 341 -13.06 -18.51 29.58
N GLU C 342 -13.62 -18.81 30.76
CA GLU C 342 -12.96 -19.67 31.72
C GLU C 342 -12.99 -21.12 31.26
N VAL C 343 -11.83 -21.77 31.31
CA VAL C 343 -11.69 -23.17 30.93
C VAL C 343 -10.91 -23.88 32.02
N ASP C 344 -11.47 -24.98 32.53
CA ASP C 344 -10.82 -25.80 33.56
C ASP C 344 -10.41 -24.97 34.77
N ASN C 345 -11.30 -24.07 35.19
CA ASN C 345 -11.04 -23.15 36.30
C ASN C 345 -9.78 -22.33 36.06
N GLU C 346 -9.61 -21.86 34.83
CA GLU C 346 -8.44 -21.07 34.46
C GLU C 346 -8.85 -20.08 33.38
N LEU C 347 -8.88 -18.80 33.72
CA LEU C 347 -9.25 -17.78 32.76
C LEU C 347 -8.24 -17.72 31.63
N ARG C 348 -8.74 -17.66 30.39
CA ARG C 348 -7.90 -17.71 29.21
C ARG C 348 -8.50 -16.82 28.12
N ILE C 349 -7.65 -16.41 27.19
CA ILE C 349 -8.08 -15.62 26.04
C ILE C 349 -8.70 -16.55 25.01
N CYS C 350 -9.93 -16.24 24.59
CA CYS C 350 -10.73 -17.14 23.80
C CYS C 350 -11.02 -16.53 22.43
N ALA C 351 -11.30 -17.39 21.46
CA ALA C 351 -11.55 -16.99 20.09
C ALA C 351 -12.98 -17.33 19.70
N ARG C 352 -13.43 -16.71 18.60
CA ARG C 352 -14.78 -16.94 18.11
C ARG C 352 -14.84 -18.24 17.30
N ASP C 353 -15.97 -18.94 17.39
CA ASP C 353 -16.09 -20.26 16.78
C ASP C 353 -16.02 -20.22 15.26
N LYS C 354 -16.31 -19.07 14.63
CA LYS C 354 -16.36 -18.98 13.18
C LYS C 354 -15.12 -18.34 12.57
N GLU C 355 -14.03 -18.20 13.33
CA GLU C 355 -12.79 -17.60 12.84
C GLU C 355 -11.63 -18.58 12.95
N VAL C 356 -11.89 -19.86 12.71
CA VAL C 356 -10.82 -20.86 12.74
C VAL C 356 -10.06 -20.89 11.41
N GLY C 357 -10.74 -20.57 10.31
CA GLY C 357 -10.06 -20.46 9.03
C GLY C 357 -9.00 -19.38 9.03
N ASN C 358 -9.24 -18.29 9.78
CA ASN C 358 -8.21 -17.27 9.95
C ASN C 358 -6.97 -17.84 10.61
N LEU C 359 -7.14 -18.67 11.64
CA LEU C 359 -6.00 -19.29 12.29
C LEU C 359 -5.25 -20.23 11.36
N TYR C 360 -5.98 -21.02 10.58
CA TYR C 360 -5.33 -21.90 9.62
C TYR C 360 -4.56 -21.11 8.56
N ASP C 361 -5.12 -20.00 8.10
CA ASP C 361 -4.41 -19.13 7.17
C ASP C 361 -3.17 -18.51 7.82
N MET C 362 -3.27 -18.16 9.11
CA MET C 362 -2.11 -17.65 9.83
C MET C 362 -0.98 -18.67 9.87
N PHE C 363 -1.31 -19.93 10.16
CA PHE C 363 -0.27 -20.96 10.22
C PHE C 363 0.30 -21.24 8.83
N HIS C 364 -0.55 -21.25 7.80
CA HIS C 364 -0.06 -21.41 6.43
C HIS C 364 0.87 -20.27 6.05
N THR C 365 0.52 -19.04 6.45
CA THR C 365 1.38 -17.90 6.18
C THR C 365 2.72 -18.02 6.90
N ARG C 366 2.70 -18.49 8.15
CA ARG C 366 3.95 -18.69 8.88
C ARG C 366 4.84 -19.71 8.17
N ASN C 367 4.25 -20.84 7.74
CA ASN C 367 5.03 -21.85 7.05
C ASN C 367 5.59 -21.31 5.74
N SER C 368 4.78 -20.58 4.99
CA SER C 368 5.24 -20.02 3.71
C SER C 368 6.37 -19.02 3.93
N LEU C 369 6.23 -18.16 4.96
CA LEU C 369 7.28 -17.19 5.25
C LEU C 369 8.58 -17.88 5.64
N HIS C 370 8.49 -18.88 6.51
CA HIS C 370 9.68 -19.63 6.90
C HIS C 370 10.37 -20.24 5.68
N ARG C 371 9.60 -20.97 4.86
CA ARG C 371 10.19 -21.63 3.71
C ARG C 371 10.79 -20.64 2.72
N ARG C 372 10.10 -19.52 2.48
CA ARG C 372 10.56 -18.57 1.47
C ARG C 372 11.80 -17.83 1.93
N ALA C 373 11.82 -17.32 3.17
CA ALA C 373 12.87 -16.44 3.62
C ALA C 373 13.85 -17.10 4.57
N TYR C 374 13.34 -17.70 5.66
CA TYR C 374 14.22 -18.07 6.77
C TYR C 374 15.08 -19.28 6.45
N GLN C 375 14.64 -20.13 5.52
CA GLN C 375 15.37 -21.35 5.17
C GLN C 375 15.93 -21.31 3.76
N HIS C 376 16.34 -20.13 3.31
CA HIS C 376 16.99 -20.02 2.00
C HIS C 376 18.37 -20.69 2.05
N LYS C 377 18.75 -21.30 0.92
CA LYS C 377 20.01 -22.01 0.87
C LYS C 377 21.20 -21.07 1.01
N VAL C 378 21.17 -19.95 0.29
CA VAL C 378 22.31 -19.03 0.30
C VAL C 378 22.44 -18.37 1.66
N GLY C 379 21.33 -17.99 2.29
CA GLY C 379 21.40 -17.43 3.63
C GLY C 379 21.98 -18.40 4.63
N ASN C 380 21.58 -19.67 4.54
CA ASN C 380 22.10 -20.69 5.45
C ASN C 380 23.59 -20.90 5.24
N ILE C 381 24.04 -20.96 3.98
CA ILE C 381 25.46 -21.18 3.74
C ILE C 381 26.28 -19.95 4.14
N ILE C 382 25.72 -18.74 4.01
CA ILE C 382 26.43 -17.55 4.45
C ILE C 382 26.55 -17.54 5.97
N ASP C 383 25.48 -17.94 6.68
CA ASP C 383 25.57 -18.07 8.12
C ASP C 383 26.59 -19.13 8.52
N THR C 384 26.66 -20.23 7.78
CA THR C 384 27.66 -21.25 8.05
C THR C 384 29.07 -20.72 7.89
N MET C 385 29.30 -19.96 6.82
CA MET C 385 30.63 -19.37 6.60
C MET C 385 30.98 -18.37 7.70
N ILE C 386 30.00 -17.55 8.11
CA ILE C 386 30.26 -16.58 9.18
C ILE C 386 30.58 -17.29 10.49
N THR C 387 29.85 -18.37 10.79
CA THR C 387 30.11 -19.13 12.00
C THR C 387 31.49 -19.78 11.95
N ASP C 388 31.89 -20.30 10.79
CA ASP C 388 33.23 -20.87 10.65
C ASP C 388 34.30 -19.81 10.86
N ALA C 389 34.10 -18.61 10.30
CA ALA C 389 35.06 -17.53 10.50
C ALA C 389 35.15 -17.14 11.97
N PHE C 390 34.00 -17.07 12.65
CA PHE C 390 34.01 -16.74 14.08
C PHE C 390 34.73 -17.81 14.89
N LEU C 391 34.51 -19.09 14.56
CA LEU C 391 35.18 -20.17 15.27
C LEU C 391 36.68 -20.13 15.05
N LYS C 392 37.12 -19.88 13.82
CA LYS C 392 38.55 -19.83 13.53
C LYS C 392 39.19 -18.57 14.12
N ALA C 393 38.42 -17.50 14.29
CA ALA C 393 38.94 -16.23 14.79
C ALA C 393 38.86 -16.11 16.30
N ASP C 394 38.44 -17.16 17.00
CA ASP C 394 38.37 -17.12 18.45
C ASP C 394 39.77 -17.18 19.04
N ASP C 395 39.83 -17.14 20.38
CA ASP C 395 41.06 -17.16 21.18
C ASP C 395 42.10 -16.16 20.69
N TYR C 396 41.68 -15.13 19.94
CA TYR C 396 42.56 -14.03 19.58
C TYR C 396 41.87 -12.70 19.87
N ILE C 397 40.55 -12.67 19.78
CA ILE C 397 39.79 -11.46 20.04
C ILE C 397 39.55 -11.34 21.54
N GLU C 398 39.85 -10.17 22.10
CA GLU C 398 39.72 -9.92 23.53
C GLU C 398 38.61 -8.91 23.77
N ILE C 399 37.66 -9.29 24.62
CA ILE C 399 36.56 -8.41 25.02
C ILE C 399 36.75 -8.08 26.49
N THR C 400 36.66 -6.80 26.82
CA THR C 400 36.88 -6.34 28.19
C THR C 400 35.62 -6.52 29.02
N GLY C 401 35.81 -6.95 30.27
CA GLY C 401 34.71 -7.14 31.19
C GLY C 401 34.86 -6.32 32.46
N ALA C 402 34.02 -6.59 33.46
CA ALA C 402 34.11 -5.87 34.72
C ALA C 402 35.41 -6.21 35.43
N GLY C 403 36.04 -5.17 36.00
CA GLY C 403 37.29 -5.36 36.70
C GLY C 403 38.51 -5.51 35.82
N GLY C 404 38.39 -5.17 34.54
CA GLY C 404 39.52 -5.30 33.63
C GLY C 404 39.76 -6.68 33.08
N LYS C 405 38.86 -7.63 33.34
CA LYS C 405 39.02 -8.98 32.83
C LYS C 405 38.83 -9.01 31.32
N LYS C 406 39.41 -10.02 30.69
CA LYS C 406 39.29 -10.23 29.24
C LYS C 406 38.48 -11.49 28.98
N TYR C 407 37.53 -11.39 28.06
CA TYR C 407 36.66 -12.51 27.71
C TYR C 407 36.74 -12.78 26.22
N ARG C 408 36.43 -14.02 25.84
CA ARG C 408 36.42 -14.42 24.44
C ARG C 408 35.04 -14.15 23.85
N ILE C 409 34.85 -14.52 22.58
CA ILE C 409 33.53 -14.39 21.97
C ILE C 409 32.54 -15.34 22.63
N SER C 410 32.95 -16.59 22.86
CA SER C 410 32.08 -17.57 23.50
C SER C 410 31.99 -17.36 25.01
N THR C 411 33.08 -16.91 25.64
CA THR C 411 33.14 -16.75 27.08
C THR C 411 32.43 -15.49 27.56
N ALA C 412 32.17 -14.53 26.67
CA ALA C 412 31.53 -13.27 27.06
C ALA C 412 30.09 -13.44 27.51
N ILE C 413 29.48 -14.61 27.28
CA ILE C 413 28.10 -14.84 27.74
C ILE C 413 28.02 -15.07 29.23
N ASP C 414 29.15 -15.09 29.94
CA ASP C 414 29.15 -15.23 31.38
C ASP C 414 29.23 -13.90 32.11
N ASP C 415 29.47 -12.79 31.40
CA ASP C 415 29.50 -11.47 31.99
C ASP C 415 28.64 -10.54 31.14
N MET C 416 27.68 -9.86 31.78
CA MET C 416 26.76 -9.02 31.04
C MET C 416 27.42 -7.72 30.59
N GLU C 417 28.32 -7.17 31.40
CA GLU C 417 29.00 -5.93 31.03
C GLU C 417 29.87 -6.14 29.79
N ALA C 418 30.50 -7.31 29.69
CA ALA C 418 31.25 -7.64 28.49
C ALA C 418 30.33 -8.01 27.33
N TYR C 419 29.21 -8.66 27.63
CA TYR C 419 28.26 -9.04 26.59
C TYR C 419 27.62 -7.82 25.95
N THR C 420 27.58 -6.69 26.67
CA THR C 420 26.99 -5.47 26.13
C THR C 420 27.74 -5.00 24.89
N LYS C 421 29.07 -5.10 24.90
CA LYS C 421 29.91 -4.62 23.81
C LYS C 421 30.15 -5.67 22.75
N LEU C 422 29.26 -6.63 22.59
CA LEU C 422 29.37 -7.68 21.58
C LEU C 422 28.21 -7.54 20.61
N THR C 423 28.49 -7.03 19.41
CA THR C 423 27.48 -6.80 18.39
C THR C 423 28.08 -7.24 17.06
N ASP C 424 27.44 -6.86 15.95
CA ASP C 424 27.94 -7.18 14.62
C ASP C 424 29.25 -6.47 14.28
N ASN C 425 29.79 -5.66 15.20
CA ASN C 425 31.06 -5.00 14.96
C ASN C 425 32.21 -5.99 14.84
N ILE C 426 32.03 -7.22 15.36
CA ILE C 426 33.09 -8.22 15.28
C ILE C 426 33.32 -8.63 13.82
N PHE C 427 32.26 -8.65 13.02
CA PHE C 427 32.39 -8.98 11.60
C PHE C 427 33.35 -8.01 10.91
N LEU C 428 33.15 -6.71 11.12
CA LEU C 428 34.02 -5.71 10.50
C LEU C 428 35.39 -5.65 11.15
N GLU C 429 35.48 -5.96 12.44
CA GLU C 429 36.77 -6.02 13.11
C GLU C 429 37.65 -7.12 12.49
N ILE C 430 37.05 -8.28 12.24
CA ILE C 430 37.80 -9.36 11.60
C ILE C 430 38.07 -9.02 10.14
N LEU C 431 37.09 -8.42 9.45
CA LEU C 431 37.25 -8.13 8.03
C LEU C 431 38.34 -7.09 7.78
N TYR C 432 38.41 -6.06 8.63
CA TYR C 432 39.34 -4.95 8.44
C TYR C 432 40.62 -5.11 9.25
N SER C 433 40.84 -6.27 9.86
CA SER C 433 42.00 -6.47 10.70
C SER C 433 43.28 -6.52 9.87
N THR C 434 44.38 -6.14 10.52
CA THR C 434 45.70 -6.19 9.90
C THR C 434 46.67 -7.11 10.64
N ASP C 435 46.26 -7.68 11.77
CA ASP C 435 47.13 -8.59 12.51
C ASP C 435 47.32 -9.89 11.73
N PRO C 436 48.47 -10.53 11.87
CA PRO C 436 48.73 -11.79 11.15
C PRO C 436 48.17 -13.03 11.83
N LYS C 437 47.59 -12.91 13.03
CA LYS C 437 47.04 -14.07 13.70
C LYS C 437 45.62 -14.39 13.22
N LEU C 438 44.89 -13.41 12.72
CA LEU C 438 43.52 -13.57 12.25
C LEU C 438 43.45 -13.70 10.73
N LYS C 439 44.44 -14.35 10.12
CA LYS C 439 44.51 -14.38 8.66
C LYS C 439 43.41 -15.24 8.05
N ASP C 440 43.21 -16.44 8.58
CA ASP C 440 42.28 -17.39 7.96
C ASP C 440 40.85 -16.88 7.99
N ALA C 441 40.43 -16.30 9.11
CA ALA C 441 39.09 -15.73 9.18
C ALA C 441 38.91 -14.58 8.20
N ARG C 442 39.96 -13.76 8.04
CA ARG C 442 39.90 -12.69 7.06
C ARG C 442 39.80 -13.22 5.65
N GLU C 443 40.50 -14.31 5.34
CA GLU C 443 40.39 -14.93 4.03
C GLU C 443 38.99 -15.46 3.79
N ILE C 444 38.38 -16.07 4.82
CA ILE C 444 37.01 -16.58 4.67
C ILE C 444 36.05 -15.42 4.42
N LEU C 445 36.19 -14.33 5.17
CA LEU C 445 35.31 -13.18 4.97
C LEU C 445 35.50 -12.58 3.59
N LYS C 446 36.75 -12.53 3.10
CA LYS C 446 37.00 -12.05 1.75
C LYS C 446 36.34 -12.94 0.71
N GLN C 447 36.44 -14.27 0.89
CA GLN C 447 35.76 -15.20 -0.02
C GLN C 447 34.26 -14.96 0.00
N ILE C 448 33.71 -14.60 1.16
CA ILE C 448 32.30 -14.18 1.21
C ILE C 448 32.08 -12.93 0.37
N GLU C 449 33.02 -11.98 0.46
CA GLU C 449 32.84 -10.70 -0.21
C GLU C 449 32.90 -10.82 -1.73
N TYR C 450 33.58 -11.83 -2.25
CA TYR C 450 33.67 -12.06 -3.69
C TYR C 450 32.59 -13.02 -4.19
N ARG C 451 31.66 -13.43 -3.33
CA ARG C 451 30.60 -14.39 -3.68
C ARG C 451 31.17 -15.70 -4.20
N ASN C 452 32.29 -16.13 -3.60
CA ASN C 452 32.82 -17.47 -3.85
C ASN C 452 32.38 -18.36 -2.68
N LEU C 453 31.10 -18.69 -2.68
CA LEU C 453 30.48 -19.40 -1.58
C LEU C 453 30.57 -20.92 -1.78
N PHE C 454 30.26 -21.64 -0.71
CA PHE C 454 30.30 -23.10 -0.77
C PHE C 454 29.21 -23.62 -1.71
N LYS C 455 29.52 -24.74 -2.36
CA LYS C 455 28.64 -25.30 -3.37
C LYS C 455 27.55 -26.16 -2.75
N TYR C 456 26.47 -26.36 -3.51
CA TYR C 456 25.31 -27.11 -3.06
C TYR C 456 25.10 -28.29 -4.00
N VAL C 457 25.10 -29.49 -3.44
CA VAL C 457 24.99 -30.71 -4.24
C VAL C 457 23.54 -31.11 -4.43
N GLY C 458 22.78 -31.26 -3.33
CA GLY C 458 21.40 -31.67 -3.42
C GLY C 458 20.82 -32.12 -2.09
N GLU C 459 19.51 -31.96 -1.92
CA GLU C 459 18.85 -32.33 -0.68
C GLU C 459 18.15 -33.67 -0.82
N THR C 460 17.69 -34.19 0.32
CA THR C 460 16.91 -35.42 0.35
C THR C 460 15.41 -35.06 0.31
N GLN C 461 14.56 -36.04 0.53
CA GLN C 461 13.13 -35.84 0.58
C GLN C 461 12.58 -36.50 1.84
N PRO C 462 11.47 -35.99 2.39
CA PRO C 462 10.92 -36.57 3.61
C PRO C 462 10.43 -38.01 3.43
N THR C 463 11.13 -38.96 4.05
CA THR C 463 10.77 -40.37 3.98
C THR C 463 11.57 -41.12 5.06
N GLY C 464 11.12 -42.34 5.36
CA GLY C 464 11.80 -43.21 6.28
C GLY C 464 11.34 -43.13 7.72
N GLN C 465 10.63 -42.06 8.10
CA GLN C 465 10.06 -41.90 9.44
C GLN C 465 11.14 -41.77 10.52
N ILE C 466 12.41 -41.82 10.12
CA ILE C 466 13.52 -41.66 11.05
C ILE C 466 13.95 -40.19 11.07
N LYS C 467 14.21 -39.66 12.27
CA LYS C 467 14.57 -38.26 12.45
C LYS C 467 16.01 -38.16 12.92
N ILE C 468 16.80 -37.35 12.22
CA ILE C 468 18.19 -37.13 12.59
C ILE C 468 18.25 -36.08 13.68
N LYS C 469 18.87 -36.43 14.80
CA LYS C 469 18.91 -35.57 15.97
C LYS C 469 20.27 -34.86 16.07
N ARG C 470 20.48 -34.15 17.18
CA ARG C 470 21.68 -33.34 17.34
C ARG C 470 22.94 -34.20 17.37
N GLU C 471 22.89 -35.35 18.05
CA GLU C 471 24.09 -36.17 18.23
C GLU C 471 24.62 -36.72 16.91
N ASP C 472 23.80 -36.78 15.87
CA ASP C 472 24.22 -37.31 14.58
C ASP C 472 24.75 -36.24 13.63
N TYR C 473 24.88 -34.99 14.10
CA TYR C 473 25.35 -33.93 13.22
C TYR C 473 26.76 -34.19 12.72
N GLU C 474 27.66 -34.59 13.60
CA GLU C 474 29.06 -34.78 13.23
C GLU C 474 29.29 -36.07 12.45
N SER C 475 28.47 -37.10 12.68
CA SER C 475 28.68 -38.38 12.02
C SER C 475 28.14 -38.42 10.60
N LEU C 476 27.26 -37.48 10.23
CA LEU C 476 26.68 -37.49 8.89
C LEU C 476 27.70 -37.28 7.78
N PRO C 477 28.63 -36.30 7.86
CA PRO C 477 29.56 -36.11 6.73
C PRO C 477 30.41 -37.32 6.40
N LYS C 478 30.79 -38.11 7.41
CA LYS C 478 31.63 -39.27 7.16
C LYS C 478 30.92 -40.33 6.34
N GLU C 479 29.59 -40.39 6.43
CA GLU C 479 28.83 -41.41 5.72
C GLU C 479 28.95 -41.24 4.21
N VAL C 480 28.86 -40.00 3.73
CA VAL C 480 28.94 -39.76 2.29
C VAL C 480 30.35 -40.02 1.78
N ALA C 481 31.37 -39.61 2.54
CA ALA C 481 32.75 -39.83 2.13
C ALA C 481 33.10 -41.31 2.12
N SER C 482 32.62 -42.05 3.12
CA SER C 482 32.95 -43.48 3.21
C SER C 482 32.25 -44.30 2.14
N ALA C 483 31.23 -43.75 1.49
CA ALA C 483 30.54 -44.48 0.43
C ALA C 483 31.48 -44.72 -0.75
N LYS C 484 31.30 -45.87 -1.41
CA LYS C 484 32.15 -46.26 -2.52
C LYS C 484 31.44 -46.03 -3.85
N PRO C 485 31.87 -45.07 -4.65
CA PRO C 485 31.24 -44.88 -5.97
C PRO C 485 31.62 -45.99 -6.93
N LYS C 486 30.82 -46.13 -7.98
CA LYS C 486 31.08 -47.15 -8.99
C LYS C 486 32.41 -46.91 -9.69
N VAL C 487 32.70 -45.65 -10.03
CA VAL C 487 33.92 -45.29 -10.72
C VAL C 487 34.84 -44.56 -9.76
N LEU C 488 36.10 -45.01 -9.68
CA LEU C 488 37.07 -44.38 -8.80
C LEU C 488 37.36 -42.95 -9.25
N LEU C 489 37.62 -42.08 -8.28
CA LEU C 489 37.89 -40.68 -8.53
C LEU C 489 39.38 -40.41 -8.40
N ASP C 490 39.94 -39.67 -9.36
CA ASP C 490 41.36 -39.34 -9.32
C ASP C 490 41.69 -38.47 -8.11
N VAL C 491 40.84 -37.49 -7.82
CA VAL C 491 41.02 -36.62 -6.66
C VAL C 491 40.24 -37.21 -5.49
N LYS C 492 40.94 -37.57 -4.43
CA LYS C 492 40.31 -38.17 -3.26
C LYS C 492 39.44 -37.14 -2.53
N LEU C 493 38.41 -37.63 -1.86
CA LEU C 493 37.50 -36.79 -1.09
C LEU C 493 37.62 -37.16 0.39
N LYS C 494 37.77 -36.15 1.24
CA LYS C 494 37.89 -36.35 2.67
C LYS C 494 36.63 -35.86 3.39
N ALA C 495 36.37 -36.44 4.55
CA ALA C 495 35.20 -36.11 5.34
C ALA C 495 35.40 -34.90 6.24
N GLU C 496 36.60 -34.33 6.25
CA GLU C 496 36.89 -33.16 7.07
C GLU C 496 36.51 -31.85 6.38
N ASP C 497 35.97 -31.90 5.16
CA ASP C 497 35.59 -30.70 4.42
C ASP C 497 34.13 -30.77 3.98
N PHE C 498 33.30 -31.48 4.73
CA PHE C 498 31.87 -31.59 4.45
C PHE C 498 31.08 -30.91 5.55
N ILE C 499 30.03 -30.19 5.15
CA ILE C 499 29.09 -29.57 6.07
C ILE C 499 27.69 -30.00 5.68
N VAL C 500 26.97 -30.58 6.63
CA VAL C 500 25.61 -31.09 6.39
C VAL C 500 24.67 -30.38 7.35
N ASP C 501 23.59 -29.82 6.83
CA ASP C 501 22.61 -29.10 7.63
C ASP C 501 21.25 -29.76 7.48
N VAL C 502 20.54 -29.86 8.61
CA VAL C 502 19.20 -30.43 8.65
C VAL C 502 18.23 -29.34 9.10
N ILE C 503 17.12 -29.21 8.39
CA ILE C 503 16.15 -28.14 8.61
C ILE C 503 14.82 -28.77 9.01
N ASN C 504 14.24 -28.30 10.10
CA ASN C 504 12.99 -28.82 10.63
C ASN C 504 11.88 -27.82 10.32
N MET C 505 10.85 -28.28 9.62
CA MET C 505 9.67 -27.47 9.32
C MET C 505 8.47 -28.06 10.06
N ASP C 506 7.77 -27.21 10.80
CA ASP C 506 6.63 -27.64 11.60
C ASP C 506 5.77 -26.43 11.91
N TYR C 507 4.64 -26.68 12.58
CA TYR C 507 3.70 -25.64 12.98
C TYR C 507 3.94 -25.14 14.40
N GLY C 508 5.18 -25.21 14.88
CA GLY C 508 5.49 -24.84 16.23
C GLY C 508 5.28 -25.92 17.26
N MET C 509 4.88 -27.11 16.85
CA MET C 509 4.62 -28.23 17.74
C MET C 509 5.40 -29.45 17.28
N GLN C 510 5.34 -30.52 18.09
CA GLN C 510 5.95 -31.79 17.75
C GLN C 510 4.89 -32.71 17.12
N GLU C 511 4.47 -32.31 15.92
CA GLU C 511 3.45 -32.99 15.13
C GLU C 511 2.07 -32.78 15.75
N LYS C 512 2.04 -32.15 16.93
CA LYS C 512 0.79 -31.88 17.61
C LYS C 512 0.01 -30.79 16.90
N ASN C 513 -1.31 -30.89 16.94
CA ASN C 513 -2.16 -29.85 16.38
C ASN C 513 -2.01 -28.58 17.21
N PRO C 514 -1.60 -27.45 16.62
CA PRO C 514 -1.43 -26.23 17.41
C PRO C 514 -2.73 -25.72 18.01
N ILE C 515 -3.77 -25.59 17.18
CA ILE C 515 -5.07 -25.13 17.67
C ILE C 515 -5.84 -26.38 18.09
N ASP C 516 -5.54 -26.84 19.30
CA ASP C 516 -6.33 -27.86 19.97
C ASP C 516 -6.48 -27.46 21.43
N HIS C 517 -5.49 -26.71 21.93
CA HIS C 517 -5.52 -26.19 23.29
C HIS C 517 -6.20 -24.83 23.39
N VAL C 518 -6.50 -24.21 22.25
CA VAL C 518 -7.21 -22.94 22.25
C VAL C 518 -8.70 -23.19 22.42
N SER C 519 -9.36 -22.39 23.25
CA SER C 519 -10.76 -22.54 23.55
C SER C 519 -11.58 -21.51 22.79
N PHE C 520 -12.67 -21.95 22.18
CA PHE C 520 -13.54 -21.09 21.40
C PHE C 520 -14.78 -20.71 22.21
N TYR C 521 -15.69 -20.00 21.57
CA TYR C 521 -16.97 -19.64 22.20
C TYR C 521 -17.98 -19.39 21.10
N CYS C 522 -19.26 -19.40 21.49
CA CYS C 522 -20.36 -19.20 20.57
C CYS C 522 -21.07 -17.90 20.89
N LYS C 523 -21.67 -17.30 19.85
CA LYS C 523 -22.33 -16.01 20.03
C LYS C 523 -23.54 -16.13 20.96
N THR C 524 -24.21 -17.29 20.94
CA THR C 524 -25.36 -17.48 21.83
C THR C 524 -24.94 -17.45 23.29
N ALA C 525 -23.85 -18.13 23.62
CA ALA C 525 -23.33 -18.18 25.00
C ALA C 525 -21.86 -17.80 24.99
N PRO C 526 -21.52 -16.56 25.36
CA PRO C 526 -20.12 -16.14 25.32
C PRO C 526 -19.32 -16.62 26.53
N ASN C 527 -19.97 -16.72 27.69
CA ASN C 527 -19.28 -17.11 28.91
C ASN C 527 -18.86 -18.57 28.93
N ARG C 528 -19.34 -19.39 28.01
CA ARG C 528 -19.04 -20.81 27.98
C ARG C 528 -18.15 -21.14 26.79
N ALA C 529 -17.25 -22.11 26.98
CA ALA C 529 -16.27 -22.49 25.98
C ALA C 529 -16.61 -23.86 25.40
N ILE C 530 -16.56 -23.96 24.08
CA ILE C 530 -16.80 -25.22 23.38
C ILE C 530 -15.61 -25.43 22.44
N ARG C 531 -14.80 -26.45 22.73
CA ARG C 531 -13.64 -26.74 21.90
C ARG C 531 -14.07 -27.30 20.55
N ILE C 532 -13.30 -26.95 19.52
CA ILE C 532 -13.58 -27.36 18.15
C ILE C 532 -12.46 -28.28 17.69
N THR C 533 -12.83 -29.38 17.04
CA THR C 533 -11.88 -30.36 16.53
C THR C 533 -11.44 -29.97 15.12
N LYS C 534 -10.76 -30.88 14.44
CA LYS C 534 -10.24 -30.61 13.11
C LYS C 534 -11.20 -31.01 12.00
N ASN C 535 -12.02 -32.05 12.22
CA ASN C 535 -12.94 -32.50 11.19
C ASN C 535 -14.13 -31.57 11.00
N GLN C 536 -14.54 -30.84 12.05
CA GLN C 536 -15.68 -29.96 11.94
C GLN C 536 -15.41 -28.78 11.01
N VAL C 537 -14.15 -28.37 10.90
CA VAL C 537 -13.79 -27.19 10.12
C VAL C 537 -14.00 -27.45 8.63
N SER C 538 -13.24 -28.39 8.08
CA SER C 538 -13.29 -28.71 6.65
C SER C 538 -12.36 -29.89 6.40
N GLN C 539 -12.45 -30.43 5.19
CA GLN C 539 -11.56 -31.49 4.73
C GLN C 539 -10.43 -30.94 3.86
N LEU C 540 -10.29 -29.62 3.78
CA LEU C 540 -9.26 -28.96 2.98
C LEU C 540 -8.07 -28.53 3.83
N LEU C 541 -7.73 -29.32 4.86
CA LEU C 541 -6.70 -28.96 5.81
C LEU C 541 -5.48 -29.87 5.65
N PRO C 542 -4.30 -29.40 6.07
CA PRO C 542 -3.10 -30.25 6.03
C PRO C 542 -3.30 -31.56 6.81
N GLU C 543 -2.36 -32.48 6.59
CA GLU C 543 -2.41 -33.79 7.23
C GLU C 543 -1.24 -34.05 8.18
N LYS C 544 -0.38 -33.07 8.43
CA LYS C 544 0.75 -33.26 9.30
C LYS C 544 1.15 -31.91 9.89
N PHE C 545 1.94 -31.95 10.96
CA PHE C 545 2.38 -30.75 11.66
C PHE C 545 3.88 -30.78 11.94
N ALA C 546 4.63 -31.56 11.17
CA ALA C 546 6.08 -31.63 11.35
C ALA C 546 6.70 -32.28 10.12
N GLU C 547 7.90 -31.81 9.77
CA GLU C 547 8.64 -32.33 8.63
C GLU C 547 10.13 -32.13 8.91
N GLN C 548 10.96 -32.66 8.02
CA GLN C 548 12.40 -32.49 8.11
C GLN C 548 13.00 -32.42 6.71
N LEU C 549 14.13 -31.73 6.60
CA LEU C 549 14.90 -31.67 5.36
C LEU C 549 16.38 -31.78 5.70
N ILE C 550 17.15 -32.29 4.74
CA ILE C 550 18.59 -32.49 4.91
C ILE C 550 19.31 -31.85 3.74
N ARG C 551 20.27 -30.98 4.04
CA ARG C 551 21.06 -30.28 3.03
C ARG C 551 22.54 -30.55 3.25
N VAL C 552 23.27 -30.76 2.16
CA VAL C 552 24.70 -31.06 2.21
C VAL C 552 25.47 -29.95 1.51
N TYR C 553 26.56 -29.51 2.12
CA TYR C 553 27.43 -28.48 1.59
C TYR C 553 28.87 -28.96 1.61
N CYS C 554 29.62 -28.64 0.55
CA CYS C 554 31.01 -29.04 0.42
C CYS C 554 31.89 -27.80 0.40
N LYS C 555 32.94 -27.80 1.22
CA LYS C 555 33.85 -26.66 1.26
C LYS C 555 34.60 -26.50 -0.06
N LYS C 556 35.06 -27.60 -0.64
CA LYS C 556 35.87 -27.56 -1.86
C LYS C 556 34.96 -27.20 -3.04
N VAL C 557 35.05 -25.95 -3.50
CA VAL C 557 34.19 -25.46 -4.57
C VAL C 557 34.81 -25.63 -5.95
N ASP C 558 35.89 -26.39 -6.08
CA ASP C 558 36.53 -26.58 -7.37
C ASP C 558 35.60 -27.28 -8.35
N ARG C 559 35.64 -26.86 -9.61
CA ARG C 559 34.73 -27.39 -10.61
C ARG C 559 34.99 -28.87 -10.91
N LYS C 560 36.16 -29.38 -10.57
CA LYS C 560 36.47 -30.77 -10.84
C LYS C 560 35.60 -31.71 -10.00
N SER C 561 35.27 -31.31 -8.77
CA SER C 561 34.56 -32.17 -7.85
C SER C 561 33.04 -32.06 -7.97
N LEU C 562 32.52 -31.24 -8.90
CA LEU C 562 31.08 -31.10 -9.05
C LEU C 562 30.44 -32.44 -9.44
N TYR C 563 31.05 -33.15 -10.39
CA TYR C 563 30.52 -34.45 -10.77
C TYR C 563 30.82 -35.50 -9.71
N ALA C 564 32.01 -35.44 -9.10
CA ALA C 564 32.38 -36.43 -8.09
C ALA C 564 31.50 -36.32 -6.86
N ALA C 565 31.16 -35.09 -6.44
CA ALA C 565 30.35 -34.91 -5.24
C ALA C 565 28.95 -35.48 -5.43
N ARG C 566 28.36 -35.28 -6.62
CA ARG C 566 27.02 -35.77 -6.87
C ARG C 566 26.96 -37.29 -6.82
N GLN C 567 27.97 -37.97 -7.39
CA GLN C 567 28.00 -39.42 -7.35
C GLN C 567 28.10 -39.94 -5.94
N TYR C 568 28.92 -39.30 -5.09
CA TYR C 568 29.00 -39.69 -3.69
C TYR C 568 27.69 -39.43 -2.97
N PHE C 569 27.00 -38.35 -3.32
CA PHE C 569 25.76 -38.00 -2.63
C PHE C 569 24.65 -38.99 -2.95
N VAL C 570 24.47 -39.32 -4.24
CA VAL C 570 23.39 -40.22 -4.63
C VAL C 570 23.62 -41.61 -4.07
N GLN C 571 24.88 -42.01 -3.92
CA GLN C 571 25.17 -43.32 -3.33
C GLN C 571 24.73 -43.39 -1.88
N TRP C 572 24.94 -42.31 -1.12
CA TRP C 572 24.62 -42.32 0.30
C TRP C 572 23.11 -42.47 0.53
N CYS C 573 22.30 -41.75 -0.23
CA CYS C 573 20.85 -41.78 -0.02
C CYS C 573 20.30 -43.17 -0.30
N ALA C 574 20.74 -43.80 -1.40
CA ALA C 574 20.32 -45.16 -1.68
C ALA C 574 20.84 -46.14 -0.63
N ASP C 575 22.08 -45.94 -0.18
CA ASP C 575 22.66 -46.84 0.82
C ASP C 575 21.89 -46.77 2.13
N ARG C 576 21.49 -45.57 2.55
CA ARG C 576 20.72 -45.38 3.76
C ARG C 576 19.22 -45.52 3.54
N ASN C 577 18.81 -46.02 2.37
CA ASN C 577 17.41 -46.27 2.04
C ASN C 577 16.58 -44.99 2.12
N PHE C 578 16.94 -44.03 1.29
CA PHE C 578 16.18 -42.79 1.18
C PHE C 578 15.30 -42.82 -0.07
N THR D 114 23.56 -15.25 -18.30
CA THR D 114 23.24 -15.45 -16.89
C THR D 114 22.71 -14.17 -16.26
N MET D 115 21.45 -13.84 -16.55
CA MET D 115 20.82 -12.63 -16.04
C MET D 115 20.31 -12.91 -14.63
N LYS D 116 21.10 -12.50 -13.64
CA LYS D 116 20.69 -12.68 -12.25
C LYS D 116 19.47 -11.83 -11.93
N VAL D 117 18.66 -12.33 -10.99
CA VAL D 117 17.43 -11.66 -10.58
C VAL D 117 17.51 -11.40 -9.09
N ILE D 118 17.22 -10.15 -8.70
CA ILE D 118 17.20 -9.74 -7.30
C ILE D 118 15.85 -9.12 -7.02
N ASN D 119 15.45 -9.15 -5.75
CA ASN D 119 14.14 -8.68 -5.32
C ASN D 119 14.29 -7.39 -4.52
N ASP D 120 13.53 -6.37 -4.92
CA ASP D 120 13.54 -5.06 -4.30
C ASP D 120 12.20 -4.79 -3.63
N PRO D 121 12.18 -4.31 -2.38
CA PRO D 121 10.90 -3.89 -1.80
C PRO D 121 10.27 -2.71 -2.50
N ILE D 122 11.03 -1.93 -3.28
CA ILE D 122 10.52 -0.75 -3.95
C ILE D 122 10.01 -1.13 -5.34
N HIS D 123 10.91 -1.63 -6.18
CA HIS D 123 10.55 -2.09 -7.51
C HIS D 123 10.15 -3.57 -7.44
N GLY D 124 10.07 -4.22 -8.59
CA GLY D 124 9.78 -5.65 -8.60
C GLY D 124 11.05 -6.48 -8.62
N HIS D 125 11.07 -7.53 -9.42
CA HIS D 125 12.26 -8.33 -9.63
C HIS D 125 13.04 -7.75 -10.81
N ILE D 126 14.24 -7.25 -10.55
CA ILE D 126 14.99 -6.48 -11.53
C ILE D 126 16.16 -7.35 -12.01
N GLU D 127 16.32 -7.43 -13.34
CA GLU D 127 17.37 -8.25 -13.93
C GLU D 127 18.68 -7.48 -13.98
N LEU D 128 19.78 -8.22 -13.94
CA LEU D 128 21.12 -7.63 -13.93
C LEU D 128 21.98 -8.32 -14.98
N HIS D 129 22.70 -7.51 -15.76
CA HIS D 129 23.62 -8.04 -16.74
C HIS D 129 24.81 -8.72 -16.04
N PRO D 130 25.42 -9.71 -16.69
CA PRO D 130 26.62 -10.32 -16.10
C PRO D 130 27.76 -9.33 -15.85
N LEU D 131 27.89 -8.30 -16.69
CA LEU D 131 28.89 -7.27 -16.44
C LEU D 131 28.60 -6.53 -15.14
N LEU D 132 27.32 -6.18 -14.91
CA LEU D 132 26.95 -5.57 -13.63
C LEU D 132 27.14 -6.54 -12.48
N VAL D 133 26.93 -7.83 -12.71
CA VAL D 133 27.15 -8.83 -11.67
C VAL D 133 28.62 -8.85 -11.27
N ARG D 134 29.52 -8.86 -12.25
CA ARG D 134 30.95 -8.87 -11.94
C ARG D 134 31.39 -7.57 -11.30
N ILE D 135 30.80 -6.44 -11.71
CA ILE D 135 31.16 -5.16 -11.11
C ILE D 135 30.68 -5.09 -9.65
N ILE D 136 29.51 -5.64 -9.36
CA ILE D 136 28.97 -5.58 -8.00
C ILE D 136 29.80 -6.42 -7.03
N ASP D 137 30.24 -7.59 -7.46
CA ASP D 137 30.96 -8.51 -6.57
C ASP D 137 32.41 -8.06 -6.38
N THR D 138 32.56 -6.86 -5.83
CA THR D 138 33.86 -6.27 -5.55
C THR D 138 33.84 -5.67 -4.15
N PRO D 139 34.99 -5.65 -3.47
CA PRO D 139 35.04 -4.99 -2.15
C PRO D 139 34.67 -3.52 -2.20
N GLN D 140 35.06 -2.82 -3.26
CA GLN D 140 34.77 -1.38 -3.36
C GLN D 140 33.28 -1.12 -3.48
N PHE D 141 32.53 -2.05 -4.08
CA PHE D 141 31.09 -1.91 -4.17
C PHE D 141 30.37 -2.46 -2.94
N GLN D 142 30.86 -3.59 -2.40
CA GLN D 142 30.27 -4.14 -1.19
C GLN D 142 30.51 -3.26 0.03
N ARG D 143 31.45 -2.31 -0.07
CA ARG D 143 31.66 -1.34 1.00
C ARG D 143 30.39 -0.53 1.30
N LEU D 144 29.51 -0.37 0.31
CA LEU D 144 28.31 0.45 0.46
C LEU D 144 27.25 -0.19 1.36
N ARG D 145 27.43 -1.44 1.78
CA ARG D 145 26.49 -2.08 2.69
C ARG D 145 26.56 -1.54 4.10
N TYR D 146 27.60 -0.78 4.43
CA TYR D 146 27.81 -0.28 5.79
C TYR D 146 27.86 1.25 5.83
N ILE D 147 27.20 1.88 4.87
CA ILE D 147 27.03 3.33 4.84
C ILE D 147 25.54 3.63 4.80
N LYS D 148 25.08 4.48 5.71
CA LYS D 148 23.66 4.75 5.86
C LYS D 148 23.20 5.82 4.88
N GLN D 149 21.92 5.73 4.50
CA GLN D 149 21.36 6.70 3.56
C GLN D 149 21.09 8.04 4.24
N LEU D 150 20.58 8.01 5.47
CA LEU D 150 20.22 9.24 6.16
C LEU D 150 21.19 9.64 7.27
N GLY D 151 22.03 8.73 7.75
CA GLY D 151 23.01 9.08 8.75
C GLY D 151 22.42 9.37 10.12
N GLY D 152 22.40 10.64 10.49
CA GLY D 152 21.89 11.03 11.79
C GLY D 152 20.38 11.00 11.94
N GLY D 153 19.65 10.80 10.84
CA GLY D 153 18.21 10.67 10.91
C GLY D 153 17.72 9.31 11.39
N TYR D 154 18.62 8.34 11.52
CA TYR D 154 18.25 7.04 12.05
C TYR D 154 17.88 7.11 13.53
N TYR D 155 18.36 8.11 14.25
CA TYR D 155 18.07 8.28 15.66
C TYR D 155 16.80 9.09 15.93
N VAL D 156 16.12 9.52 14.87
CA VAL D 156 14.83 10.19 14.98
C VAL D 156 13.72 9.37 14.35
N PHE D 157 13.99 8.76 13.20
CA PHE D 157 13.05 7.84 12.55
C PHE D 157 13.61 6.42 12.67
N PRO D 158 13.09 5.59 13.57
CA PRO D 158 13.68 4.26 13.78
C PRO D 158 13.62 3.36 12.57
N GLY D 159 12.73 3.61 11.61
CA GLY D 159 12.62 2.76 10.45
C GLY D 159 13.57 3.07 9.31
N ALA D 160 14.40 4.11 9.44
CA ALA D 160 15.30 4.53 8.36
C ALA D 160 16.67 3.92 8.61
N SER D 161 16.77 2.62 8.35
CA SER D 161 18.01 1.87 8.53
C SER D 161 18.60 1.39 7.21
N HIS D 162 18.10 1.86 6.07
CA HIS D 162 18.56 1.39 4.78
C HIS D 162 19.92 1.99 4.43
N ASN D 163 20.61 1.33 3.50
CA ASN D 163 21.95 1.70 3.06
C ASN D 163 21.91 2.16 1.60
N ARG D 164 23.10 2.41 1.05
CA ARG D 164 23.27 2.89 -0.31
C ARG D 164 23.30 1.79 -1.36
N PHE D 165 23.42 0.53 -0.94
CA PHE D 165 23.49 -0.59 -1.89
C PHE D 165 22.22 -0.69 -2.71
N GLU D 166 21.07 -0.74 -2.03
CA GLU D 166 19.79 -0.83 -2.73
C GLU D 166 19.52 0.42 -3.55
N HIS D 167 19.92 1.59 -3.02
CA HIS D 167 19.74 2.83 -3.76
C HIS D 167 20.50 2.81 -5.08
N SER D 168 21.75 2.34 -5.05
CA SER D 168 22.54 2.27 -6.28
C SER D 168 21.94 1.26 -7.26
N LEU D 169 21.51 0.11 -6.76
CA LEU D 169 20.88 -0.88 -7.64
C LEU D 169 19.62 -0.32 -8.29
N GLY D 170 18.78 0.36 -7.50
CA GLY D 170 17.57 0.94 -8.06
C GLY D 170 17.83 2.05 -9.06
N VAL D 171 18.84 2.88 -8.80
CA VAL D 171 19.17 3.94 -9.75
C VAL D 171 19.65 3.35 -11.06
N GLY D 172 20.49 2.31 -11.01
CA GLY D 172 20.90 1.64 -12.23
C GLY D 172 19.72 1.08 -13.00
N TYR D 173 18.81 0.41 -12.28
CA TYR D 173 17.62 -0.16 -12.93
C TYR D 173 16.77 0.91 -13.57
N LEU D 174 16.55 2.03 -12.86
CA LEU D 174 15.71 3.09 -13.39
C LEU D 174 16.34 3.74 -14.62
N ALA D 175 17.66 3.98 -14.59
CA ALA D 175 18.32 4.53 -15.75
C ALA D 175 18.19 3.61 -16.95
N GLY D 176 18.41 2.31 -16.74
CA GLY D 176 18.25 1.36 -17.84
C GLY D 176 16.84 1.35 -18.40
N CYS D 177 15.83 1.37 -17.52
CA CYS D 177 14.45 1.36 -17.98
C CYS D 177 14.11 2.63 -18.76
N LEU D 178 14.56 3.79 -18.29
CA LEU D 178 14.30 5.03 -19.01
C LEU D 178 14.94 5.03 -20.38
N VAL D 179 16.20 4.57 -20.47
CA VAL D 179 16.88 4.51 -21.77
C VAL D 179 16.15 3.56 -22.71
N HIS D 180 15.73 2.39 -22.19
CA HIS D 180 15.02 1.43 -23.01
C HIS D 180 13.71 1.99 -23.54
N ALA D 181 12.94 2.67 -22.68
CA ALA D 181 11.68 3.25 -23.11
C ALA D 181 11.88 4.34 -24.15
N LEU D 182 12.86 5.22 -23.93
CA LEU D 182 13.13 6.28 -24.89
C LEU D 182 13.58 5.71 -26.24
N GLY D 183 14.38 4.63 -26.20
CA GLY D 183 14.77 4.00 -27.46
C GLY D 183 13.61 3.35 -28.17
N GLU D 184 12.69 2.74 -27.42
CA GLU D 184 11.55 2.08 -28.05
C GLU D 184 10.59 3.09 -28.67
N LYS D 185 10.40 4.24 -28.03
CA LYS D 185 9.49 5.24 -28.58
C LYS D 185 9.99 5.80 -29.91
N GLN D 186 11.28 6.07 -30.01
CA GLN D 186 11.87 6.65 -31.22
C GLN D 186 12.98 5.75 -31.77
N PRO D 187 12.69 4.91 -32.77
CA PRO D 187 13.73 4.06 -33.34
C PRO D 187 14.76 4.79 -34.17
N GLU D 188 14.63 6.10 -34.36
CA GLU D 188 15.55 6.87 -35.18
C GLU D 188 16.68 7.50 -34.39
N LEU D 189 16.77 7.24 -33.09
CA LEU D 189 17.83 7.80 -32.26
C LEU D 189 19.11 6.98 -32.31
N GLN D 190 19.11 5.83 -32.99
CA GLN D 190 20.29 4.99 -33.15
C GLN D 190 20.89 4.59 -31.80
N ILE D 191 20.02 4.30 -30.83
CA ILE D 191 20.46 3.85 -29.51
C ILE D 191 20.82 2.37 -29.60
N SER D 192 22.03 2.02 -29.18
CA SER D 192 22.53 0.66 -29.22
C SER D 192 22.62 0.07 -27.82
N GLU D 193 22.92 -1.22 -27.76
CA GLU D 193 23.04 -1.90 -26.48
C GLU D 193 24.24 -1.39 -25.69
N ARG D 194 25.31 -0.97 -26.37
CA ARG D 194 26.48 -0.46 -25.69
C ARG D 194 26.16 0.80 -24.89
N ASP D 195 25.38 1.71 -25.48
CA ASP D 195 25.01 2.93 -24.77
C ASP D 195 24.13 2.64 -23.57
N VAL D 196 23.19 1.70 -23.70
CA VAL D 196 22.34 1.33 -22.58
C VAL D 196 23.18 0.74 -21.45
N LEU D 197 24.13 -0.14 -21.80
CA LEU D 197 24.99 -0.74 -20.79
C LEU D 197 25.86 0.31 -20.11
N CYS D 198 26.40 1.26 -20.88
CA CYS D 198 27.20 2.32 -20.30
C CYS D 198 26.39 3.18 -19.34
N VAL D 199 25.15 3.52 -19.72
CA VAL D 199 24.30 4.30 -18.83
C VAL D 199 23.98 3.52 -17.56
N GLN D 200 23.74 2.21 -17.70
CA GLN D 200 23.46 1.38 -16.53
C GLN D 200 24.66 1.34 -15.59
N ILE D 201 25.88 1.19 -16.14
CA ILE D 201 27.08 1.19 -15.31
C ILE D 201 27.27 2.53 -14.63
N ALA D 202 27.03 3.63 -15.36
CA ALA D 202 27.19 4.95 -14.77
C ALA D 202 26.19 5.17 -13.63
N GLY D 203 24.95 4.73 -13.81
CA GLY D 203 23.98 4.82 -12.74
C GLY D 203 24.32 3.94 -11.55
N LEU D 204 24.90 2.76 -11.80
CA LEU D 204 25.23 1.84 -10.71
C LEU D 204 26.29 2.41 -9.79
N CYS D 205 27.32 3.04 -10.34
CA CYS D 205 28.50 3.46 -9.58
C CYS D 205 28.60 4.98 -9.45
N HIS D 206 27.47 5.64 -9.20
CA HIS D 206 27.46 7.09 -9.06
C HIS D 206 27.64 7.55 -7.62
N ASP D 207 27.72 6.63 -6.65
CA ASP D 207 27.83 6.99 -5.25
C ASP D 207 28.89 6.16 -4.53
N LEU D 208 29.92 5.73 -5.26
CA LEU D 208 30.99 4.95 -4.64
C LEU D 208 31.87 5.77 -3.71
N GLY D 209 31.78 7.09 -3.77
CA GLY D 209 32.62 7.97 -2.99
C GLY D 209 32.02 8.50 -1.70
N HIS D 210 30.88 7.97 -1.27
CA HIS D 210 30.28 8.42 -0.01
C HIS D 210 31.11 7.95 1.18
N GLY D 211 31.23 8.83 2.18
CA GLY D 211 31.93 8.51 3.39
C GLY D 211 30.97 8.12 4.50
N PRO D 212 31.48 7.98 5.73
CA PRO D 212 30.63 7.59 6.84
C PRO D 212 29.48 8.56 7.05
N PHE D 213 28.30 8.01 7.34
CA PHE D 213 27.08 8.78 7.57
C PHE D 213 26.72 9.66 6.38
N SER D 214 27.14 9.22 5.18
CA SER D 214 26.81 9.86 3.91
C SER D 214 27.12 11.36 3.91
N HIS D 215 26.07 12.19 3.94
CA HIS D 215 26.25 13.63 3.76
C HIS D 215 26.96 14.29 4.94
N MET D 216 26.90 13.69 6.13
CA MET D 216 27.54 14.30 7.29
C MET D 216 29.02 14.49 7.06
N PHE D 217 29.68 13.48 6.48
CA PHE D 217 31.11 13.54 6.21
C PHE D 217 31.46 14.77 5.39
N ASP D 218 31.00 14.81 4.14
CA ASP D 218 31.39 15.86 3.20
C ASP D 218 30.68 17.18 3.46
N GLY D 219 29.74 17.24 4.39
CA GLY D 219 29.11 18.51 4.70
C GLY D 219 29.63 19.16 5.97
N ARG D 220 30.18 18.36 6.89
CA ARG D 220 30.63 18.96 8.14
C ARG D 220 32.06 18.63 8.51
N PHE D 221 32.52 17.40 8.26
CA PHE D 221 33.82 16.98 8.79
C PHE D 221 34.96 17.49 7.91
N ILE D 222 34.93 17.16 6.62
CA ILE D 222 36.00 17.59 5.72
C ILE D 222 36.13 19.11 5.66
N PRO D 223 35.05 19.90 5.53
CA PRO D 223 35.22 21.35 5.57
C PRO D 223 35.84 21.86 6.87
N LEU D 224 35.68 21.13 7.97
CA LEU D 224 36.26 21.55 9.25
C LEU D 224 37.60 20.89 9.55
N ALA D 225 37.79 19.63 9.16
CA ALA D 225 39.06 18.95 9.40
C ALA D 225 40.15 19.53 8.51
N ARG D 226 39.86 19.70 7.22
CA ARG D 226 40.83 20.21 6.24
C ARG D 226 40.19 21.37 5.49
N PRO D 227 40.17 22.56 6.08
CA PRO D 227 39.50 23.70 5.44
C PRO D 227 40.15 24.15 4.15
N GLU D 228 41.40 23.78 3.88
CA GLU D 228 42.14 24.29 2.75
C GLU D 228 41.94 23.49 1.47
N VAL D 229 41.09 22.45 1.50
CA VAL D 229 40.84 21.62 0.33
C VAL D 229 39.33 21.56 0.10
N LYS D 230 38.92 21.65 -1.17
CA LYS D 230 37.53 21.53 -1.56
C LYS D 230 37.31 20.13 -2.12
N TRP D 231 36.41 19.38 -1.50
CA TRP D 231 36.16 17.99 -1.86
C TRP D 231 34.66 17.74 -1.98
N THR D 232 34.28 16.96 -3.00
CA THR D 232 32.91 16.52 -3.18
C THR D 232 32.93 15.03 -3.47
N HIS D 233 31.84 14.35 -3.09
CA HIS D 233 31.82 12.90 -3.19
C HIS D 233 31.70 12.39 -4.62
N GLU D 234 31.46 13.27 -5.60
CA GLU D 234 31.47 12.84 -6.99
C GLU D 234 32.90 12.60 -7.49
N GLN D 235 33.84 13.46 -7.09
CA GLN D 235 35.25 13.19 -7.38
C GLN D 235 35.71 11.90 -6.72
N GLY D 236 35.29 11.67 -5.47
CA GLY D 236 35.58 10.42 -4.81
C GLY D 236 34.97 9.23 -5.53
N SER D 237 33.76 9.40 -6.08
CA SER D 237 33.13 8.33 -6.84
C SER D 237 33.92 8.02 -8.11
N VAL D 238 34.42 9.05 -8.79
CA VAL D 238 35.22 8.83 -9.99
C VAL D 238 36.51 8.10 -9.64
N MET D 239 37.18 8.53 -8.56
CA MET D 239 38.39 7.86 -8.12
C MET D 239 38.13 6.41 -7.74
N MET D 240 37.04 6.16 -7.02
CA MET D 240 36.70 4.80 -6.62
C MET D 240 36.38 3.93 -7.83
N PHE D 241 35.68 4.48 -8.82
CA PHE D 241 35.40 3.73 -10.03
C PHE D 241 36.67 3.35 -10.75
N GLU D 242 37.61 4.29 -10.88
CA GLU D 242 38.89 3.98 -11.52
C GLU D 242 39.65 2.92 -10.74
N HIS D 243 39.68 3.05 -9.41
CA HIS D 243 40.37 2.06 -8.57
C HIS D 243 39.75 0.68 -8.72
N LEU D 244 38.42 0.61 -8.73
CA LEU D 244 37.73 -0.68 -8.91
C LEU D 244 38.08 -1.29 -10.25
N ILE D 245 38.00 -0.50 -11.32
CA ILE D 245 38.27 -1.02 -12.67
C ILE D 245 39.70 -1.52 -12.77
N ASN D 246 40.66 -0.76 -12.22
CA ASN D 246 42.06 -1.16 -12.34
C ASN D 246 42.38 -2.37 -11.46
N SER D 247 41.86 -2.41 -10.24
CA SER D 247 42.22 -3.45 -9.29
C SER D 247 41.53 -4.78 -9.59
N ASN D 248 40.31 -4.76 -10.12
CA ASN D 248 39.55 -5.98 -10.31
C ASN D 248 39.70 -6.57 -11.71
N GLY D 249 40.45 -5.94 -12.60
CA GLY D 249 40.69 -6.47 -13.92
C GLY D 249 39.44 -6.60 -14.77
N ILE D 250 38.63 -5.54 -14.79
CA ILE D 250 37.36 -5.58 -15.53
C ILE D 250 37.54 -5.26 -17.01
N LYS D 251 38.66 -4.66 -17.40
CA LYS D 251 38.84 -4.23 -18.80
C LYS D 251 38.73 -5.37 -19.80
N PRO D 252 39.39 -6.53 -19.61
CA PRO D 252 39.17 -7.64 -20.57
C PRO D 252 37.73 -8.11 -20.63
N VAL D 253 37.00 -8.07 -19.51
CA VAL D 253 35.59 -8.45 -19.52
C VAL D 253 34.79 -7.47 -20.38
N MET D 254 35.06 -6.18 -20.22
CA MET D 254 34.38 -5.16 -21.02
C MET D 254 34.69 -5.35 -22.50
N GLU D 255 35.94 -5.63 -22.83
CA GLU D 255 36.30 -5.89 -24.22
C GLU D 255 35.56 -7.12 -24.76
N GLN D 256 35.47 -8.18 -23.95
CA GLN D 256 34.79 -9.40 -24.38
C GLN D 256 33.31 -9.15 -24.64
N TYR D 257 32.65 -8.41 -23.76
CA TYR D 257 31.20 -8.25 -23.88
C TYR D 257 30.80 -7.30 -25.01
N GLY D 258 31.64 -6.31 -25.31
CA GLY D 258 31.35 -5.44 -26.44
C GLY D 258 31.70 -3.98 -26.25
N LEU D 259 32.06 -3.60 -25.03
CA LEU D 259 32.43 -2.22 -24.76
C LEU D 259 33.89 -1.96 -25.13
N ILE D 260 34.17 -0.74 -25.54
CA ILE D 260 35.54 -0.29 -25.84
C ILE D 260 36.01 0.54 -24.66
N PRO D 261 36.94 0.06 -23.84
CA PRO D 261 37.24 0.75 -22.57
C PRO D 261 37.70 2.19 -22.73
N GLU D 262 38.47 2.49 -23.77
CA GLU D 262 39.10 3.80 -23.88
C GLU D 262 38.05 4.92 -23.94
N GLU D 263 36.99 4.72 -24.72
CA GLU D 263 35.96 5.74 -24.84
C GLU D 263 34.90 5.59 -23.76
N ASP D 264 34.53 4.35 -23.43
CA ASP D 264 33.42 4.13 -22.51
C ASP D 264 33.77 4.53 -21.08
N ILE D 265 35.03 4.34 -20.67
CA ILE D 265 35.43 4.77 -19.32
C ILE D 265 35.32 6.28 -19.20
N CYS D 266 35.79 7.01 -20.21
CA CYS D 266 35.66 8.47 -20.20
C CYS D 266 34.20 8.88 -20.24
N PHE D 267 33.38 8.17 -21.02
CA PHE D 267 31.95 8.48 -21.07
C PHE D 267 31.29 8.31 -19.70
N ILE D 268 31.61 7.22 -19.00
CA ILE D 268 31.03 6.99 -17.68
C ILE D 268 31.50 8.06 -16.70
N LYS D 269 32.80 8.40 -16.75
CA LYS D 269 33.32 9.43 -15.86
C LYS D 269 32.65 10.78 -16.12
N GLU D 270 32.43 11.13 -17.39
CA GLU D 270 31.74 12.37 -17.71
C GLU D 270 30.29 12.33 -17.25
N GLN D 271 29.64 11.18 -17.38
CA GLN D 271 28.26 11.06 -16.89
C GLN D 271 28.20 11.24 -15.39
N ILE D 272 29.23 10.79 -14.66
CA ILE D 272 29.17 10.83 -13.20
C ILE D 272 29.41 12.25 -12.69
N VAL D 273 30.56 12.82 -13.01
CA VAL D 273 30.98 14.10 -12.41
C VAL D 273 30.67 15.29 -13.31
N GLY D 274 30.88 15.16 -14.61
CA GLY D 274 30.61 16.25 -15.53
C GLY D 274 31.60 16.34 -16.67
N PRO D 275 31.63 17.49 -17.34
CA PRO D 275 32.50 17.63 -18.52
C PRO D 275 33.98 17.51 -18.19
N LEU D 276 34.40 17.90 -17.00
CA LEU D 276 35.80 17.87 -16.59
C LEU D 276 36.70 18.63 -17.56
N TRP D 285 32.36 21.92 -27.98
CA TRP D 285 31.46 21.18 -27.11
C TRP D 285 32.27 20.49 -26.01
N PRO D 286 31.91 20.76 -24.75
CA PRO D 286 32.77 20.32 -23.64
C PRO D 286 32.96 18.81 -23.54
N TYR D 287 31.95 18.03 -23.90
CA TYR D 287 32.02 16.58 -23.70
C TYR D 287 32.86 15.92 -24.79
N LYS D 288 33.38 14.74 -24.47
CA LYS D 288 34.24 13.99 -25.38
C LYS D 288 33.88 12.52 -25.51
N GLY D 289 33.11 11.94 -24.58
CA GLY D 289 32.79 10.53 -24.66
C GLY D 289 31.89 10.19 -25.84
N ARG D 290 30.91 11.04 -26.11
CA ARG D 290 29.93 10.85 -27.17
C ARG D 290 29.83 12.10 -28.01
N PRO D 291 29.39 11.97 -29.27
CA PRO D 291 29.23 13.17 -30.12
C PRO D 291 28.04 14.03 -29.71
N GLU D 292 27.82 15.11 -30.45
CA GLU D 292 26.75 16.06 -30.09
C GLU D 292 25.36 15.54 -30.42
N ASN D 293 25.23 14.57 -31.33
CA ASN D 293 23.92 14.04 -31.68
C ASN D 293 23.44 12.97 -30.71
N LYS D 294 24.24 12.62 -29.71
CA LYS D 294 23.85 11.72 -28.63
C LYS D 294 23.85 12.46 -27.29
N SER D 295 23.52 13.76 -27.32
CA SER D 295 23.63 14.61 -26.14
C SER D 295 22.55 14.34 -25.10
N PHE D 296 21.48 13.62 -25.46
CA PHE D 296 20.41 13.35 -24.51
C PHE D 296 20.78 12.31 -23.47
N LEU D 297 21.88 11.58 -23.67
CA LEU D 297 22.32 10.58 -22.70
C LEU D 297 23.11 11.18 -21.55
N TYR D 298 23.44 12.46 -21.60
CA TYR D 298 24.25 13.10 -20.58
C TYR D 298 23.43 13.68 -19.43
N GLU D 299 22.11 13.71 -19.55
CA GLU D 299 21.24 14.28 -18.51
C GLU D 299 20.33 13.23 -17.87
N ILE D 300 20.62 11.95 -18.05
CA ILE D 300 19.73 10.91 -17.54
C ILE D 300 20.04 10.59 -16.08
N VAL D 301 21.25 10.12 -15.81
CA VAL D 301 21.62 9.80 -14.43
C VAL D 301 21.77 11.07 -13.60
N SER D 302 22.47 12.07 -14.14
CA SER D 302 22.66 13.35 -13.46
C SER D 302 22.46 14.46 -14.47
N ASN D 303 21.45 15.30 -14.24
CA ASN D 303 21.10 16.38 -15.16
C ASN D 303 21.57 17.70 -14.55
N LYS D 304 22.37 18.45 -15.31
CA LYS D 304 22.91 19.72 -14.84
C LYS D 304 22.06 20.91 -15.26
N ARG D 305 21.40 20.83 -16.42
CA ARG D 305 20.55 21.92 -16.88
C ARG D 305 19.37 22.13 -15.94
N ASN D 306 18.72 21.05 -15.52
CA ASN D 306 17.65 21.10 -14.54
C ASN D 306 17.78 19.90 -13.61
N GLY D 307 17.17 20.00 -12.44
CA GLY D 307 17.29 18.95 -11.44
C GLY D 307 16.34 17.78 -11.64
N ILE D 308 16.21 17.30 -12.87
CA ILE D 308 15.32 16.20 -13.20
C ILE D 308 16.17 15.01 -13.61
N ASP D 309 16.19 13.97 -12.78
CA ASP D 309 16.96 12.76 -13.06
C ASP D 309 16.36 11.61 -12.27
N VAL D 310 16.85 10.40 -12.55
CA VAL D 310 16.33 9.22 -11.90
C VAL D 310 16.81 9.07 -10.47
N ASP D 311 17.87 9.79 -10.08
CA ASP D 311 18.33 9.76 -8.69
C ASP D 311 17.22 10.20 -7.75
N LYS D 312 16.57 11.32 -8.07
CA LYS D 312 15.45 11.80 -7.27
C LYS D 312 14.28 10.83 -7.33
N TRP D 313 13.99 10.30 -8.52
CA TRP D 313 12.90 9.34 -8.66
C TRP D 313 13.12 8.12 -7.78
N ASP D 314 14.38 7.77 -7.51
CA ASP D 314 14.64 6.62 -6.66
C ASP D 314 14.58 6.98 -5.19
N TYR D 315 15.30 8.02 -4.76
CA TYR D 315 15.35 8.22 -3.31
C TYR D 315 14.06 8.82 -2.77
N PHE D 316 13.26 9.50 -3.60
CA PHE D 316 11.92 9.90 -3.18
C PHE D 316 11.14 8.68 -2.69
N ALA D 317 10.99 7.69 -3.57
CA ALA D 317 10.23 6.50 -3.24
C ALA D 317 10.85 5.73 -2.08
N ARG D 318 12.17 5.58 -2.07
CA ARG D 318 12.81 4.79 -1.01
C ARG D 318 12.65 5.45 0.35
N ASP D 319 12.92 6.75 0.44
CA ASP D 319 12.80 7.46 1.71
C ASP D 319 11.35 7.52 2.16
N CYS D 320 10.41 7.65 1.22
CA CYS D 320 9.00 7.62 1.61
C CYS D 320 8.61 6.25 2.16
N HIS D 321 9.06 5.18 1.52
CA HIS D 321 8.71 3.85 1.97
C HIS D 321 9.32 3.52 3.33
N HIS D 322 10.52 4.04 3.60
CA HIS D 322 11.19 3.69 4.86
C HIS D 322 10.91 4.66 6.00
N LEU D 323 10.48 5.88 5.71
CA LEU D 323 10.24 6.87 6.75
C LEU D 323 8.82 6.85 7.28
N GLY D 324 7.88 6.18 6.62
CA GLY D 324 6.50 6.21 7.01
C GLY D 324 5.70 7.35 6.42
N ILE D 325 6.20 7.99 5.37
CA ILE D 325 5.53 9.10 4.71
C ILE D 325 5.17 8.64 3.29
N GLN D 326 4.06 9.16 2.79
CA GLN D 326 3.52 8.76 1.49
C GLN D 326 3.95 9.73 0.41
N ASN D 327 4.45 9.17 -0.69
CA ASN D 327 4.96 9.96 -1.81
C ASN D 327 3.82 10.57 -2.61
N ASN D 328 4.14 11.59 -3.41
CA ASN D 328 3.19 12.25 -4.30
C ASN D 328 3.53 12.11 -5.77
N PHE D 329 4.81 12.10 -6.13
CA PHE D 329 5.20 12.06 -7.52
C PHE D 329 4.96 10.68 -8.12
N ASP D 330 4.81 10.65 -9.45
CA ASP D 330 4.59 9.42 -10.20
C ASP D 330 5.50 9.45 -11.42
N TYR D 331 6.63 8.74 -11.36
CA TYR D 331 7.62 8.78 -12.43
C TYR D 331 7.21 7.96 -13.65
N LYS D 332 6.30 6.99 -13.51
CA LYS D 332 5.90 6.19 -14.65
C LYS D 332 5.10 7.02 -15.65
N ARG D 333 4.21 7.89 -15.15
CA ARG D 333 3.48 8.78 -16.05
C ARG D 333 4.42 9.73 -16.77
N PHE D 334 5.44 10.23 -16.06
CA PHE D 334 6.44 11.09 -16.70
C PHE D 334 7.20 10.33 -17.78
N ILE D 335 7.57 9.09 -17.52
CA ILE D 335 8.26 8.29 -18.53
C ILE D 335 7.36 8.02 -19.73
N LYS D 336 6.05 7.91 -19.51
CA LYS D 336 5.13 7.70 -20.62
C LYS D 336 5.16 8.86 -21.61
N PHE D 337 5.22 10.09 -21.11
CA PHE D 337 5.14 11.30 -21.93
C PHE D 337 6.49 11.96 -22.13
N ALA D 338 7.54 11.17 -22.32
CA ALA D 338 8.88 11.68 -22.57
C ALA D 338 9.22 11.53 -24.04
N ARG D 339 9.94 12.53 -24.58
CA ARG D 339 10.29 12.53 -25.98
C ARG D 339 11.60 13.29 -26.16
N VAL D 340 12.26 13.05 -27.28
CA VAL D 340 13.55 13.65 -27.60
C VAL D 340 13.34 14.74 -28.64
N CYS D 341 13.76 15.96 -28.32
CA CYS D 341 13.53 17.13 -29.14
C CYS D 341 14.80 17.49 -29.91
N GLU D 342 14.78 18.64 -30.58
CA GLU D 342 15.94 19.24 -31.21
C GLU D 342 15.95 20.71 -30.82
N VAL D 343 16.60 21.02 -29.69
CA VAL D 343 16.57 22.35 -29.10
C VAL D 343 17.98 22.93 -29.16
N ASP D 344 18.09 24.14 -29.69
CA ASP D 344 19.37 24.85 -29.80
C ASP D 344 20.41 24.01 -30.54
N ASN D 345 19.96 23.35 -31.61
CA ASN D 345 20.83 22.53 -32.46
C ASN D 345 21.47 21.38 -31.67
N GLU D 346 20.72 20.79 -30.76
CA GLU D 346 21.18 19.61 -30.04
C GLU D 346 19.98 18.87 -29.47
N LEU D 347 20.06 17.54 -29.47
CA LEU D 347 18.97 16.73 -28.97
C LEU D 347 18.87 16.81 -27.44
N ARG D 348 17.64 16.95 -26.96
CA ARG D 348 17.37 17.01 -25.53
C ARG D 348 16.10 16.24 -25.23
N ILE D 349 15.71 16.23 -23.96
CA ILE D 349 14.53 15.50 -23.50
C ILE D 349 13.48 16.50 -23.03
N CYS D 350 12.27 16.38 -23.57
CA CYS D 350 11.17 17.28 -23.26
C CYS D 350 9.99 16.52 -22.68
N ALA D 351 9.36 17.10 -21.67
CA ALA D 351 8.08 16.61 -21.19
C ALA D 351 6.98 17.14 -22.12
N ARG D 352 5.72 16.94 -21.75
CA ARG D 352 4.60 17.41 -22.54
C ARG D 352 3.97 18.62 -21.86
N ASP D 353 3.39 19.51 -22.68
CA ASP D 353 2.94 20.80 -22.20
C ASP D 353 1.88 20.71 -21.11
N LYS D 354 1.18 19.59 -21.00
CA LYS D 354 0.14 19.42 -20.00
C LYS D 354 0.68 18.90 -18.66
N GLU D 355 1.99 18.66 -18.56
CA GLU D 355 2.58 18.04 -17.38
C GLU D 355 3.49 19.01 -16.61
N VAL D 356 3.14 20.29 -16.58
CA VAL D 356 3.95 21.26 -15.86
C VAL D 356 3.61 21.27 -14.37
N GLY D 357 2.31 21.18 -14.05
CA GLY D 357 1.90 21.11 -12.67
C GLY D 357 2.48 19.90 -11.95
N ASN D 358 2.66 18.80 -12.67
CA ASN D 358 3.29 17.63 -12.07
C ASN D 358 4.74 17.93 -11.67
N LEU D 359 5.46 18.68 -12.51
CA LEU D 359 6.83 19.05 -12.17
C LEU D 359 6.87 20.00 -10.97
N TYR D 360 5.93 20.95 -10.93
CA TYR D 360 5.86 21.84 -9.77
C TYR D 360 5.57 21.06 -8.49
N ASP D 361 4.66 20.08 -8.58
CA ASP D 361 4.37 19.24 -7.43
C ASP D 361 5.57 18.37 -7.05
N MET D 362 6.36 17.93 -8.03
CA MET D 362 7.57 17.18 -7.73
C MET D 362 8.56 18.02 -6.92
N PHE D 363 8.76 19.28 -7.34
CA PHE D 363 9.68 20.14 -6.59
C PHE D 363 9.12 20.48 -5.21
N HIS D 364 7.80 20.66 -5.11
CA HIS D 364 7.18 20.87 -3.81
C HIS D 364 7.36 19.65 -2.91
N THR D 365 7.25 18.45 -3.48
CA THR D 365 7.48 17.23 -2.72
C THR D 365 8.92 17.14 -2.23
N ARG D 366 9.87 17.52 -3.08
CA ARG D 366 11.27 17.55 -2.64
C ARG D 366 11.45 18.49 -1.47
N ASN D 367 10.88 19.70 -1.56
CA ASN D 367 11.00 20.66 -0.47
C ASN D 367 10.33 20.15 0.80
N SER D 368 9.17 19.51 0.66
CA SER D 368 8.47 18.97 1.82
C SER D 368 9.25 17.87 2.49
N LEU D 369 9.86 16.96 1.71
CA LEU D 369 10.69 15.91 2.28
C LEU D 369 11.88 16.51 3.02
N HIS D 370 12.54 17.50 2.41
CA HIS D 370 13.67 18.15 3.09
C HIS D 370 13.22 18.75 4.43
N ARG D 371 12.16 19.55 4.40
CA ARG D 371 11.70 20.23 5.62
C ARG D 371 11.30 19.23 6.69
N ARG D 372 10.57 18.18 6.31
CA ARG D 372 10.01 17.27 7.30
C ARG D 372 11.08 16.36 7.90
N ALA D 373 11.99 15.84 7.07
CA ALA D 373 12.94 14.84 7.53
C ALA D 373 14.38 15.34 7.54
N TYR D 374 14.86 15.89 6.42
CA TYR D 374 16.30 16.07 6.24
C TYR D 374 16.88 17.21 7.07
N GLN D 375 16.04 18.10 7.59
CA GLN D 375 16.51 19.24 8.38
C GLN D 375 15.89 19.24 9.78
N HIS D 376 15.60 18.05 10.32
CA HIS D 376 15.08 17.96 11.67
C HIS D 376 16.11 18.49 12.67
N LYS D 377 15.62 19.16 13.72
CA LYS D 377 16.51 19.77 14.70
C LYS D 377 17.35 18.71 15.42
N VAL D 378 16.71 17.64 15.87
CA VAL D 378 17.41 16.63 16.65
C VAL D 378 18.42 15.90 15.77
N GLY D 379 18.05 15.58 14.53
CA GLY D 379 19.00 14.93 13.64
C GLY D 379 20.20 15.80 13.35
N ASN D 380 19.97 17.10 13.15
CA ASN D 380 21.08 18.02 12.90
C ASN D 380 22.00 18.14 14.11
N ILE D 381 21.43 18.23 15.31
CA ILE D 381 22.27 18.34 16.51
C ILE D 381 23.04 17.04 16.75
N ILE D 382 22.42 15.90 16.43
CA ILE D 382 23.12 14.62 16.57
C ILE D 382 24.28 14.54 15.58
N ASP D 383 24.06 14.99 14.35
CA ASP D 383 25.14 15.01 13.37
C ASP D 383 26.26 15.94 13.82
N THR D 384 25.91 17.09 14.41
CA THR D 384 26.92 18.01 14.92
C THR D 384 27.74 17.35 16.03
N MET D 385 27.08 16.65 16.95
CA MET D 385 27.79 15.97 18.03
C MET D 385 28.70 14.87 17.49
N ILE D 386 28.22 14.11 16.49
CA ILE D 386 29.06 13.07 15.91
C ILE D 386 30.26 13.67 15.21
N THR D 387 30.07 14.80 14.52
CA THR D 387 31.19 15.46 13.88
C THR D 387 32.21 15.95 14.91
N ASP D 388 31.73 16.50 16.02
CA ASP D 388 32.64 16.94 17.08
C ASP D 388 33.42 15.76 17.65
N ALA D 389 32.74 14.63 17.87
CA ALA D 389 33.42 13.44 18.38
C ALA D 389 34.45 12.94 17.39
N PHE D 390 34.14 12.97 16.09
CA PHE D 390 35.09 12.53 15.08
C PHE D 390 36.30 13.45 15.04
N LEU D 391 36.09 14.77 15.16
CA LEU D 391 37.19 15.72 15.16
C LEU D 391 38.10 15.50 16.36
N LYS D 392 37.51 15.26 17.54
CA LYS D 392 38.32 14.98 18.72
C LYS D 392 39.07 13.67 18.59
N ALA D 393 38.42 12.64 18.04
CA ALA D 393 39.05 11.33 17.88
C ALA D 393 40.14 11.33 16.82
N ASP D 394 40.17 12.35 15.95
CA ASP D 394 41.21 12.43 14.93
C ASP D 394 42.57 12.64 15.60
N ASP D 395 43.62 12.28 14.87
CA ASP D 395 45.03 12.26 15.28
C ASP D 395 45.35 11.07 16.18
N TYR D 396 44.41 10.15 16.37
CA TYR D 396 44.64 8.96 17.18
C TYR D 396 44.24 7.67 16.50
N ILE D 397 43.56 7.73 15.36
CA ILE D 397 43.16 6.54 14.61
C ILE D 397 44.11 6.36 13.43
N GLU D 398 44.56 5.13 13.24
CA GLU D 398 45.50 4.79 12.17
C GLU D 398 44.81 3.84 11.20
N ILE D 399 44.76 4.21 9.93
CA ILE D 399 44.21 3.39 8.86
C ILE D 399 45.33 3.10 7.88
N THR D 400 45.50 1.82 7.54
CA THR D 400 46.60 1.39 6.69
C THR D 400 46.19 1.43 5.22
N GLY D 401 46.94 2.17 4.43
CA GLY D 401 46.72 2.30 3.01
C GLY D 401 47.65 1.41 2.19
N ALA D 402 48.03 1.91 1.02
CA ALA D 402 48.95 1.18 0.15
C ALA D 402 50.38 1.37 0.61
N GLY D 403 51.16 0.30 0.58
CA GLY D 403 52.55 0.35 0.99
C GLY D 403 52.79 0.39 2.48
N GLY D 404 51.78 0.09 3.30
CA GLY D 404 51.94 0.09 4.73
C GLY D 404 51.87 1.46 5.39
N LYS D 405 51.52 2.50 4.63
CA LYS D 405 51.41 3.83 5.21
C LYS D 405 50.17 3.94 6.07
N LYS D 406 50.24 4.81 7.07
CA LYS D 406 49.13 5.04 8.01
C LYS D 406 48.47 6.37 7.67
N TYR D 407 47.15 6.35 7.57
CA TYR D 407 46.37 7.53 7.21
C TYR D 407 45.38 7.86 8.31
N ARG D 408 45.19 9.15 8.57
CA ARG D 408 44.18 9.62 9.49
C ARG D 408 42.80 9.59 8.81
N ILE D 409 41.76 9.93 9.57
CA ILE D 409 40.42 10.01 8.99
C ILE D 409 40.34 11.09 7.93
N SER D 410 40.94 12.26 8.22
CA SER D 410 40.81 13.40 7.32
C SER D 410 41.68 13.28 6.08
N THR D 411 42.85 12.63 6.19
CA THR D 411 43.77 12.51 5.07
C THR D 411 43.61 11.20 4.31
N ALA D 412 42.63 10.37 4.66
CA ALA D 412 42.40 9.10 3.99
C ALA D 412 41.82 9.26 2.59
N ILE D 413 41.36 10.46 2.23
CA ILE D 413 40.77 10.70 0.91
C ILE D 413 41.87 10.82 -0.14
N ASP D 414 43.12 10.73 0.30
CA ASP D 414 44.26 10.79 -0.60
C ASP D 414 44.71 9.41 -1.09
N ASP D 415 44.02 8.36 -0.68
CA ASP D 415 44.36 7.00 -1.09
C ASP D 415 43.11 6.15 -0.99
N MET D 416 42.72 5.53 -2.11
CA MET D 416 41.47 4.76 -2.13
C MET D 416 41.57 3.46 -1.34
N GLU D 417 42.78 2.92 -1.17
CA GLU D 417 42.92 1.70 -0.38
C GLU D 417 42.64 1.95 1.10
N ALA D 418 43.02 3.12 1.60
CA ALA D 418 42.65 3.50 2.96
C ALA D 418 41.19 3.93 3.05
N TYR D 419 40.65 4.52 1.98
CA TYR D 419 39.27 4.96 1.96
C TYR D 419 38.27 3.80 1.86
N THR D 420 38.71 2.65 1.34
CA THR D 420 37.82 1.51 1.23
C THR D 420 37.42 0.95 2.60
N LYS D 421 38.27 1.15 3.61
CA LYS D 421 38.01 0.64 4.95
C LYS D 421 37.44 1.70 5.89
N LEU D 422 37.02 2.84 5.35
CA LEU D 422 36.49 3.95 6.15
C LEU D 422 34.97 3.94 6.02
N THR D 423 34.30 3.32 6.99
CA THR D 423 32.85 3.17 6.99
C THR D 423 32.32 3.54 8.37
N ASP D 424 31.06 3.20 8.63
CA ASP D 424 30.44 3.50 9.91
C ASP D 424 31.05 2.72 11.07
N ASN D 425 31.89 1.73 10.78
CA ASN D 425 32.58 0.97 11.84
C ASN D 425 33.40 1.86 12.75
N ILE D 426 33.85 3.02 12.26
CA ILE D 426 34.66 3.93 13.08
C ILE D 426 33.87 4.43 14.28
N PHE D 427 32.55 4.59 14.12
CA PHE D 427 31.72 5.04 15.23
C PHE D 427 31.76 4.06 16.39
N LEU D 428 31.55 2.78 16.11
CA LEU D 428 31.57 1.78 17.16
C LEU D 428 32.99 1.49 17.64
N GLU D 429 33.98 1.72 16.79
CA GLU D 429 35.37 1.60 17.23
C GLU D 429 35.70 2.66 18.26
N ILE D 430 35.22 3.89 18.05
CA ILE D 430 35.43 4.95 19.03
C ILE D 430 34.60 4.70 20.28
N LEU D 431 33.36 4.24 20.12
CA LEU D 431 32.50 4.03 21.28
C LEU D 431 33.02 2.94 22.18
N TYR D 432 33.50 1.84 21.61
CA TYR D 432 33.98 0.69 22.39
C TYR D 432 35.48 0.74 22.67
N SER D 433 36.10 1.91 22.58
CA SER D 433 37.55 2.00 22.75
C SER D 433 37.91 1.78 24.23
N THR D 434 39.21 1.58 24.45
CA THR D 434 39.73 1.32 25.79
C THR D 434 40.92 2.23 26.10
N ASP D 435 41.57 2.74 25.07
CA ASP D 435 42.75 3.57 25.26
C ASP D 435 42.35 4.91 25.89
N PRO D 436 43.20 5.46 26.76
CA PRO D 436 42.87 6.76 27.37
C PRO D 436 42.94 7.93 26.40
N LYS D 437 43.55 7.75 25.23
CA LYS D 437 43.64 8.84 24.26
C LYS D 437 42.27 9.24 23.74
N LEU D 438 41.40 8.24 23.49
CA LEU D 438 40.08 8.48 22.92
C LEU D 438 39.01 8.69 23.98
N LYS D 439 39.40 9.20 25.16
CA LYS D 439 38.43 9.35 26.24
C LYS D 439 37.38 10.42 25.93
N ASP D 440 37.78 11.52 25.29
CA ASP D 440 36.85 12.62 25.04
C ASP D 440 35.77 12.21 24.05
N ALA D 441 36.17 11.62 22.92
CA ALA D 441 35.19 11.17 21.93
C ALA D 441 34.29 10.09 22.51
N ARG D 442 34.85 9.19 23.31
CA ARG D 442 34.05 8.17 23.97
C ARG D 442 33.02 8.80 24.90
N GLU D 443 33.42 9.82 25.66
CA GLU D 443 32.48 10.49 26.55
C GLU D 443 31.38 11.19 25.77
N ILE D 444 31.72 11.81 24.62
CA ILE D 444 30.71 12.45 23.81
C ILE D 444 29.71 11.43 23.27
N LEU D 445 30.22 10.29 22.79
CA LEU D 445 29.32 9.26 22.29
C LEU D 445 28.44 8.70 23.41
N LYS D 446 28.99 8.53 24.61
CA LYS D 446 28.21 8.08 25.74
C LYS D 446 27.11 9.08 26.07
N GLN D 447 27.45 10.37 26.05
CA GLN D 447 26.45 11.41 26.27
C GLN D 447 25.33 11.33 25.25
N ILE D 448 25.69 11.03 23.99
CA ILE D 448 24.68 10.82 22.97
C ILE D 448 23.80 9.62 23.32
N GLU D 449 24.41 8.53 23.78
CA GLU D 449 23.68 7.28 23.93
C GLU D 449 22.69 7.34 25.09
N TYR D 450 22.96 8.18 26.08
CA TYR D 450 22.02 8.40 27.18
C TYR D 450 20.97 9.44 26.83
N ARG D 451 20.99 9.99 25.62
CA ARG D 451 20.04 11.01 25.16
C ARG D 451 20.13 12.28 26.02
N ASN D 452 21.35 12.79 26.16
CA ASN D 452 21.59 14.11 26.74
C ASN D 452 22.19 14.97 25.63
N LEU D 453 21.32 15.55 24.82
CA LEU D 453 21.74 16.28 23.63
C LEU D 453 21.90 17.76 23.95
N PHE D 454 22.56 18.47 23.03
CA PHE D 454 22.65 19.92 23.13
C PHE D 454 21.26 20.53 23.04
N LYS D 455 21.00 21.51 23.89
CA LYS D 455 19.66 22.07 24.00
C LYS D 455 19.37 22.99 22.80
N TYR D 456 18.22 23.65 22.84
CA TYR D 456 17.74 24.43 21.71
C TYR D 456 17.28 25.80 22.21
N VAL D 457 17.41 26.81 21.34
CA VAL D 457 17.13 28.18 21.75
C VAL D 457 16.01 28.79 20.91
N GLY D 458 16.23 28.92 19.61
CA GLY D 458 15.20 29.52 18.77
C GLY D 458 15.65 29.64 17.33
N GLU D 459 14.68 29.98 16.47
CA GLU D 459 14.88 30.17 15.05
C GLU D 459 15.07 31.65 14.72
N THR D 460 15.31 31.93 13.44
CA THR D 460 15.20 33.27 12.88
C THR D 460 14.20 33.23 11.74
N GLN D 461 13.48 34.33 11.55
CA GLN D 461 12.45 34.37 10.53
C GLN D 461 13.08 34.20 9.15
N PRO D 462 12.59 33.26 8.34
CA PRO D 462 13.16 33.10 6.99
C PRO D 462 12.82 34.30 6.12
N THR D 463 13.85 34.93 5.56
CA THR D 463 13.69 36.13 4.76
C THR D 463 14.92 36.30 3.89
N GLY D 464 14.70 36.65 2.62
CA GLY D 464 15.79 36.87 1.70
C GLY D 464 16.42 38.25 1.85
N GLN D 465 16.86 38.82 0.73
CA GLN D 465 17.51 40.12 0.65
C GLN D 465 18.83 40.18 1.40
N ILE D 466 19.28 39.07 1.99
CA ILE D 466 20.54 39.00 2.70
C ILE D 466 20.90 37.53 2.87
N LYS D 467 22.20 37.22 2.88
CA LYS D 467 22.65 35.83 2.99
C LYS D 467 23.92 35.77 3.80
N ILE D 468 24.17 34.61 4.40
CA ILE D 468 25.37 34.35 5.18
C ILE D 468 26.24 33.40 4.36
N LYS D 469 27.41 33.87 3.96
CA LYS D 469 28.31 33.05 3.17
C LYS D 469 28.96 31.97 4.04
N ARG D 470 29.51 30.96 3.37
CA ARG D 470 30.17 29.87 4.08
C ARG D 470 31.41 30.33 4.85
N GLU D 471 31.98 31.48 4.48
CA GLU D 471 33.14 31.99 5.19
C GLU D 471 32.79 32.48 6.59
N ASP D 472 31.55 32.93 6.79
CA ASP D 472 31.12 33.48 8.07
C ASP D 472 30.55 32.44 9.02
N TYR D 473 30.61 31.16 8.63
CA TYR D 473 30.03 30.11 9.47
C TYR D 473 30.73 30.02 10.82
N GLU D 474 32.05 30.26 10.84
CA GLU D 474 32.85 30.11 12.06
C GLU D 474 32.87 31.36 12.92
N SER D 475 32.19 32.43 12.52
CA SER D 475 32.20 33.68 13.27
C SER D 475 30.88 34.00 13.95
N LEU D 476 29.79 33.33 13.58
CA LEU D 476 28.48 33.65 14.15
C LEU D 476 28.40 33.40 15.65
N PRO D 477 28.87 32.26 16.20
CA PRO D 477 28.78 32.09 17.66
C PRO D 477 29.50 33.17 18.45
N LYS D 478 30.61 33.69 17.93
CA LYS D 478 31.27 34.80 18.60
C LYS D 478 30.38 36.04 18.64
N GLU D 479 29.67 36.31 17.55
CA GLU D 479 28.74 37.44 17.52
C GLU D 479 27.59 37.22 18.51
N VAL D 480 27.06 36.01 18.59
CA VAL D 480 25.96 35.73 19.51
C VAL D 480 26.42 35.90 20.95
N ALA D 481 27.61 35.37 21.27
CA ALA D 481 28.13 35.50 22.63
C ALA D 481 28.54 36.93 22.96
N SER D 482 28.69 37.79 21.96
CA SER D 482 29.10 39.18 22.17
C SER D 482 27.93 40.12 22.36
N ALA D 483 26.71 39.61 22.40
CA ALA D 483 25.56 40.47 22.61
C ALA D 483 25.55 41.01 24.04
N LYS D 484 24.80 42.09 24.24
CA LYS D 484 24.76 42.81 25.52
C LYS D 484 23.32 42.99 25.96
N PRO D 485 22.75 41.98 26.62
CA PRO D 485 21.39 42.13 27.17
C PRO D 485 21.33 43.28 28.17
N LYS D 486 20.21 44.00 28.15
CA LYS D 486 20.05 45.16 29.03
C LYS D 486 20.07 44.74 30.50
N VAL D 487 19.38 43.66 30.83
CA VAL D 487 19.30 43.16 32.21
C VAL D 487 20.41 42.13 32.41
N LEU D 488 21.17 42.28 33.49
CA LEU D 488 22.24 41.34 33.78
C LEU D 488 21.69 39.95 34.02
N LEU D 489 22.37 38.95 33.46
CA LEU D 489 21.94 37.56 33.58
C LEU D 489 22.62 36.91 34.78
N ASP D 490 22.18 35.68 35.10
CA ASP D 490 22.73 34.99 36.25
C ASP D 490 24.15 34.47 35.97
N VAL D 491 24.36 33.90 34.79
CA VAL D 491 25.65 33.29 34.44
C VAL D 491 26.12 33.90 33.12
N LYS D 492 27.42 34.19 33.06
CA LYS D 492 28.04 34.69 31.84
C LYS D 492 28.40 33.52 30.93
N LEU D 493 28.06 33.63 29.65
CA LEU D 493 28.25 32.56 28.67
C LEU D 493 29.36 32.94 27.71
N LYS D 494 30.29 32.01 27.50
CA LYS D 494 31.40 32.22 26.58
C LYS D 494 31.02 31.82 25.16
N ALA D 495 31.94 32.05 24.22
CA ALA D 495 31.67 31.76 22.82
C ALA D 495 31.64 30.27 22.53
N GLU D 496 32.16 29.44 23.43
CA GLU D 496 32.17 27.99 23.24
C GLU D 496 30.92 27.31 23.77
N ASP D 497 29.96 28.06 24.29
CA ASP D 497 28.72 27.52 24.83
C ASP D 497 27.56 27.61 23.85
N PHE D 498 27.82 27.98 22.60
CA PHE D 498 26.78 28.19 21.62
C PHE D 498 27.09 27.41 20.34
N ILE D 499 26.03 26.99 19.66
CA ILE D 499 26.13 26.34 18.35
C ILE D 499 25.19 27.08 17.41
N VAL D 500 25.71 27.46 16.23
CA VAL D 500 24.95 28.20 15.24
C VAL D 500 24.91 27.39 13.96
N ASP D 501 23.71 27.19 13.41
CA ASP D 501 23.49 26.39 12.21
C ASP D 501 22.79 27.23 11.16
N VAL D 502 23.22 27.07 9.91
CA VAL D 502 22.65 27.80 8.77
C VAL D 502 22.05 26.79 7.82
N ILE D 503 20.77 26.96 7.50
CA ILE D 503 20.02 26.05 6.64
C ILE D 503 19.67 26.80 5.36
N ASN D 504 20.02 26.22 4.21
CA ASN D 504 19.71 26.79 2.91
C ASN D 504 18.68 25.89 2.24
N MET D 505 17.45 26.38 2.12
CA MET D 505 16.36 25.65 1.48
C MET D 505 15.95 26.37 0.20
N ASP D 506 16.03 25.67 -0.92
CA ASP D 506 15.68 26.24 -2.21
C ASP D 506 15.14 25.12 -3.10
N TYR D 507 15.03 25.39 -4.39
CA TYR D 507 14.54 24.43 -5.36
C TYR D 507 15.67 23.73 -6.11
N GLY D 508 16.92 23.96 -5.72
CA GLY D 508 18.05 23.31 -6.33
C GLY D 508 18.81 24.12 -7.37
N MET D 509 18.49 25.40 -7.54
CA MET D 509 19.22 26.23 -8.50
C MET D 509 19.57 27.62 -7.98
N GLN D 510 19.53 27.83 -6.66
CA GLN D 510 20.02 29.07 -6.03
C GLN D 510 19.29 30.30 -6.58
N GLU D 511 17.99 30.35 -6.27
CA GLU D 511 17.03 31.39 -6.59
C GLU D 511 16.56 31.34 -8.03
N LYS D 512 17.10 30.46 -8.87
CA LYS D 512 16.61 30.32 -10.22
C LYS D 512 15.35 29.44 -10.25
N ASN D 513 14.65 29.48 -11.37
CA ASN D 513 13.46 28.67 -11.54
C ASN D 513 13.80 27.47 -12.41
N PRO D 514 13.82 26.26 -11.87
CA PRO D 514 14.19 25.09 -12.69
C PRO D 514 13.25 24.84 -13.86
N ILE D 515 11.96 25.17 -13.72
CA ILE D 515 11.01 24.96 -14.82
C ILE D 515 11.28 25.87 -16.00
N ASP D 516 11.97 26.98 -15.79
CA ASP D 516 12.33 27.86 -16.90
C ASP D 516 13.37 27.24 -17.83
N HIS D 517 14.00 26.14 -17.44
CA HIS D 517 14.99 25.46 -18.25
C HIS D 517 14.47 24.17 -18.87
N VAL D 518 13.19 23.84 -18.67
CA VAL D 518 12.59 22.62 -19.18
C VAL D 518 11.86 22.95 -20.47
N SER D 519 12.02 22.07 -21.47
CA SER D 519 11.37 22.23 -22.77
C SER D 519 10.16 21.31 -22.85
N PHE D 520 9.15 21.74 -23.61
CA PHE D 520 7.90 21.01 -23.77
C PHE D 520 7.55 20.90 -25.24
N TYR D 521 6.59 20.03 -25.54
CA TYR D 521 6.12 19.86 -26.91
C TYR D 521 4.62 19.63 -26.89
N CYS D 522 3.99 19.89 -28.04
CA CYS D 522 2.54 19.87 -28.16
C CYS D 522 2.08 18.62 -28.90
N LYS D 523 0.82 18.24 -28.63
CA LYS D 523 0.25 17.04 -29.23
C LYS D 523 0.14 17.17 -30.74
N THR D 524 -0.23 18.36 -31.23
CA THR D 524 -0.43 18.55 -32.67
C THR D 524 0.89 18.42 -33.43
N ALA D 525 1.94 19.11 -32.96
CA ALA D 525 3.27 19.04 -33.56
C ALA D 525 4.23 18.50 -32.50
N PRO D 526 4.49 17.19 -32.50
CA PRO D 526 5.31 16.62 -31.42
C PRO D 526 6.78 16.95 -31.52
N ASN D 527 7.28 17.34 -32.69
CA ASN D 527 8.71 17.56 -32.89
C ASN D 527 9.15 19.00 -32.64
N ARG D 528 8.24 19.87 -32.24
CA ARG D 528 8.57 21.27 -31.99
C ARG D 528 8.61 21.53 -30.49
N ALA D 529 9.70 22.12 -30.02
CA ALA D 529 9.90 22.40 -28.61
C ALA D 529 9.57 23.85 -28.30
N ILE D 530 8.81 24.07 -27.22
CA ILE D 530 8.36 25.39 -26.81
C ILE D 530 8.79 25.61 -25.36
N ARG D 531 8.47 26.79 -24.84
CA ARG D 531 8.75 27.16 -23.47
C ARG D 531 7.50 27.74 -22.83
N ILE D 532 7.36 27.53 -21.52
CA ILE D 532 6.19 27.95 -20.78
C ILE D 532 6.62 28.82 -19.61
N THR D 533 5.97 29.97 -19.46
CA THR D 533 6.26 30.95 -18.42
C THR D 533 5.40 30.67 -17.19
N LYS D 534 5.89 31.11 -16.03
CA LYS D 534 5.16 30.91 -14.78
C LYS D 534 3.79 31.56 -14.78
N ASN D 535 3.57 32.60 -15.58
CA ASN D 535 2.27 33.25 -15.65
C ASN D 535 1.25 32.40 -16.39
N GLN D 536 1.70 31.57 -17.34
CA GLN D 536 0.81 30.72 -18.10
C GLN D 536 0.31 29.52 -17.32
N VAL D 537 0.85 29.24 -16.14
CA VAL D 537 0.52 28.03 -15.41
C VAL D 537 -0.58 28.30 -14.40
N SER D 538 -0.31 29.17 -13.43
CA SER D 538 -1.26 29.45 -12.36
C SER D 538 -0.78 30.65 -11.58
N GLN D 539 -1.69 31.23 -10.80
CA GLN D 539 -1.38 32.34 -9.91
C GLN D 539 -1.16 31.91 -8.47
N LEU D 540 -1.18 30.61 -8.20
CA LEU D 540 -1.02 30.07 -6.85
C LEU D 540 0.33 29.36 -6.70
N LEU D 541 1.36 29.91 -7.30
CA LEU D 541 2.70 29.36 -7.24
C LEU D 541 3.62 30.26 -6.41
N PRO D 542 4.69 29.71 -5.83
CA PRO D 542 5.60 30.56 -5.04
C PRO D 542 6.24 31.65 -5.88
N GLU D 543 6.45 32.80 -5.26
CA GLU D 543 7.08 33.93 -5.93
C GLU D 543 8.61 33.89 -5.84
N LYS D 544 9.15 33.28 -4.79
CA LYS D 544 10.58 33.13 -4.61
C LYS D 544 10.95 31.65 -4.66
N PHE D 545 12.25 31.37 -4.81
CA PHE D 545 12.69 29.99 -4.91
C PHE D 545 13.89 29.69 -4.01
N ALA D 546 14.11 30.50 -2.98
CA ALA D 546 15.21 30.27 -2.05
C ALA D 546 14.94 31.03 -0.76
N GLU D 547 15.47 30.50 0.34
CA GLU D 547 15.32 31.11 1.66
C GLU D 547 16.44 30.61 2.55
N GLN D 548 16.57 31.25 3.72
CA GLN D 548 17.62 30.88 4.66
C GLN D 548 17.09 30.98 6.08
N LEU D 549 17.62 30.12 6.95
CA LEU D 549 17.29 30.13 8.38
C LEU D 549 18.57 30.01 9.19
N ILE D 550 18.49 30.41 10.45
CA ILE D 550 19.59 30.30 11.39
C ILE D 550 19.07 29.67 12.67
N ARG D 551 19.74 28.62 13.14
CA ARG D 551 19.36 27.90 14.35
C ARG D 551 20.45 28.07 15.41
N VAL D 552 20.04 28.37 16.63
CA VAL D 552 20.95 28.58 17.74
C VAL D 552 20.73 27.48 18.78
N TYR D 553 21.81 26.81 19.17
CA TYR D 553 21.78 25.77 20.18
C TYR D 553 22.68 26.14 21.34
N CYS D 554 22.61 25.34 22.40
CA CYS D 554 23.40 25.57 23.61
C CYS D 554 24.08 24.27 24.02
N LYS D 555 25.25 24.43 24.67
CA LYS D 555 26.05 23.30 25.12
C LYS D 555 25.85 22.99 26.60
N LYS D 556 24.85 23.60 27.23
CA LYS D 556 24.55 23.36 28.64
C LYS D 556 23.08 22.96 28.78
N VAL D 557 22.77 22.29 29.89
CA VAL D 557 21.46 21.68 30.08
C VAL D 557 20.67 22.31 31.22
N ASP D 558 21.32 22.85 32.24
CA ASP D 558 20.60 23.39 33.39
C ASP D 558 19.77 24.61 32.99
N ARG D 559 18.76 24.90 33.83
CA ARG D 559 17.75 25.90 33.48
C ARG D 559 18.35 27.31 33.38
N LYS D 560 19.26 27.66 34.29
CA LYS D 560 19.81 29.00 34.29
C LYS D 560 20.58 29.29 33.00
N SER D 561 21.39 28.33 32.54
CA SER D 561 22.12 28.53 31.29
C SER D 561 21.16 28.62 30.11
N LEU D 562 20.09 27.82 30.11
CA LEU D 562 19.11 27.91 29.04
C LEU D 562 18.46 29.29 28.99
N TYR D 563 18.07 29.81 30.16
CA TYR D 563 17.45 31.13 30.22
C TYR D 563 18.42 32.20 29.73
N ALA D 564 19.67 32.14 30.18
CA ALA D 564 20.65 33.12 29.75
C ALA D 564 20.90 33.04 28.26
N ALA D 565 21.00 31.83 27.71
CA ALA D 565 21.20 31.66 26.28
C ALA D 565 20.04 32.23 25.48
N ARG D 566 18.81 31.99 25.95
CA ARG D 566 17.65 32.55 25.28
C ARG D 566 17.66 34.07 25.31
N GLN D 567 18.04 34.65 26.45
CA GLN D 567 18.11 36.12 26.54
C GLN D 567 19.16 36.68 25.58
N TYR D 568 20.35 36.07 25.54
CA TYR D 568 21.38 36.53 24.62
C TYR D 568 20.93 36.40 23.17
N PHE D 569 20.29 35.28 22.83
CA PHE D 569 19.83 35.09 21.46
C PHE D 569 18.76 36.09 21.07
N VAL D 570 17.83 36.39 21.99
CA VAL D 570 16.79 37.38 21.70
C VAL D 570 17.40 38.75 21.50
N GLN D 571 18.37 39.12 22.35
CA GLN D 571 19.04 40.40 22.19
C GLN D 571 19.78 40.48 20.86
N TRP D 572 20.47 39.41 20.48
CA TRP D 572 21.19 39.41 19.21
C TRP D 572 20.22 39.48 18.03
N CYS D 573 19.11 38.76 18.10
CA CYS D 573 18.12 38.81 17.03
C CYS D 573 17.52 40.19 16.88
N ALA D 574 17.25 40.87 18.01
CA ALA D 574 16.74 42.24 17.95
C ALA D 574 17.83 43.26 17.65
N ASP D 575 19.10 42.87 17.71
CA ASP D 575 20.18 43.84 17.52
C ASP D 575 20.33 44.23 16.05
N ARG D 576 20.16 43.27 15.14
CA ARG D 576 20.43 43.51 13.73
C ARG D 576 19.19 43.86 12.91
N ASN D 577 18.05 44.08 13.57
CA ASN D 577 16.88 44.74 12.99
C ASN D 577 16.34 43.99 11.77
N PHE D 578 15.80 42.81 12.04
CA PHE D 578 14.99 42.10 11.05
C PHE D 578 13.79 42.95 10.63
#